data_9K7C
#
_entry.id   9K7C
#
_cell.length_a   40.820
_cell.length_b   61.373
_cell.length_c   195.564
_cell.angle_alpha   83.98
_cell.angle_beta   89.08
_cell.angle_gamma   89.18
#
_symmetry.space_group_name_H-M   'P 1'
#
loop_
_entity.id
_entity.type
_entity.pdbx_description
1 polymer 'Glycoside hydrolase family 57 N-terminal domain-containing protein'
2 branched alpha-D-glucopyranose-(1-4)-alpha-D-glucopyranose-(1-4)-alpha-D-glucopyranose
3 branched alpha-D-glucopyranose-(1-4)-alpha-D-glucopyranose-(1-4)-alpha-D-glucopyranose-(1-4)-alpha-D-glucopyranose-(1-4)-alpha-D-glucopyranose
4 branched alpha-D-glucopyranose-(1-4)-alpha-D-glucopyranose-(1-4)-alpha-D-glucopyranose-(1-4)-alpha-D-glucopyranose
5 non-polymer GLYCEROL
6 water water
#
_entity_poly.entity_id   1
_entity_poly.type   'polypeptide(L)'
_entity_poly.pdbx_seq_one_letter_code
;MKKLFLVFWWHMHQPLYREPYTGEYLLPWTFFHAVKDYYDMPAYLKDFEIKLNFNLTPVLIDQIQEYAQGKAKDVFLEAI
RKDPDDLEKEEVEKLIEFTKLNYEKPIYRFERIRELMNKEKLNREELLDLQTLNLLAWCGRTLRKDLKDLLNKGRNYTQE
EKEYVLNKYFEIIKKTLSIYREIKEEGKGSVSTSPYYHPLIPILLNPNCVYETTPNVKIPDFAVSFREDASKHVELAKEK
YFEIFGEHPVYMWPPQASVSNEALELYYEKGINMLATDEVILKNSVERASPYLRYYFRELISVFFRDKTLSDLIGFSYHA
WNAEDAVRDFIGRLKKIHESVDFQPVVFVVLDGENCWEYYEENGIPFLEKLYSTLEKEEWIETLTLEEAMRKEDVKTEVI
ESVKAGTWFDGNFLKWIGNKEKNEYWKILIEAKKKAKNDYILVAEGSDWFWWQGEEKAPFVEVFDKLFRSFVRRAQE
;
_entity_poly.pdbx_strand_id   A,B,C,D
#
loop_
_chem_comp.id
_chem_comp.type
_chem_comp.name
_chem_comp.formula
GLC D-saccharide, alpha linking alpha-D-glucopyranose 'C6 H12 O6'
GOL non-polymer GLYCEROL 'C3 H8 O3'
#
# COMPACT_ATOMS: atom_id res chain seq x y z
N LYS A 2 -39.25 -40.96 18.60
CA LYS A 2 -38.30 -40.08 19.27
C LYS A 2 -37.33 -39.50 18.26
N LYS A 3 -37.48 -38.22 17.97
CA LYS A 3 -36.67 -37.53 16.98
C LYS A 3 -35.61 -36.66 17.65
N LEU A 4 -34.52 -36.41 16.93
CA LEU A 4 -33.63 -35.31 17.25
C LEU A 4 -34.05 -34.11 16.42
N PHE A 5 -34.29 -32.98 17.06
CA PHE A 5 -34.68 -31.76 16.36
C PHE A 5 -33.45 -30.94 16.04
N LEU A 6 -33.21 -30.68 14.75
CA LEU A 6 -32.00 -30.04 14.27
C LEU A 6 -32.38 -28.69 13.67
N VAL A 7 -31.77 -27.62 14.17
CA VAL A 7 -32.10 -26.27 13.73
C VAL A 7 -30.84 -25.61 13.20
N PHE A 8 -30.80 -25.42 11.88
CA PHE A 8 -29.74 -24.65 11.23
C PHE A 8 -30.16 -23.18 11.21
N TRP A 9 -29.24 -22.30 11.59
CA TRP A 9 -29.49 -20.86 11.56
C TRP A 9 -28.25 -20.20 10.98
N TRP A 10 -28.32 -19.83 9.70
CA TRP A 10 -27.18 -19.25 9.00
C TRP A 10 -27.29 -17.72 9.04
N HIS A 11 -26.28 -17.05 9.61
CA HIS A 11 -26.31 -15.62 9.85
C HIS A 11 -25.52 -14.88 8.77
N MET A 12 -26.20 -13.99 8.04
CA MET A 12 -25.61 -13.26 6.92
C MET A 12 -25.49 -11.78 7.25
N HIS A 13 -24.29 -11.23 7.07
CA HIS A 13 -24.10 -9.84 7.45
C HIS A 13 -22.91 -9.27 6.70
N GLN A 14 -23.02 -7.97 6.36
CA GLN A 14 -21.91 -7.15 5.92
C GLN A 14 -22.11 -5.77 6.50
N PRO A 15 -21.06 -5.15 7.01
CA PRO A 15 -21.15 -3.73 7.35
C PRO A 15 -21.28 -2.90 6.08
N LEU A 16 -21.66 -1.63 6.25
CA LEU A 16 -21.90 -0.75 5.11
C LEU A 16 -20.56 -0.32 4.51
N TYR A 17 -20.25 -0.81 3.31
CA TYR A 17 -19.03 -0.42 2.62
C TYR A 17 -19.21 0.84 1.79
N ARG A 18 -20.42 1.39 1.74
CA ARG A 18 -20.71 2.58 0.95
C ARG A 18 -20.24 3.82 1.71
N GLU A 19 -19.16 4.42 1.24
CA GLU A 19 -18.63 5.64 1.84
C GLU A 19 -19.63 6.78 1.65
N PRO A 20 -19.98 7.51 2.72
CA PRO A 20 -21.12 8.44 2.62
C PRO A 20 -20.87 9.66 1.75
N TYR A 21 -19.62 10.08 1.53
CA TYR A 21 -19.39 11.29 0.76
C TYR A 21 -19.25 11.02 -0.73
N THR A 22 -18.61 9.92 -1.11
CA THR A 22 -18.45 9.58 -2.52
C THR A 22 -19.55 8.65 -3.03
N GLY A 23 -20.30 8.02 -2.13
CA GLY A 23 -21.25 7.00 -2.53
C GLY A 23 -20.64 5.73 -3.07
N GLU A 24 -19.35 5.52 -2.88
CA GLU A 24 -18.62 4.40 -3.47
C GLU A 24 -18.49 3.26 -2.48
N TYR A 25 -18.78 2.04 -2.94
CA TYR A 25 -18.49 0.85 -2.16
C TYR A 25 -16.99 0.61 -2.19
N LEU A 26 -16.32 0.80 -1.05
CA LEU A 26 -14.86 0.83 -1.00
C LEU A 26 -14.25 -0.56 -0.94
N LEU A 27 -15.04 -1.59 -0.65
CA LEU A 27 -14.63 -2.99 -0.67
C LEU A 27 -15.71 -3.79 -1.37
N PRO A 28 -15.36 -4.89 -2.03
CA PRO A 28 -16.34 -5.64 -2.81
C PRO A 28 -16.99 -6.82 -2.10
N TRP A 29 -16.84 -6.92 -0.76
CA TRP A 29 -17.22 -8.14 -0.07
C TRP A 29 -18.71 -8.41 -0.13
N THR A 30 -19.54 -7.37 -0.13
CA THR A 30 -20.97 -7.59 -0.24
C THR A 30 -21.32 -8.19 -1.60
N PHE A 31 -20.70 -7.68 -2.66
CA PHE A 31 -20.92 -8.22 -4.00
C PHE A 31 -20.46 -9.68 -4.08
N PHE A 32 -19.24 -9.97 -3.62
CA PHE A 32 -18.69 -11.32 -3.78
C PHE A 32 -19.44 -12.34 -2.94
N HIS A 33 -19.85 -11.98 -1.72
CA HIS A 33 -20.62 -12.94 -0.93
C HIS A 33 -22.07 -13.03 -1.37
N ALA A 34 -22.57 -12.02 -2.09
CA ALA A 34 -23.90 -12.12 -2.67
C ALA A 34 -23.91 -13.11 -3.83
N VAL A 35 -22.92 -13.02 -4.71
CA VAL A 35 -22.89 -13.92 -5.87
C VAL A 35 -22.46 -15.33 -5.48
N LYS A 36 -21.73 -15.50 -4.37
CA LYS A 36 -21.24 -16.80 -3.94
C LYS A 36 -22.16 -17.47 -2.92
N ASP A 37 -22.68 -16.72 -1.93
CA ASP A 37 -23.33 -17.39 -0.80
C ASP A 37 -24.76 -16.92 -0.52
N TYR A 38 -25.05 -15.64 -0.70
CA TYR A 38 -26.31 -15.12 -0.17
C TYR A 38 -27.52 -15.63 -0.95
N TYR A 39 -27.40 -15.82 -2.26
CA TYR A 39 -28.49 -16.48 -2.97
C TYR A 39 -28.41 -18.00 -2.82
N ASP A 40 -27.19 -18.55 -2.90
CA ASP A 40 -27.04 -19.99 -3.03
C ASP A 40 -27.34 -20.73 -1.75
N MET A 41 -27.10 -20.13 -0.58
CA MET A 41 -27.37 -20.84 0.66
C MET A 41 -28.85 -21.16 0.81
N PRO A 42 -29.79 -20.21 0.71
CA PRO A 42 -31.21 -20.61 0.71
C PRO A 42 -31.60 -21.42 -0.51
N ALA A 43 -30.92 -21.23 -1.64
CA ALA A 43 -31.23 -22.00 -2.85
C ALA A 43 -31.04 -23.49 -2.67
N TYR A 44 -30.25 -23.93 -1.68
CA TYR A 44 -30.18 -25.37 -1.39
C TYR A 44 -31.56 -25.95 -1.09
N LEU A 45 -32.46 -25.14 -0.53
CA LEU A 45 -33.80 -25.62 -0.20
C LEU A 45 -34.62 -25.99 -1.43
N LYS A 46 -34.19 -25.56 -2.62
CA LYS A 46 -34.85 -25.98 -3.85
C LYS A 46 -34.62 -27.46 -4.14
N ASP A 47 -33.48 -27.99 -3.74
CA ASP A 47 -33.09 -29.35 -4.11
C ASP A 47 -33.12 -30.33 -2.95
N PHE A 48 -33.23 -29.86 -1.70
CA PHE A 48 -33.17 -30.75 -0.55
C PHE A 48 -34.36 -30.48 0.35
N GLU A 49 -35.02 -31.56 0.76
CA GLU A 49 -36.26 -31.47 1.53
C GLU A 49 -35.94 -31.43 3.02
N ILE A 50 -35.23 -30.37 3.41
CA ILE A 50 -34.94 -30.09 4.80
C ILE A 50 -35.40 -28.66 5.09
N LYS A 51 -35.29 -28.27 6.36
CA LYS A 51 -35.57 -26.91 6.78
C LYS A 51 -34.25 -26.22 7.11
N LEU A 52 -34.09 -24.98 6.64
CA LEU A 52 -32.90 -24.19 6.93
C LEU A 52 -33.36 -22.77 7.23
N ASN A 53 -32.77 -22.16 8.25
CA ASN A 53 -33.16 -20.83 8.68
C ASN A 53 -32.03 -19.85 8.43
N PHE A 54 -32.40 -18.58 8.29
CA PHE A 54 -31.43 -17.56 7.90
C PHE A 54 -31.64 -16.28 8.69
N ASN A 55 -30.53 -15.61 9.00
CA ASN A 55 -30.55 -14.26 9.52
C ASN A 55 -30.00 -13.32 8.47
N LEU A 56 -30.70 -12.21 8.24
CA LEU A 56 -30.26 -11.18 7.30
C LEU A 56 -30.25 -9.85 8.07
N THR A 57 -29.06 -9.29 8.27
CA THR A 57 -29.02 -7.99 8.92
C THR A 57 -29.60 -6.93 7.97
N PRO A 58 -30.28 -5.92 8.50
CA PRO A 58 -30.86 -4.89 7.63
C PRO A 58 -29.82 -4.11 6.86
N VAL A 59 -28.64 -3.90 7.42
CA VAL A 59 -27.60 -3.19 6.68
C VAL A 59 -27.14 -4.04 5.49
N LEU A 60 -27.13 -5.36 5.62
CA LEU A 60 -26.84 -6.21 4.47
C LEU A 60 -27.95 -6.10 3.42
N ILE A 61 -29.21 -6.14 3.87
CA ILE A 61 -30.33 -6.04 2.95
C ILE A 61 -30.23 -4.76 2.12
N ASP A 62 -29.89 -3.65 2.77
CA ASP A 62 -29.77 -2.37 2.06
C ASP A 62 -28.78 -2.46 0.91
N GLN A 63 -27.63 -3.09 1.12
CA GLN A 63 -26.61 -3.16 0.09
C GLN A 63 -26.99 -4.14 -1.02
N ILE A 64 -27.59 -5.26 -0.66
CA ILE A 64 -28.10 -6.18 -1.68
C ILE A 64 -29.08 -5.45 -2.59
N GLN A 65 -29.97 -4.64 -2.01
CA GLN A 65 -30.90 -3.86 -2.81
C GLN A 65 -30.18 -2.92 -3.76
N GLU A 66 -29.15 -2.24 -3.25
CA GLU A 66 -28.42 -1.28 -4.08
C GLU A 66 -27.73 -1.98 -5.25
N TYR A 67 -27.11 -3.13 -5.00
CA TYR A 67 -26.49 -3.88 -6.09
C TYR A 67 -27.55 -4.41 -7.06
N ALA A 68 -28.64 -4.98 -6.52
CA ALA A 68 -29.68 -5.57 -7.36
C ALA A 68 -30.30 -4.54 -8.29
N GLN A 69 -30.39 -3.28 -7.86
CA GLN A 69 -31.00 -2.22 -8.65
C GLN A 69 -29.98 -1.51 -9.53
N GLY A 70 -28.71 -1.92 -9.50
CA GLY A 70 -27.69 -1.31 -10.33
C GLY A 70 -27.16 0.01 -9.82
N LYS A 71 -27.40 0.36 -8.57
CA LYS A 71 -27.02 1.66 -8.03
C LYS A 71 -25.69 1.65 -7.29
N ALA A 72 -25.12 0.47 -7.03
CA ALA A 72 -23.92 0.37 -6.23
C ALA A 72 -22.69 0.65 -7.10
N LYS A 73 -21.95 1.69 -6.74
CA LYS A 73 -20.69 2.00 -7.42
C LYS A 73 -19.57 1.34 -6.62
N ASP A 74 -19.12 0.18 -7.11
CA ASP A 74 -18.17 -0.67 -6.41
C ASP A 74 -16.82 -0.50 -7.09
N VAL A 75 -15.85 0.03 -6.33
CA VAL A 75 -14.58 0.44 -6.91
C VAL A 75 -13.79 -0.77 -7.41
N PHE A 76 -13.71 -1.83 -6.60
CA PHE A 76 -13.03 -3.03 -7.04
C PHE A 76 -13.70 -3.61 -8.28
N LEU A 77 -15.04 -3.62 -8.30
CA LEU A 77 -15.75 -4.23 -9.42
C LEU A 77 -15.54 -3.45 -10.71
N GLU A 78 -15.43 -2.13 -10.62
CA GLU A 78 -15.12 -1.34 -11.81
C GLU A 78 -13.75 -1.72 -12.37
N ALA A 79 -12.78 -1.94 -11.49
CA ALA A 79 -11.48 -2.45 -11.95
C ALA A 79 -11.63 -3.79 -12.67
N ILE A 80 -12.58 -4.62 -12.21
CA ILE A 80 -12.82 -5.91 -12.87
C ILE A 80 -13.49 -5.71 -14.22
N ARG A 81 -14.54 -4.87 -14.27
CA ARG A 81 -15.33 -4.69 -15.48
C ARG A 81 -14.50 -4.12 -16.63
N LYS A 82 -13.52 -3.27 -16.30
CA LYS A 82 -12.82 -2.48 -17.30
C LYS A 82 -12.02 -3.35 -18.28
N ASP A 83 -11.96 -2.88 -19.52
CA ASP A 83 -10.90 -3.33 -20.42
C ASP A 83 -9.55 -3.07 -19.76
N PRO A 84 -8.62 -4.02 -19.81
CA PRO A 84 -7.35 -3.84 -19.09
C PRO A 84 -6.52 -2.68 -19.59
N ASP A 85 -6.67 -2.28 -20.86
CA ASP A 85 -5.93 -1.13 -21.36
C ASP A 85 -6.33 0.16 -20.65
N ASP A 86 -7.48 0.17 -20.00
CA ASP A 86 -7.97 1.35 -19.29
C ASP A 86 -7.75 1.26 -17.78
N LEU A 87 -7.07 0.22 -17.30
CA LEU A 87 -6.83 0.07 -15.87
C LEU A 87 -5.80 1.09 -15.39
N GLU A 88 -6.09 1.73 -14.25
CA GLU A 88 -5.09 2.56 -13.60
C GLU A 88 -4.09 1.70 -12.87
N LYS A 89 -2.88 2.23 -12.72
CA LYS A 89 -1.87 1.53 -11.92
C LYS A 89 -2.39 1.19 -10.54
N GLU A 90 -3.16 2.11 -9.93
CA GLU A 90 -3.72 1.85 -8.62
C GLU A 90 -4.75 0.73 -8.65
N GLU A 91 -5.51 0.64 -9.74
CA GLU A 91 -6.50 -0.43 -9.87
C GLU A 91 -5.84 -1.79 -10.05
N VAL A 92 -4.75 -1.82 -10.83
CA VAL A 92 -4.01 -3.06 -11.01
C VAL A 92 -3.40 -3.51 -9.68
N GLU A 93 -2.88 -2.55 -8.91
CA GLU A 93 -2.28 -2.88 -7.62
C GLU A 93 -3.33 -3.44 -6.65
N LYS A 94 -4.53 -2.87 -6.65
CA LYS A 94 -5.58 -3.35 -5.75
C LYS A 94 -6.09 -4.71 -6.18
N LEU A 95 -6.17 -4.93 -7.50
CA LEU A 95 -6.48 -6.26 -8.03
C LEU A 95 -5.46 -7.29 -7.58
N ILE A 96 -4.17 -6.97 -7.72
CA ILE A 96 -3.12 -7.89 -7.32
C ILE A 96 -3.16 -8.09 -5.81
N GLU A 97 -3.35 -7.01 -5.06
CA GLU A 97 -3.47 -7.13 -3.61
C GLU A 97 -4.62 -8.06 -3.23
N PHE A 98 -5.79 -7.86 -3.84
CA PHE A 98 -6.94 -8.71 -3.56
C PHE A 98 -6.63 -10.18 -3.87
N THR A 99 -5.97 -10.45 -5.00
CA THR A 99 -5.63 -11.82 -5.34
C THR A 99 -4.71 -12.42 -4.28
N LYS A 100 -3.66 -11.69 -3.88
CA LYS A 100 -2.74 -12.19 -2.84
C LYS A 100 -3.46 -12.54 -1.55
N LEU A 101 -4.46 -11.74 -1.18
CA LEU A 101 -5.15 -11.96 0.09
C LEU A 101 -5.94 -13.27 0.08
N ASN A 102 -6.54 -13.60 -1.05
CA ASN A 102 -7.38 -14.78 -1.20
C ASN A 102 -6.64 -15.96 -1.80
N TYR A 103 -5.32 -15.82 -2.00
CA TYR A 103 -4.56 -16.68 -2.90
C TYR A 103 -4.53 -18.14 -2.44
N GLU A 104 -4.42 -18.38 -1.14
CA GLU A 104 -4.29 -19.73 -0.63
C GLU A 104 -5.62 -20.44 -0.43
N LYS A 105 -6.74 -19.75 -0.66
CA LYS A 105 -8.04 -20.36 -0.45
C LYS A 105 -8.37 -21.34 -1.58
N PRO A 106 -9.03 -22.45 -1.28
CA PRO A 106 -9.34 -23.43 -2.33
C PRO A 106 -10.15 -22.88 -3.49
N ILE A 107 -11.04 -21.90 -3.24
CA ILE A 107 -11.82 -21.35 -4.34
C ILE A 107 -10.95 -20.58 -5.32
N TYR A 108 -9.73 -20.22 -4.93
CA TYR A 108 -8.78 -19.58 -5.84
C TYR A 108 -7.81 -20.57 -6.48
N ARG A 109 -8.09 -21.87 -6.39
CA ARG A 109 -7.16 -22.89 -6.89
C ARG A 109 -7.29 -22.98 -8.41
N PHE A 110 -6.72 -22.00 -9.08
CA PHE A 110 -6.57 -21.98 -10.54
C PHE A 110 -5.09 -21.90 -10.86
N GLU A 111 -4.60 -22.82 -11.69
CA GLU A 111 -3.19 -22.79 -12.07
C GLU A 111 -2.80 -21.44 -12.67
N ARG A 112 -3.71 -20.83 -13.43
CA ARG A 112 -3.39 -19.56 -14.07
C ARG A 112 -3.17 -18.45 -13.05
N ILE A 113 -3.87 -18.48 -11.91
CA ILE A 113 -3.59 -17.50 -10.86
C ILE A 113 -2.17 -17.68 -10.35
N ARG A 114 -1.73 -18.94 -10.21
CA ARG A 114 -0.36 -19.20 -9.80
C ARG A 114 0.63 -18.62 -10.80
N GLU A 115 0.35 -18.79 -12.10
CA GLU A 115 1.22 -18.24 -13.14
C GLU A 115 1.25 -16.72 -13.10
N LEU A 116 0.09 -16.08 -12.92
CA LEU A 116 0.02 -14.62 -13.00
C LEU A 116 0.69 -13.94 -11.83
N MET A 117 0.63 -14.54 -10.64
CA MET A 117 1.23 -13.92 -9.47
C MET A 117 2.74 -14.10 -9.40
N ASN A 118 3.31 -14.97 -10.22
CA ASN A 118 4.76 -15.05 -10.39
C ASN A 118 5.28 -14.02 -11.39
N LYS A 119 4.42 -13.13 -11.88
CA LYS A 119 4.75 -12.22 -12.97
C LYS A 119 4.89 -10.79 -12.47
N GLU A 120 5.91 -10.10 -12.95
CA GLU A 120 6.22 -8.76 -12.50
C GLU A 120 5.64 -7.66 -13.37
N LYS A 121 5.22 -7.98 -14.59
CA LYS A 121 4.41 -7.08 -15.39
C LYS A 121 3.43 -7.91 -16.21
N LEU A 122 2.20 -7.43 -16.29
CA LEU A 122 1.10 -8.18 -16.90
C LEU A 122 0.61 -7.45 -18.14
N ASN A 123 0.42 -8.20 -19.22
CA ASN A 123 -0.09 -7.63 -20.46
C ASN A 123 -1.62 -7.64 -20.42
N ARG A 124 -2.26 -7.30 -21.54
CA ARG A 124 -3.71 -7.19 -21.57
C ARG A 124 -4.38 -8.54 -21.35
N GLU A 125 -3.87 -9.59 -22.00
CA GLU A 125 -4.49 -10.91 -21.88
C GLU A 125 -4.31 -11.48 -20.48
N GLU A 126 -3.15 -11.25 -19.87
CA GLU A 126 -2.94 -11.71 -18.50
C GLU A 126 -3.79 -10.92 -17.51
N LEU A 127 -3.96 -9.61 -17.74
CA LEU A 127 -4.83 -8.84 -16.87
C LEU A 127 -6.30 -9.27 -17.02
N LEU A 128 -6.70 -9.62 -18.25
CA LEU A 128 -8.06 -10.13 -18.44
C LEU A 128 -8.27 -11.43 -17.67
N ASP A 129 -7.23 -12.26 -17.59
CA ASP A 129 -7.35 -13.50 -16.82
C ASP A 129 -7.38 -13.23 -15.33
N LEU A 130 -6.58 -12.27 -14.85
CA LEU A 130 -6.62 -11.92 -13.44
C LEU A 130 -7.99 -11.35 -13.07
N GLN A 131 -8.52 -10.45 -13.89
CA GLN A 131 -9.86 -9.91 -13.65
C GLN A 131 -10.91 -11.02 -13.61
N THR A 132 -10.94 -11.86 -14.65
CA THR A 132 -12.02 -12.82 -14.80
C THR A 132 -11.91 -13.97 -13.79
N LEU A 133 -10.69 -14.39 -13.46
CA LEU A 133 -10.54 -15.47 -12.49
C LEU A 133 -10.90 -15.00 -11.09
N ASN A 134 -10.66 -13.72 -10.77
CA ASN A 134 -11.14 -13.21 -9.49
C ASN A 134 -12.66 -13.26 -9.41
N LEU A 135 -13.35 -12.88 -10.50
CA LEU A 135 -14.80 -13.08 -10.57
C LEU A 135 -15.16 -14.55 -10.38
N LEU A 136 -14.57 -15.43 -11.20
CA LEU A 136 -14.97 -16.83 -11.22
C LEU A 136 -14.64 -17.54 -9.91
N ALA A 137 -13.62 -17.08 -9.19
CA ALA A 137 -13.30 -17.71 -7.91
C ALA A 137 -14.46 -17.64 -6.92
N TRP A 138 -15.33 -16.63 -7.06
CA TRP A 138 -16.44 -16.44 -6.15
C TRP A 138 -17.76 -16.95 -6.71
N CYS A 139 -17.70 -17.82 -7.72
CA CYS A 139 -18.90 -18.34 -8.35
C CYS A 139 -19.62 -19.29 -7.40
N GLY A 140 -20.92 -19.08 -7.23
CA GLY A 140 -21.72 -19.90 -6.33
C GLY A 140 -22.19 -21.19 -6.98
N ARG A 141 -22.92 -21.98 -6.20
CA ARG A 141 -23.31 -23.32 -6.63
C ARG A 141 -24.16 -23.27 -7.91
N THR A 142 -25.14 -22.37 -7.95
CA THR A 142 -26.06 -22.30 -9.07
C THR A 142 -25.32 -22.04 -10.39
N LEU A 143 -24.45 -21.02 -10.41
CA LEU A 143 -23.78 -20.66 -11.64
C LEU A 143 -22.57 -21.52 -11.94
N ARG A 144 -22.02 -22.23 -10.95
CA ARG A 144 -20.96 -23.18 -11.26
C ARG A 144 -21.46 -24.29 -12.19
N LYS A 145 -22.77 -24.58 -12.15
CA LYS A 145 -23.36 -25.49 -13.12
C LYS A 145 -23.47 -24.84 -14.49
N ASP A 146 -24.05 -23.64 -14.54
CA ASP A 146 -24.32 -22.99 -15.83
C ASP A 146 -23.02 -22.54 -16.51
N LEU A 147 -22.06 -22.02 -15.74
CA LEU A 147 -20.82 -21.52 -16.29
C LEU A 147 -19.70 -22.55 -16.28
N LYS A 148 -20.04 -23.85 -16.26
CA LYS A 148 -19.01 -24.87 -16.09
C LYS A 148 -17.99 -24.87 -17.23
N ASP A 149 -18.41 -24.51 -18.45
CA ASP A 149 -17.45 -24.44 -19.56
C ASP A 149 -16.42 -23.34 -19.35
N LEU A 150 -16.87 -22.16 -18.91
CA LEU A 150 -15.95 -21.06 -18.66
C LEU A 150 -15.02 -21.36 -17.49
N LEU A 151 -15.53 -22.05 -16.47
CA LEU A 151 -14.71 -22.35 -15.30
C LEU A 151 -13.61 -23.34 -15.63
N ASN A 152 -13.93 -24.39 -16.40
CA ASN A 152 -12.92 -25.37 -16.80
C ASN A 152 -11.89 -24.78 -17.75
N LYS A 153 -12.20 -23.64 -18.37
CA LYS A 153 -11.24 -22.95 -19.22
C LYS A 153 -9.98 -22.61 -18.45
N GLY A 154 -10.13 -21.94 -17.30
CA GLY A 154 -9.02 -21.64 -16.42
C GLY A 154 -8.12 -20.51 -16.84
N ARG A 155 -8.21 -20.06 -18.10
CA ARG A 155 -7.27 -19.08 -18.63
C ARG A 155 -7.82 -18.55 -19.95
N ASN A 156 -7.12 -17.56 -20.51
CA ASN A 156 -7.37 -17.07 -21.87
C ASN A 156 -8.76 -16.46 -22.02
N TYR A 157 -9.20 -15.73 -21.01
CA TYR A 157 -10.55 -15.16 -21.02
C TYR A 157 -10.61 -13.91 -21.88
N THR A 158 -11.75 -13.72 -22.53
CA THR A 158 -12.00 -12.51 -23.31
C THR A 158 -12.90 -11.55 -22.55
N GLN A 159 -12.90 -10.29 -22.99
CA GLN A 159 -13.77 -9.29 -22.38
C GLN A 159 -15.24 -9.68 -22.50
N GLU A 160 -15.62 -10.32 -23.62
CA GLU A 160 -17.00 -10.74 -23.80
C GLU A 160 -17.37 -11.81 -22.77
N GLU A 161 -16.46 -12.75 -22.51
CA GLU A 161 -16.74 -13.78 -21.51
C GLU A 161 -16.78 -13.20 -20.10
N LYS A 162 -15.87 -12.27 -19.80
CA LYS A 162 -15.91 -11.60 -18.49
C LYS A 162 -17.22 -10.87 -18.30
N GLU A 163 -17.68 -10.16 -19.33
CA GLU A 163 -18.95 -9.42 -19.23
C GLU A 163 -20.13 -10.37 -19.08
N TYR A 164 -20.09 -11.52 -19.76
CA TYR A 164 -21.14 -12.51 -19.61
C TYR A 164 -21.25 -13.00 -18.17
N VAL A 165 -20.11 -13.35 -17.56
CA VAL A 165 -20.10 -13.75 -16.16
C VAL A 165 -20.69 -12.66 -15.28
N LEU A 166 -20.32 -11.41 -15.52
CA LEU A 166 -20.82 -10.30 -14.70
C LEU A 166 -22.34 -10.17 -14.81
N ASN A 167 -22.88 -10.32 -16.02
CA ASN A 167 -24.32 -10.22 -16.21
C ASN A 167 -25.04 -11.33 -15.46
N LYS A 168 -24.50 -12.55 -15.51
CA LYS A 168 -25.09 -13.65 -14.77
C LYS A 168 -25.02 -13.40 -13.26
N TYR A 169 -23.90 -12.86 -12.78
CA TYR A 169 -23.74 -12.57 -11.35
C TYR A 169 -24.79 -11.58 -10.86
N PHE A 170 -25.06 -10.53 -11.64
CA PHE A 170 -26.06 -9.55 -11.24
C PHE A 170 -27.47 -10.12 -11.33
N GLU A 171 -27.71 -11.06 -12.25
CA GLU A 171 -28.98 -11.76 -12.25
C GLU A 171 -29.19 -12.53 -10.95
N ILE A 172 -28.10 -13.13 -10.44
CA ILE A 172 -28.16 -13.85 -9.17
C ILE A 172 -28.54 -12.89 -8.04
N ILE A 173 -27.90 -11.73 -8.01
CA ILE A 173 -28.15 -10.74 -6.98
C ILE A 173 -29.59 -10.26 -7.04
N LYS A 174 -30.11 -10.03 -8.25
CA LYS A 174 -31.47 -9.54 -8.40
C LYS A 174 -32.51 -10.47 -7.82
N LYS A 175 -32.23 -11.78 -7.77
CA LYS A 175 -33.19 -12.76 -7.29
C LYS A 175 -32.97 -13.16 -5.84
N THR A 176 -32.06 -12.49 -5.14
CA THR A 176 -31.63 -12.98 -3.84
C THR A 176 -32.66 -12.71 -2.75
N LEU A 177 -33.14 -11.48 -2.64
CA LEU A 177 -34.16 -11.18 -1.63
C LEU A 177 -35.44 -11.98 -1.89
N SER A 178 -35.78 -12.21 -3.16
CA SER A 178 -36.99 -12.95 -3.49
C SER A 178 -36.92 -14.39 -2.99
N ILE A 179 -35.74 -15.02 -3.06
CA ILE A 179 -35.70 -16.43 -2.66
C ILE A 179 -35.77 -16.56 -1.15
N TYR A 180 -35.32 -15.55 -0.40
CA TYR A 180 -35.57 -15.57 1.04
C TYR A 180 -37.06 -15.47 1.31
N ARG A 181 -37.74 -14.57 0.60
CA ARG A 181 -39.19 -14.46 0.71
C ARG A 181 -39.89 -15.76 0.31
N GLU A 182 -39.37 -16.44 -0.73
CA GLU A 182 -40.02 -17.66 -1.20
C GLU A 182 -39.85 -18.81 -0.19
N ILE A 183 -38.63 -19.06 0.27
CA ILE A 183 -38.47 -20.17 1.20
C ILE A 183 -39.19 -19.88 2.50
N LYS A 184 -39.34 -18.61 2.86
CA LYS A 184 -40.12 -18.25 4.04
C LYS A 184 -41.60 -18.54 3.83
N GLU A 185 -42.15 -18.12 2.69
CA GLU A 185 -43.57 -18.35 2.44
C GLU A 185 -43.88 -19.83 2.24
N GLU A 186 -42.92 -20.60 1.71
CA GLU A 186 -43.13 -22.02 1.49
C GLU A 186 -42.93 -22.87 2.74
N GLY A 187 -42.56 -22.26 3.87
CA GLY A 187 -42.35 -23.01 5.09
C GLY A 187 -41.08 -23.82 5.11
N LYS A 188 -40.16 -23.58 4.19
CA LYS A 188 -38.89 -24.30 4.17
C LYS A 188 -37.88 -23.69 5.14
N GLY A 189 -38.11 -22.48 5.61
CA GLY A 189 -37.26 -21.88 6.61
C GLY A 189 -37.85 -20.61 7.15
N SER A 190 -37.39 -20.22 8.34
CA SER A 190 -37.72 -18.93 8.92
C SER A 190 -36.59 -17.96 8.63
N VAL A 191 -36.93 -16.68 8.50
CA VAL A 191 -35.93 -15.63 8.32
C VAL A 191 -36.02 -14.68 9.49
N SER A 192 -34.88 -14.38 10.08
CA SER A 192 -34.77 -13.44 11.19
C SER A 192 -33.93 -12.25 10.74
N THR A 193 -33.78 -11.28 11.63
CA THR A 193 -32.89 -10.15 11.39
C THR A 193 -32.19 -9.81 12.70
N SER A 194 -31.32 -8.82 12.67
CA SER A 194 -30.60 -8.36 13.85
C SER A 194 -30.87 -6.88 14.01
N PRO A 195 -30.55 -6.26 15.16
CA PRO A 195 -30.51 -4.80 15.23
C PRO A 195 -29.71 -4.23 14.07
N TYR A 196 -30.14 -3.07 13.57
CA TYR A 196 -29.93 -2.68 12.17
C TYR A 196 -28.49 -2.84 11.71
N TYR A 197 -27.55 -2.17 12.39
CA TYR A 197 -26.16 -2.13 11.92
C TYR A 197 -25.26 -3.13 12.65
N HIS A 198 -25.84 -4.21 13.20
CA HIS A 198 -25.10 -5.26 13.87
C HIS A 198 -24.28 -4.71 15.05
N PRO A 199 -24.86 -3.93 15.97
CA PRO A 199 -24.09 -3.44 17.11
C PRO A 199 -24.07 -4.44 18.25
N LEU A 200 -23.25 -4.13 19.26
CA LEU A 200 -23.23 -4.89 20.50
C LEU A 200 -24.25 -4.25 21.44
N ILE A 201 -25.49 -4.76 21.37
CA ILE A 201 -26.58 -4.19 22.17
C ILE A 201 -26.25 -4.16 23.66
N PRO A 202 -25.66 -5.20 24.27
CA PRO A 202 -25.38 -5.10 25.72
C PRO A 202 -24.48 -3.93 26.09
N ILE A 203 -23.49 -3.59 25.27
CA ILE A 203 -22.62 -2.48 25.61
C ILE A 203 -23.35 -1.15 25.45
N LEU A 204 -24.13 -1.00 24.37
CA LEU A 204 -24.88 0.25 24.16
C LEU A 204 -25.86 0.49 25.31
N LEU A 205 -26.46 -0.57 25.83
CA LEU A 205 -27.38 -0.44 26.96
C LEU A 205 -26.65 -0.13 28.25
N ASN A 206 -25.51 -0.77 28.47
CA ASN A 206 -24.80 -0.66 29.74
C ASN A 206 -23.36 -1.10 29.56
N PRO A 207 -22.45 -0.17 29.26
CA PRO A 207 -21.05 -0.54 29.05
C PRO A 207 -20.43 -1.31 30.21
N ASN A 208 -20.95 -1.13 31.43
CA ASN A 208 -20.39 -1.82 32.59
C ASN A 208 -20.60 -3.33 32.53
N CYS A 209 -21.45 -3.84 31.64
CA CYS A 209 -21.65 -5.28 31.61
C CYS A 209 -20.40 -6.05 31.19
N VAL A 210 -19.38 -5.38 30.66
CA VAL A 210 -18.15 -6.09 30.33
C VAL A 210 -17.51 -6.66 31.58
N TYR A 211 -17.78 -6.06 32.74
CA TYR A 211 -17.16 -6.45 34.00
C TYR A 211 -17.77 -7.72 34.58
N GLU A 212 -18.85 -8.23 33.99
CA GLU A 212 -19.36 -9.52 34.43
C GLU A 212 -18.46 -10.67 34.02
N THR A 213 -17.61 -10.47 33.00
CA THR A 213 -16.72 -11.53 32.53
C THR A 213 -15.25 -11.16 32.61
N THR A 214 -14.89 -9.91 32.33
CA THR A 214 -13.50 -9.45 32.33
C THR A 214 -13.38 -8.29 33.31
N PRO A 215 -13.24 -8.57 34.60
CA PRO A 215 -13.24 -7.47 35.59
C PRO A 215 -12.03 -6.55 35.49
N ASN A 216 -10.93 -6.98 34.87
CA ASN A 216 -9.71 -6.18 34.81
C ASN A 216 -9.66 -5.23 33.63
N VAL A 217 -10.66 -5.26 32.74
CA VAL A 217 -10.57 -4.54 31.49
C VAL A 217 -10.73 -3.04 31.72
N LYS A 218 -10.03 -2.25 30.91
CA LYS A 218 -10.18 -0.80 30.90
C LYS A 218 -11.14 -0.40 29.80
N ILE A 219 -12.11 0.46 30.13
CA ILE A 219 -13.00 1.02 29.13
C ILE A 219 -12.96 2.54 29.26
N PRO A 220 -13.30 3.25 28.19
CA PRO A 220 -13.32 4.72 28.28
C PRO A 220 -14.49 5.25 29.10
N ASP A 221 -14.53 6.57 29.24
CA ASP A 221 -15.58 7.28 29.98
C ASP A 221 -16.80 7.38 29.08
N PHE A 222 -17.78 6.51 29.30
CA PHE A 222 -19.01 6.54 28.50
C PHE A 222 -19.89 7.69 29.00
N ALA A 223 -19.50 8.91 28.61
CA ALA A 223 -20.11 10.13 29.09
C ALA A 223 -21.42 10.47 28.39
N VAL A 224 -21.92 9.59 27.51
CA VAL A 224 -23.22 9.75 26.90
C VAL A 224 -23.93 8.41 26.96
N SER A 225 -25.26 8.46 26.83
CA SER A 225 -26.08 7.25 26.84
C SER A 225 -26.33 6.77 25.41
N PHE A 226 -26.12 5.49 25.18
CA PHE A 226 -26.46 4.85 23.92
C PHE A 226 -27.75 4.05 24.00
N ARG A 227 -28.47 4.13 25.13
CA ARG A 227 -29.62 3.26 25.34
C ARG A 227 -30.71 3.49 24.31
N GLU A 228 -30.99 4.77 23.98
CA GLU A 228 -32.00 5.03 22.96
C GLU A 228 -31.54 4.57 21.59
N ASP A 229 -30.24 4.73 21.30
CA ASP A 229 -29.70 4.21 20.05
C ASP A 229 -29.88 2.69 19.98
N ALA A 230 -29.73 2.00 21.11
CA ALA A 230 -29.96 0.56 21.13
C ALA A 230 -31.38 0.23 20.71
N SER A 231 -32.36 0.95 21.29
CA SER A 231 -33.75 0.76 20.88
C SER A 231 -33.93 1.04 19.40
N LYS A 232 -33.23 2.06 18.88
CA LYS A 232 -33.41 2.45 17.49
C LYS A 232 -32.90 1.38 16.53
N HIS A 233 -31.75 0.77 16.82
CA HIS A 233 -31.27 -0.33 15.99
C HIS A 233 -32.34 -1.40 15.86
N VAL A 234 -33.01 -1.75 16.98
CA VAL A 234 -34.01 -2.80 16.96
C VAL A 234 -35.26 -2.34 16.22
N GLU A 235 -35.72 -1.13 16.51
CA GLU A 235 -36.93 -0.62 15.86
C GLU A 235 -36.74 -0.48 14.36
N LEU A 236 -35.65 0.17 13.93
CA LEU A 236 -35.38 0.30 12.51
C LEU A 236 -35.25 -1.06 11.84
N ALA A 237 -34.67 -2.04 12.55
CA ALA A 237 -34.59 -3.40 12.02
C ALA A 237 -35.97 -4.00 11.83
N LYS A 238 -36.88 -3.74 12.76
CA LYS A 238 -38.26 -4.22 12.62
C LYS A 238 -38.92 -3.60 11.40
N GLU A 239 -38.63 -2.33 11.11
CA GLU A 239 -39.24 -1.66 9.97
C GLU A 239 -38.71 -2.22 8.65
N LYS A 240 -37.39 -2.39 8.55
CA LYS A 240 -36.84 -2.93 7.30
C LYS A 240 -37.30 -4.35 7.05
N TYR A 241 -37.36 -5.17 8.11
CA TYR A 241 -37.85 -6.52 7.95
C TYR A 241 -39.30 -6.52 7.50
N PHE A 242 -40.11 -5.60 8.03
CA PHE A 242 -41.50 -5.51 7.59
C PHE A 242 -41.58 -5.20 6.11
N GLU A 243 -40.72 -4.31 5.61
CA GLU A 243 -40.76 -4.00 4.18
C GLU A 243 -40.48 -5.23 3.33
N ILE A 244 -39.48 -6.01 3.72
CA ILE A 244 -39.06 -7.12 2.87
C ILE A 244 -39.99 -8.32 3.01
N PHE A 245 -40.47 -8.59 4.23
CA PHE A 245 -41.13 -9.88 4.49
C PHE A 245 -42.57 -9.78 4.95
N GLY A 246 -43.09 -8.58 5.22
CA GLY A 246 -44.51 -8.41 5.45
C GLY A 246 -44.98 -8.62 6.88
N GLU A 247 -44.08 -8.72 7.84
CA GLU A 247 -44.46 -8.89 9.23
C GLU A 247 -43.38 -8.25 10.10
N HIS A 248 -43.75 -7.98 11.33
CA HIS A 248 -42.72 -7.61 12.28
C HIS A 248 -41.96 -8.87 12.71
N PRO A 249 -40.63 -8.81 12.82
CA PRO A 249 -39.87 -10.02 13.09
C PRO A 249 -40.09 -10.48 14.52
N VAL A 250 -40.36 -11.79 14.67
CA VAL A 250 -40.48 -12.37 16.00
C VAL A 250 -39.24 -13.16 16.39
N TYR A 251 -38.32 -13.39 15.46
CA TYR A 251 -37.03 -14.00 15.74
C TYR A 251 -35.92 -12.99 15.43
N MET A 252 -34.93 -12.90 16.30
CA MET A 252 -33.77 -12.07 16.03
C MET A 252 -32.51 -12.83 16.43
N TRP A 253 -31.46 -12.67 15.64
CA TRP A 253 -30.14 -13.14 16.00
C TRP A 253 -29.38 -12.00 16.63
N PRO A 254 -29.00 -12.07 17.91
CA PRO A 254 -28.22 -10.98 18.51
C PRO A 254 -26.81 -11.00 17.95
N PRO A 255 -26.34 -9.86 17.44
CA PRO A 255 -24.99 -9.81 16.86
C PRO A 255 -23.94 -10.39 17.80
N GLN A 256 -23.08 -11.25 17.25
CA GLN A 256 -22.03 -11.93 18.00
C GLN A 256 -22.60 -12.80 19.13
N ALA A 257 -23.86 -13.23 19.00
CA ALA A 257 -24.57 -13.99 20.03
C ALA A 257 -24.66 -13.22 21.35
N SER A 258 -24.49 -11.90 21.30
CA SER A 258 -24.26 -11.13 22.51
C SER A 258 -25.55 -10.85 23.26
N VAL A 259 -25.58 -11.23 24.52
CA VAL A 259 -26.76 -11.02 25.34
C VAL A 259 -26.35 -10.54 26.72
N SER A 260 -27.32 -9.98 27.43
CA SER A 260 -27.23 -9.53 28.80
C SER A 260 -28.66 -9.54 29.33
N ASN A 261 -28.82 -9.38 30.64
CA ASN A 261 -30.16 -9.24 31.20
C ASN A 261 -30.89 -8.06 30.56
N GLU A 262 -30.19 -6.93 30.37
CA GLU A 262 -30.83 -5.74 29.82
C GLU A 262 -31.11 -5.89 28.34
N ALA A 263 -30.20 -6.52 27.59
CA ALA A 263 -30.45 -6.75 26.18
C ALA A 263 -31.66 -7.66 25.97
N LEU A 264 -31.76 -8.76 26.73
CA LEU A 264 -32.91 -9.64 26.62
C LEU A 264 -34.20 -8.91 26.95
N GLU A 265 -34.14 -8.00 27.94
CA GLU A 265 -35.28 -7.13 28.24
C GLU A 265 -35.70 -6.33 27.03
N LEU A 266 -34.74 -5.67 26.39
CA LEU A 266 -35.05 -4.81 25.26
C LEU A 266 -35.66 -5.61 24.13
N TYR A 267 -35.11 -6.79 23.84
CA TYR A 267 -35.68 -7.61 22.78
C TYR A 267 -37.12 -7.98 23.10
N TYR A 268 -37.40 -8.37 24.34
CA TYR A 268 -38.77 -8.66 24.74
C TYR A 268 -39.66 -7.44 24.55
N GLU A 269 -39.22 -6.28 25.05
CA GLU A 269 -40.03 -5.06 24.94
C GLU A 269 -40.34 -4.73 23.48
N LYS A 270 -39.47 -5.10 22.55
CA LYS A 270 -39.69 -4.80 21.14
C LYS A 270 -40.42 -5.91 20.40
N GLY A 271 -40.99 -6.86 21.12
CA GLY A 271 -41.81 -7.88 20.49
C GLY A 271 -41.06 -9.06 19.91
N ILE A 272 -39.80 -9.24 20.27
CA ILE A 272 -39.07 -10.43 19.85
C ILE A 272 -39.50 -11.60 20.73
N ASN A 273 -39.93 -12.70 20.11
CA ASN A 273 -40.40 -13.85 20.86
C ASN A 273 -39.30 -14.86 21.14
N MET A 274 -38.27 -14.94 20.30
N MET A 274 -38.27 -14.91 20.29
CA MET A 274 -37.23 -15.94 20.50
CA MET A 274 -37.23 -15.91 20.40
C MET A 274 -35.93 -15.47 19.87
C MET A 274 -35.91 -15.32 19.93
N LEU A 275 -34.83 -15.80 20.54
CA LEU A 275 -33.49 -15.56 20.02
C LEU A 275 -32.64 -16.76 20.41
N ALA A 276 -31.45 -16.83 19.85
CA ALA A 276 -30.46 -17.81 20.25
C ALA A 276 -29.19 -17.10 20.67
N THR A 277 -28.41 -17.76 21.52
CA THR A 277 -27.11 -17.25 21.92
C THR A 277 -26.18 -18.44 22.09
N ASP A 278 -25.04 -18.23 22.73
CA ASP A 278 -23.99 -19.22 22.73
C ASP A 278 -24.03 -20.10 23.97
N GLU A 279 -23.55 -21.34 23.79
CA GLU A 279 -23.50 -22.30 24.89
C GLU A 279 -22.60 -21.83 26.02
N VAL A 280 -21.60 -20.99 25.73
CA VAL A 280 -20.71 -20.51 26.78
C VAL A 280 -21.45 -19.60 27.74
N ILE A 281 -22.39 -18.80 27.22
CA ILE A 281 -23.27 -17.99 28.07
C ILE A 281 -24.01 -18.89 29.06
N LEU A 282 -24.64 -19.94 28.54
CA LEU A 282 -25.42 -20.84 29.39
C LEU A 282 -24.53 -21.45 30.47
N LYS A 283 -23.35 -21.95 30.08
CA LYS A 283 -22.42 -22.54 31.03
C LYS A 283 -21.98 -21.52 32.07
N ASN A 284 -21.74 -20.27 31.66
CA ASN A 284 -21.34 -19.22 32.59
C ASN A 284 -22.48 -18.79 33.50
N SER A 285 -23.73 -19.09 33.14
CA SER A 285 -24.88 -18.57 33.86
C SER A 285 -25.57 -19.60 34.75
N VAL A 286 -25.58 -20.89 34.37
CA VAL A 286 -26.30 -21.92 35.09
C VAL A 286 -25.39 -23.12 35.27
N GLU A 287 -25.46 -23.74 36.45
CA GLU A 287 -24.65 -24.92 36.75
C GLU A 287 -25.08 -26.13 35.92
N ARG A 288 -26.35 -26.52 36.02
CA ARG A 288 -26.90 -27.69 35.32
C ARG A 288 -27.44 -27.23 33.98
N ALA A 289 -26.59 -27.27 32.96
CA ALA A 289 -26.83 -26.56 31.71
C ALA A 289 -26.87 -27.52 30.52
N SER A 290 -28.06 -28.02 30.21
CA SER A 290 -28.24 -28.78 28.98
C SER A 290 -28.63 -27.85 27.84
N PRO A 291 -27.87 -27.79 26.76
CA PRO A 291 -28.24 -26.93 25.63
C PRO A 291 -29.31 -27.52 24.70
N TYR A 292 -29.94 -28.62 25.08
CA TYR A 292 -30.93 -29.28 24.25
C TYR A 292 -32.37 -28.91 24.62
N LEU A 293 -32.54 -27.92 25.49
CA LEU A 293 -33.85 -27.52 25.97
C LEU A 293 -34.20 -26.15 25.40
N ARG A 294 -35.50 -25.86 25.33
CA ARG A 294 -35.96 -24.51 25.07
C ARG A 294 -36.02 -23.73 26.39
N TYR A 295 -35.30 -22.61 26.46
CA TYR A 295 -35.24 -21.84 27.69
C TYR A 295 -36.17 -20.63 27.62
N TYR A 296 -36.67 -20.24 28.79
CA TYR A 296 -37.52 -19.06 28.92
C TYR A 296 -36.85 -18.09 29.89
N PHE A 297 -36.35 -16.97 29.36
CA PHE A 297 -35.73 -15.97 30.21
C PHE A 297 -36.83 -15.17 30.91
N ARG A 298 -36.98 -15.38 32.22
CA ARG A 298 -37.95 -14.67 33.05
C ARG A 298 -39.37 -14.78 32.52
N GLU A 299 -39.65 -15.85 31.76
CA GLU A 299 -40.95 -16.07 31.11
C GLU A 299 -41.32 -14.90 30.20
N LEU A 300 -40.32 -14.19 29.70
CA LEU A 300 -40.46 -13.04 28.82
C LEU A 300 -40.22 -13.37 27.36
N ILE A 301 -39.26 -14.24 27.07
CA ILE A 301 -38.77 -14.44 25.72
C ILE A 301 -38.08 -15.80 25.70
N SER A 302 -38.23 -16.50 24.58
CA SER A 302 -37.61 -17.80 24.41
C SER A 302 -36.14 -17.65 24.00
N VAL A 303 -35.28 -18.49 24.58
CA VAL A 303 -33.86 -18.47 24.27
C VAL A 303 -33.41 -19.91 24.02
N PHE A 304 -32.76 -20.13 22.88
CA PHE A 304 -32.05 -21.38 22.61
C PHE A 304 -30.56 -21.12 22.68
N PHE A 305 -29.82 -22.10 23.20
CA PHE A 305 -28.38 -22.03 23.29
C PHE A 305 -27.79 -22.98 22.26
N ARG A 306 -27.01 -22.43 21.33
CA ARG A 306 -26.54 -23.22 20.20
C ARG A 306 -25.57 -24.29 20.66
N ASP A 307 -25.54 -25.40 19.91
CA ASP A 307 -24.54 -26.43 20.10
C ASP A 307 -23.22 -25.91 19.53
N LYS A 308 -22.36 -25.41 20.42
CA LYS A 308 -21.11 -24.78 19.99
C LYS A 308 -20.21 -25.77 19.26
N THR A 309 -20.14 -27.01 19.75
CA THR A 309 -19.28 -28.01 19.13
C THR A 309 -19.67 -28.26 17.68
N LEU A 310 -20.95 -28.55 17.44
CA LEU A 310 -21.41 -28.81 16.08
C LEU A 310 -21.26 -27.57 15.19
N SER A 311 -21.52 -26.39 15.76
CA SER A 311 -21.35 -25.16 15.00
C SER A 311 -19.90 -24.93 14.61
N ASP A 312 -18.98 -25.27 15.52
CA ASP A 312 -17.55 -25.07 15.26
C ASP A 312 -16.96 -26.14 14.36
N LEU A 313 -17.60 -27.32 14.26
CA LEU A 313 -17.14 -28.30 13.29
C LEU A 313 -17.27 -27.77 11.87
N ILE A 314 -18.42 -27.18 11.55
CA ILE A 314 -18.65 -26.64 10.22
C ILE A 314 -17.81 -25.38 10.00
N GLY A 315 -17.78 -24.49 11.00
CA GLY A 315 -17.08 -23.23 10.83
C GLY A 315 -15.57 -23.35 10.85
N PHE A 316 -15.03 -24.38 11.48
CA PHE A 316 -13.59 -24.39 11.74
C PHE A 316 -12.87 -25.68 11.37
N SER A 317 -13.55 -26.82 11.48
CA SER A 317 -12.87 -28.11 11.28
C SER A 317 -13.01 -28.64 9.85
N TYR A 318 -14.24 -28.73 9.34
CA TYR A 318 -14.53 -29.57 8.19
C TYR A 318 -13.93 -29.05 6.88
N HIS A 319 -13.50 -27.78 6.85
CA HIS A 319 -12.84 -27.28 5.64
C HIS A 319 -11.61 -28.10 5.29
N ALA A 320 -10.88 -28.59 6.29
CA ALA A 320 -9.68 -29.38 6.09
C ALA A 320 -9.95 -30.86 5.93
N TRP A 321 -11.21 -31.25 5.82
CA TRP A 321 -11.58 -32.65 5.66
C TRP A 321 -12.10 -32.90 4.25
N ASN A 322 -12.08 -34.17 3.86
CA ASN A 322 -12.85 -34.62 2.73
C ASN A 322 -14.33 -34.51 3.06
N ALA A 323 -15.15 -34.20 2.06
CA ALA A 323 -16.58 -33.99 2.30
C ALA A 323 -17.24 -35.23 2.88
N GLU A 324 -16.85 -36.41 2.39
CA GLU A 324 -17.49 -37.64 2.83
C GLU A 324 -17.13 -37.96 4.29
N ASP A 325 -15.88 -37.74 4.68
CA ASP A 325 -15.48 -37.97 6.07
C ASP A 325 -16.20 -37.00 7.01
N ALA A 326 -16.39 -35.76 6.57
CA ALA A 326 -16.96 -34.73 7.43
C ALA A 326 -18.44 -35.00 7.70
N VAL A 327 -19.20 -35.42 6.70
CA VAL A 327 -20.62 -35.68 6.89
C VAL A 327 -20.83 -36.92 7.76
N ARG A 328 -20.03 -37.97 7.54
CA ARG A 328 -20.15 -39.15 8.39
C ARG A 328 -19.81 -38.82 9.84
N ASP A 329 -18.86 -37.91 10.06
CA ASP A 329 -18.55 -37.46 11.41
C ASP A 329 -19.71 -36.67 12.00
N PHE A 330 -20.31 -35.77 11.22
CA PHE A 330 -21.41 -34.95 11.70
C PHE A 330 -22.61 -35.81 12.09
N ILE A 331 -23.05 -36.67 11.19
CA ILE A 331 -24.16 -37.58 11.48
C ILE A 331 -23.83 -38.46 12.68
N GLY A 332 -22.58 -38.92 12.77
CA GLY A 332 -22.19 -39.71 13.92
C GLY A 332 -22.34 -38.98 15.24
N ARG A 333 -22.12 -37.66 15.22
CA ARG A 333 -22.27 -36.89 16.45
C ARG A 333 -23.74 -36.67 16.79
N LEU A 334 -24.58 -36.45 15.78
CA LEU A 334 -26.01 -36.31 16.03
C LEU A 334 -26.61 -37.62 16.53
N LYS A 335 -26.14 -38.75 16.01
CA LYS A 335 -26.61 -40.05 16.48
C LYS A 335 -26.27 -40.25 17.95
N LYS A 336 -25.08 -39.83 18.37
CA LYS A 336 -24.70 -39.97 19.77
C LYS A 336 -25.53 -39.04 20.65
N ILE A 337 -25.85 -37.84 20.16
CA ILE A 337 -26.79 -36.98 20.88
C ILE A 337 -28.16 -37.64 20.96
N HIS A 338 -28.63 -38.17 19.82
CA HIS A 338 -29.92 -38.85 19.78
C HIS A 338 -29.96 -40.01 20.77
N GLU A 339 -28.87 -40.75 20.88
CA GLU A 339 -28.80 -41.89 21.79
C GLU A 339 -28.47 -41.50 23.22
N SER A 340 -28.14 -40.23 23.47
CA SER A 340 -27.67 -39.81 24.79
C SER A 340 -28.79 -39.46 25.74
N VAL A 341 -29.97 -39.08 25.25
CA VAL A 341 -31.05 -38.63 26.10
C VAL A 341 -32.34 -39.32 25.70
N ASP A 342 -33.26 -39.45 26.66
CA ASP A 342 -34.53 -40.12 26.42
C ASP A 342 -35.61 -39.19 25.89
N PHE A 343 -35.41 -37.88 26.01
CA PHE A 343 -36.36 -36.92 25.45
C PHE A 343 -35.89 -36.54 24.05
N GLN A 344 -36.66 -35.65 23.41
CA GLN A 344 -36.33 -35.20 22.06
C GLN A 344 -35.52 -33.90 22.15
N PRO A 345 -34.22 -33.93 21.92
CA PRO A 345 -33.41 -32.72 22.07
C PRO A 345 -33.56 -31.79 20.88
N VAL A 346 -33.38 -30.49 21.13
CA VAL A 346 -33.36 -29.50 20.07
C VAL A 346 -31.92 -29.00 19.95
N VAL A 347 -31.37 -29.11 18.73
CA VAL A 347 -29.95 -28.94 18.49
C VAL A 347 -29.78 -27.77 17.51
N PHE A 348 -29.33 -26.64 18.03
CA PHE A 348 -29.20 -25.41 17.24
C PHE A 348 -27.78 -25.32 16.70
N VAL A 349 -27.66 -25.28 15.37
CA VAL A 349 -26.38 -25.10 14.70
C VAL A 349 -26.39 -23.70 14.12
N VAL A 350 -25.57 -22.81 14.71
CA VAL A 350 -25.60 -21.38 14.42
C VAL A 350 -24.19 -20.90 14.19
N LEU A 351 -23.97 -20.26 13.04
CA LEU A 351 -22.69 -19.66 12.70
C LEU A 351 -22.92 -18.76 11.50
N ASP A 352 -21.88 -18.01 11.13
CA ASP A 352 -21.94 -17.21 9.91
C ASP A 352 -22.27 -18.11 8.73
N GLY A 353 -23.15 -17.63 7.85
CA GLY A 353 -23.53 -18.45 6.72
C GLY A 353 -22.74 -18.23 5.45
N GLU A 354 -21.76 -17.32 5.44
CA GLU A 354 -21.09 -17.02 4.19
C GLU A 354 -19.57 -17.02 4.29
N ASN A 355 -19.00 -17.26 5.47
CA ASN A 355 -17.57 -17.03 5.66
C ASN A 355 -16.72 -18.30 5.67
N CYS A 356 -17.31 -19.48 5.93
CA CYS A 356 -16.49 -20.67 6.06
C CYS A 356 -16.25 -21.38 4.72
N TRP A 357 -17.13 -21.21 3.74
CA TRP A 357 -17.12 -22.05 2.56
C TRP A 357 -15.93 -21.78 1.64
N GLU A 358 -15.41 -20.55 1.64
CA GLU A 358 -14.26 -20.23 0.81
C GLU A 358 -13.04 -21.09 1.13
N TYR A 359 -12.96 -21.62 2.36
CA TYR A 359 -11.84 -22.46 2.75
C TYR A 359 -12.08 -23.95 2.49
N TYR A 360 -13.29 -24.32 2.08
CA TYR A 360 -13.58 -25.70 1.70
C TYR A 360 -13.23 -25.91 0.23
N GLU A 361 -12.88 -27.15 -0.11
CA GLU A 361 -12.80 -27.55 -1.51
C GLU A 361 -14.10 -27.24 -2.23
N GLU A 362 -13.99 -26.58 -3.38
CA GLU A 362 -15.14 -26.36 -4.25
C GLU A 362 -16.23 -25.54 -3.54
N ASN A 363 -15.80 -24.59 -2.71
CA ASN A 363 -16.71 -23.69 -2.00
C ASN A 363 -17.68 -24.45 -1.09
N GLY A 364 -17.26 -25.60 -0.57
CA GLY A 364 -18.13 -26.35 0.33
C GLY A 364 -19.33 -26.99 -0.30
N ILE A 365 -19.45 -26.95 -1.62
CA ILE A 365 -20.62 -27.49 -2.31
C ILE A 365 -20.66 -29.00 -2.14
N PRO A 366 -19.56 -29.75 -2.35
CA PRO A 366 -19.62 -31.19 -2.06
C PRO A 366 -20.01 -31.50 -0.63
N PHE A 367 -19.53 -30.71 0.32
CA PHE A 367 -19.89 -30.95 1.72
C PHE A 367 -21.38 -30.70 1.96
N LEU A 368 -21.87 -29.52 1.55
CA LEU A 368 -23.26 -29.18 1.86
C LEU A 368 -24.24 -30.06 1.11
N GLU A 369 -23.92 -30.41 -0.14
CA GLU A 369 -24.80 -31.33 -0.87
C GLU A 369 -24.84 -32.69 -0.20
N LYS A 370 -23.69 -33.23 0.20
CA LYS A 370 -23.68 -34.51 0.91
C LYS A 370 -24.34 -34.38 2.28
N LEU A 371 -24.07 -33.30 3.00
CA LEU A 371 -24.70 -33.11 4.31
C LEU A 371 -26.22 -33.08 4.19
N TYR A 372 -26.74 -32.23 3.31
CA TYR A 372 -28.18 -32.07 3.19
C TYR A 372 -28.83 -33.31 2.64
N SER A 373 -28.16 -34.00 1.71
CA SER A 373 -28.67 -35.27 1.20
C SER A 373 -28.77 -36.31 2.31
N THR A 374 -27.73 -36.41 3.15
CA THR A 374 -27.72 -37.42 4.20
C THR A 374 -28.72 -37.08 5.31
N LEU A 375 -28.89 -35.79 5.60
CA LEU A 375 -29.82 -35.38 6.65
C LEU A 375 -31.25 -35.77 6.30
N GLU A 376 -31.68 -35.47 5.07
CA GLU A 376 -33.06 -35.73 4.67
C GLU A 376 -33.39 -37.21 4.60
N LYS A 377 -32.40 -38.10 4.63
CA LYS A 377 -32.66 -39.53 4.64
C LYS A 377 -32.74 -40.12 6.04
N GLU A 378 -32.42 -39.35 7.08
CA GLU A 378 -32.40 -39.88 8.44
C GLU A 378 -33.78 -39.73 9.05
N GLU A 379 -34.42 -40.87 9.33
CA GLU A 379 -35.77 -40.84 9.88
C GLU A 379 -35.81 -40.24 11.28
N TRP A 380 -34.73 -40.41 12.05
CA TRP A 380 -34.68 -39.95 13.43
C TRP A 380 -34.24 -38.50 13.55
N ILE A 381 -33.98 -37.81 12.45
CA ILE A 381 -33.68 -36.37 12.44
C ILE A 381 -34.85 -35.65 11.79
N GLU A 382 -35.35 -34.62 12.47
CA GLU A 382 -36.30 -33.69 11.86
C GLU A 382 -35.70 -32.29 11.95
N THR A 383 -35.31 -31.73 10.81
CA THR A 383 -34.89 -30.34 10.81
C THR A 383 -36.12 -29.44 10.96
N LEU A 384 -35.92 -28.32 11.64
CA LEU A 384 -37.00 -27.42 12.01
C LEU A 384 -36.74 -26.01 11.51
N THR A 385 -37.82 -25.31 11.19
CA THR A 385 -37.76 -23.86 11.10
C THR A 385 -37.69 -23.26 12.51
N LEU A 386 -37.27 -22.00 12.59
CA LEU A 386 -37.30 -21.31 13.86
C LEU A 386 -38.71 -21.27 14.44
N GLU A 387 -39.72 -21.08 13.58
CA GLU A 387 -41.10 -21.10 14.04
C GLU A 387 -41.48 -22.45 14.64
N GLU A 388 -41.06 -23.53 13.99
CA GLU A 388 -41.36 -24.86 14.50
C GLU A 388 -40.61 -25.13 15.79
N ALA A 389 -39.38 -24.63 15.92
CA ALA A 389 -38.64 -24.82 17.16
C ALA A 389 -39.25 -24.00 18.31
N MET A 390 -39.82 -22.84 17.99
CA MET A 390 -40.44 -22.02 19.04
C MET A 390 -41.73 -22.63 19.55
N ARG A 391 -42.47 -23.35 18.68
CA ARG A 391 -43.79 -23.83 19.04
C ARG A 391 -43.84 -25.30 19.43
N LYS A 392 -42.83 -26.09 19.05
CA LYS A 392 -42.85 -27.54 19.24
C LYS A 392 -43.19 -27.91 20.69
N GLU A 393 -44.19 -28.76 20.86
CA GLU A 393 -44.70 -29.10 22.18
C GLU A 393 -43.93 -30.25 22.84
N ASP A 394 -43.50 -31.23 22.07
CA ASP A 394 -42.81 -32.40 22.62
C ASP A 394 -41.32 -32.13 22.81
N VAL A 395 -41.01 -30.99 23.42
CA VAL A 395 -39.66 -30.52 23.66
C VAL A 395 -39.57 -30.10 25.12
N LYS A 396 -38.42 -30.34 25.75
CA LYS A 396 -38.25 -30.03 27.17
C LYS A 396 -37.86 -28.56 27.34
N THR A 397 -38.20 -28.03 28.52
CA THR A 397 -38.30 -26.59 28.73
C THR A 397 -37.68 -26.24 30.08
N GLU A 398 -37.13 -25.04 30.18
CA GLU A 398 -36.54 -24.58 31.44
C GLU A 398 -36.64 -23.06 31.53
N VAL A 399 -36.77 -22.56 32.75
CA VAL A 399 -36.81 -21.13 33.03
C VAL A 399 -35.44 -20.72 33.56
N ILE A 400 -34.91 -19.62 33.04
CA ILE A 400 -33.66 -19.03 33.50
C ILE A 400 -33.95 -17.59 33.90
N GLU A 401 -33.35 -17.13 34.99
CA GLU A 401 -33.66 -15.81 35.51
C GLU A 401 -32.55 -14.79 35.31
N SER A 402 -31.36 -15.22 34.93
CA SER A 402 -30.24 -14.29 34.79
C SER A 402 -29.14 -14.93 33.95
N VAL A 403 -28.53 -14.14 33.07
CA VAL A 403 -27.38 -14.57 32.29
C VAL A 403 -26.23 -13.60 32.57
N LYS A 404 -25.01 -14.11 32.37
CA LYS A 404 -23.81 -13.29 32.41
C LYS A 404 -23.56 -12.74 31.02
N ALA A 405 -23.53 -11.42 30.90
CA ALA A 405 -23.31 -10.76 29.60
C ALA A 405 -22.07 -11.33 28.91
N GLY A 406 -22.15 -11.48 27.60
CA GLY A 406 -21.02 -12.00 26.85
C GLY A 406 -21.35 -12.15 25.38
N THR A 407 -20.41 -12.74 24.65
CA THR A 407 -20.52 -13.02 23.22
C THR A 407 -20.12 -14.46 22.97
N TRP A 408 -20.21 -14.90 21.71
CA TRP A 408 -19.72 -16.22 21.38
C TRP A 408 -18.22 -16.25 21.14
N PHE A 409 -17.53 -15.12 21.30
CA PHE A 409 -16.06 -15.08 21.29
C PHE A 409 -15.59 -15.08 22.74
N ASP A 410 -15.22 -16.26 23.23
CA ASP A 410 -14.67 -16.46 24.58
C ASP A 410 -15.64 -16.07 25.69
N GLY A 411 -16.91 -15.83 25.37
CA GLY A 411 -17.85 -15.38 26.38
C GLY A 411 -17.66 -13.98 26.89
N ASN A 412 -16.86 -13.14 26.22
CA ASN A 412 -16.59 -11.80 26.72
C ASN A 412 -16.57 -10.83 25.54
N PHE A 413 -16.21 -9.57 25.82
CA PHE A 413 -16.30 -8.49 24.85
C PHE A 413 -14.94 -8.00 24.37
N LEU A 414 -13.86 -8.74 24.64
CA LEU A 414 -12.51 -8.24 24.40
C LEU A 414 -12.18 -8.08 22.92
N LYS A 415 -12.94 -8.71 22.02
CA LYS A 415 -12.67 -8.52 20.60
C LYS A 415 -13.13 -7.16 20.10
N TRP A 416 -13.90 -6.41 20.88
CA TRP A 416 -14.42 -5.12 20.47
C TRP A 416 -14.12 -3.98 21.42
N ILE A 417 -13.52 -4.24 22.58
CA ILE A 417 -13.25 -3.19 23.55
C ILE A 417 -12.19 -3.71 24.50
N GLY A 418 -11.33 -2.82 24.98
CA GLY A 418 -10.36 -3.22 25.98
C GLY A 418 -8.95 -2.72 25.77
N ASN A 419 -8.40 -2.91 24.57
CA ASN A 419 -7.05 -2.40 24.36
C ASN A 419 -7.11 -0.95 23.90
N LYS A 420 -5.93 -0.33 23.85
CA LYS A 420 -5.83 1.10 23.56
C LYS A 420 -6.54 1.47 22.26
N GLU A 421 -6.33 0.67 21.21
CA GLU A 421 -6.81 1.05 19.89
C GLU A 421 -8.32 0.89 19.76
N LYS A 422 -8.87 -0.23 20.24
CA LYS A 422 -10.32 -0.37 20.23
C LYS A 422 -10.98 0.66 21.13
N ASN A 423 -10.38 0.95 22.27
CA ASN A 423 -10.94 1.96 23.17
C ASN A 423 -10.94 3.33 22.52
N GLU A 424 -9.92 3.62 21.70
CA GLU A 424 -9.90 4.89 20.98
C GLU A 424 -11.09 5.02 20.04
N TYR A 425 -11.52 3.91 19.43
CA TYR A 425 -12.72 3.95 18.61
C TYR A 425 -13.95 4.31 19.44
N TRP A 426 -14.09 3.71 20.63
CA TRP A 426 -15.21 4.05 21.49
C TRP A 426 -15.13 5.50 21.97
N LYS A 427 -13.92 5.98 22.29
CA LYS A 427 -13.74 7.39 22.60
C LYS A 427 -14.27 8.27 21.47
N ILE A 428 -13.87 7.95 20.24
CA ILE A 428 -14.31 8.70 19.07
C ILE A 428 -15.82 8.62 18.95
N LEU A 429 -16.37 7.42 19.11
CA LEU A 429 -17.82 7.26 19.04
C LEU A 429 -18.53 8.09 20.11
N ILE A 430 -18.02 8.05 21.35
CA ILE A 430 -18.67 8.75 22.45
C ILE A 430 -18.70 10.26 22.18
N GLU A 431 -17.54 10.83 21.82
CA GLU A 431 -17.48 12.26 21.52
C GLU A 431 -18.43 12.62 20.39
N ALA A 432 -18.44 11.81 19.32
CA ALA A 432 -19.30 12.10 18.17
C ALA A 432 -20.77 12.01 18.53
N LYS A 433 -21.13 11.06 19.40
CA LYS A 433 -22.52 10.93 19.85
C LYS A 433 -22.99 12.20 20.54
N LYS A 434 -22.11 12.87 21.27
CA LYS A 434 -22.46 14.15 21.89
C LYS A 434 -22.95 15.16 20.86
N LYS A 435 -22.41 15.11 19.65
CA LYS A 435 -22.73 16.09 18.61
C LYS A 435 -23.49 15.48 17.44
N ALA A 436 -23.99 14.26 17.57
CA ALA A 436 -24.62 13.59 16.44
C ALA A 436 -25.92 14.28 16.05
N LYS A 437 -26.19 14.30 14.74
CA LYS A 437 -27.38 14.92 14.22
C LYS A 437 -28.17 14.04 13.26
N ASN A 438 -27.71 12.83 12.96
CA ASN A 438 -28.45 11.94 12.07
C ASN A 438 -28.05 10.50 12.38
N ASP A 439 -28.62 9.57 11.62
CA ASP A 439 -28.50 8.13 11.88
C ASP A 439 -27.19 7.52 11.40
N TYR A 440 -26.27 8.30 10.85
CA TYR A 440 -24.96 7.76 10.57
C TYR A 440 -24.21 7.38 11.83
N ILE A 441 -24.59 7.95 12.97
CA ILE A 441 -24.06 7.52 14.26
C ILE A 441 -24.42 6.06 14.53
N LEU A 442 -25.59 5.62 14.04
CA LEU A 442 -25.95 4.22 14.19
C LEU A 442 -25.06 3.32 13.34
N VAL A 443 -24.69 3.79 12.14
CA VAL A 443 -23.79 3.00 11.28
C VAL A 443 -22.45 2.82 11.96
N ALA A 444 -21.96 3.85 12.64
CA ALA A 444 -20.67 3.77 13.33
C ALA A 444 -20.72 2.92 14.58
N GLU A 445 -21.91 2.59 15.07
CA GLU A 445 -22.04 1.69 16.22
C GLU A 445 -21.99 0.22 15.82
N GLY A 446 -21.87 -0.07 14.53
CA GLY A 446 -21.77 -1.46 14.10
C GLY A 446 -20.52 -2.12 14.66
N SER A 447 -20.67 -3.40 15.02
CA SER A 447 -19.59 -4.11 15.71
C SER A 447 -18.35 -4.29 14.84
N ASP A 448 -18.52 -4.32 13.51
CA ASP A 448 -17.42 -4.65 12.61
C ASP A 448 -16.24 -3.70 12.75
N TRP A 449 -16.51 -2.40 12.91
CA TRP A 449 -15.43 -1.42 12.95
C TRP A 449 -14.49 -1.69 14.11
N PHE A 450 -15.04 -2.04 15.28
CA PHE A 450 -14.23 -2.32 16.46
C PHE A 450 -13.51 -3.65 16.35
N TRP A 451 -14.11 -4.61 15.65
CA TRP A 451 -13.48 -5.91 15.44
C TRP A 451 -12.14 -5.77 14.74
N TRP A 452 -12.09 -4.97 13.67
CA TRP A 452 -10.86 -4.85 12.88
C TRP A 452 -9.85 -3.89 13.49
N GLN A 453 -10.28 -3.04 14.41
CA GLN A 453 -9.41 -2.06 15.03
C GLN A 453 -8.56 -2.71 16.12
N GLY A 454 -7.32 -2.25 16.26
CA GLY A 454 -6.46 -2.78 17.30
C GLY A 454 -6.00 -4.19 17.06
N GLU A 455 -5.76 -4.52 15.80
CA GLU A 455 -5.29 -5.82 15.40
C GLU A 455 -4.06 -5.73 14.54
N GLU A 456 -3.38 -6.85 14.34
CA GLU A 456 -2.22 -6.86 13.51
C GLU A 456 -2.59 -6.34 12.13
N LYS A 457 -1.78 -5.48 11.60
CA LYS A 457 -2.03 -4.93 10.32
C LYS A 457 -2.34 -6.01 9.28
N ALA A 458 -3.41 -5.81 8.56
CA ALA A 458 -3.82 -6.69 7.47
C ALA A 458 -4.15 -5.84 6.25
N PRO A 459 -4.09 -6.41 5.05
CA PRO A 459 -4.52 -5.65 3.87
C PRO A 459 -5.99 -5.26 3.98
N PHE A 460 -6.27 -4.01 3.62
CA PHE A 460 -7.58 -3.36 3.56
C PHE A 460 -8.13 -2.96 4.93
N VAL A 461 -7.40 -3.18 6.03
CA VAL A 461 -7.86 -2.66 7.31
C VAL A 461 -7.97 -1.14 7.27
N GLU A 462 -7.19 -0.48 6.42
CA GLU A 462 -7.32 0.97 6.26
C GLU A 462 -8.70 1.35 5.78
N VAL A 463 -9.35 0.48 5.00
CA VAL A 463 -10.66 0.83 4.45
C VAL A 463 -11.73 0.82 5.54
N PHE A 464 -11.70 -0.18 6.43
CA PHE A 464 -12.65 -0.19 7.54
C PHE A 464 -12.46 1.03 8.43
N ASP A 465 -11.20 1.43 8.66
CA ASP A 465 -10.93 2.62 9.44
C ASP A 465 -11.44 3.87 8.74
N LYS A 466 -11.23 3.96 7.42
CA LYS A 466 -11.73 5.08 6.65
C LYS A 466 -13.26 5.14 6.72
N LEU A 467 -13.92 3.99 6.58
CA LEU A 467 -15.37 3.95 6.64
C LEU A 467 -15.87 4.40 8.01
N PHE A 468 -15.36 3.80 9.08
CA PHE A 468 -15.80 4.15 10.42
C PHE A 468 -15.64 5.65 10.67
N ARG A 469 -14.47 6.19 10.37
CA ARG A 469 -14.23 7.61 10.63
C ARG A 469 -15.10 8.48 9.73
N SER A 470 -15.39 8.03 8.52
CA SER A 470 -16.25 8.81 7.63
C SER A 470 -17.69 8.82 8.13
N PHE A 471 -18.18 7.68 8.61
CA PHE A 471 -19.52 7.65 9.20
C PHE A 471 -19.58 8.51 10.46
N VAL A 472 -18.52 8.48 11.27
CA VAL A 472 -18.46 9.34 12.45
C VAL A 472 -18.50 10.81 12.04
N ARG A 473 -17.70 11.19 11.05
CA ARG A 473 -17.71 12.57 10.59
C ARG A 473 -19.07 12.95 10.02
N ARG A 474 -19.63 12.11 9.16
CA ARG A 474 -20.90 12.41 8.53
C ARG A 474 -22.03 12.48 9.55
N ALA A 475 -21.92 11.74 10.65
CA ALA A 475 -22.98 11.72 11.66
C ALA A 475 -23.17 13.08 12.33
N GLN A 476 -22.16 13.95 12.29
CA GLN A 476 -22.18 15.22 13.01
C GLN A 476 -22.51 16.41 12.13
N GLU A 477 -22.84 16.20 10.87
CA GLU A 477 -23.04 17.32 9.96
C GLU A 477 -24.52 17.53 9.62
N MET B 1 -10.99 -43.08 -3.74
CA MET B 1 -9.82 -42.45 -3.14
C MET B 1 -8.44 -43.16 -3.21
N LYS B 2 -8.27 -44.38 -3.73
CA LYS B 2 -9.21 -45.19 -4.51
C LYS B 2 -10.12 -46.07 -3.65
N LYS B 3 -11.40 -46.15 -4.01
CA LYS B 3 -12.37 -46.87 -3.22
C LYS B 3 -12.73 -48.21 -3.85
N LEU B 4 -13.21 -49.11 -3.00
CA LEU B 4 -13.89 -50.32 -3.42
C LEU B 4 -15.39 -50.10 -3.26
N PHE B 5 -16.15 -50.35 -4.32
CA PHE B 5 -17.60 -50.19 -4.30
C PHE B 5 -18.24 -51.54 -4.06
N LEU B 6 -19.06 -51.62 -3.01
CA LEU B 6 -19.64 -52.87 -2.54
C LEU B 6 -21.16 -52.77 -2.64
N VAL B 7 -21.78 -53.75 -3.30
CA VAL B 7 -23.21 -53.73 -3.54
C VAL B 7 -23.81 -55.03 -3.00
N PHE B 8 -24.59 -54.92 -1.94
CA PHE B 8 -25.37 -56.05 -1.44
C PHE B 8 -26.73 -56.04 -2.12
N TRP B 9 -27.16 -57.20 -2.62
CA TRP B 9 -28.46 -57.35 -3.25
C TRP B 9 -29.09 -58.63 -2.69
N TRP B 10 -29.99 -58.44 -1.72
CA TRP B 10 -30.64 -59.54 -1.01
C TRP B 10 -31.97 -59.86 -1.68
N HIS B 11 -32.08 -61.09 -2.20
CA HIS B 11 -33.22 -61.49 -3.02
C HIS B 11 -34.23 -62.26 -2.17
N MET B 12 -35.46 -61.76 -2.12
CA MET B 12 -36.54 -62.31 -1.30
C MET B 12 -37.62 -62.89 -2.20
N HIS B 13 -37.99 -64.14 -1.94
CA HIS B 13 -38.97 -64.82 -2.79
C HIS B 13 -39.64 -65.94 -2.01
N GLN B 14 -40.94 -66.12 -2.26
CA GLN B 14 -41.65 -67.34 -1.86
C GLN B 14 -42.58 -67.70 -3.02
N PRO B 15 -42.61 -68.95 -3.45
CA PRO B 15 -43.63 -69.37 -4.42
C PRO B 15 -45.00 -69.34 -3.76
N LEU B 16 -46.04 -69.36 -4.59
CA LEU B 16 -47.41 -69.21 -4.09
C LEU B 16 -47.82 -70.48 -3.35
N TYR B 17 -47.94 -70.38 -2.02
CA TYR B 17 -48.36 -71.51 -1.19
C TYR B 17 -49.86 -71.61 -1.06
N ARG B 18 -50.61 -70.72 -1.69
CA ARG B 18 -52.06 -70.62 -1.50
C ARG B 18 -52.76 -71.50 -2.53
N GLU B 19 -53.32 -72.60 -2.06
CA GLU B 19 -54.05 -73.51 -2.94
C GLU B 19 -55.27 -72.82 -3.54
N PRO B 20 -55.44 -72.84 -4.87
CA PRO B 20 -56.48 -71.99 -5.48
C PRO B 20 -57.91 -72.44 -5.22
N TYR B 21 -58.14 -73.69 -4.83
CA TYR B 21 -59.52 -74.13 -4.62
C TYR B 21 -59.97 -73.96 -3.18
N THR B 22 -59.10 -74.27 -2.22
CA THR B 22 -59.42 -74.09 -0.81
C THR B 22 -58.97 -72.74 -0.26
N GLY B 23 -58.14 -72.01 -0.99
CA GLY B 23 -57.61 -70.75 -0.50
C GLY B 23 -56.68 -70.88 0.69
N GLU B 24 -56.24 -72.10 1.00
CA GLU B 24 -55.39 -72.33 2.17
C GLU B 24 -53.92 -72.24 1.79
N TYR B 25 -53.13 -71.66 2.68
CA TYR B 25 -51.68 -71.70 2.57
C TYR B 25 -51.21 -73.05 3.11
N LEU B 26 -50.71 -73.90 2.22
CA LEU B 26 -50.41 -75.28 2.58
C LEU B 26 -49.07 -75.43 3.28
N LEU B 27 -48.19 -74.45 3.14
CA LEU B 27 -46.95 -74.36 3.88
C LEU B 27 -46.84 -72.98 4.51
N PRO B 28 -46.24 -72.88 5.71
CA PRO B 28 -46.16 -71.59 6.41
C PRO B 28 -44.89 -70.79 6.11
N TRP B 29 -44.14 -71.15 5.06
CA TRP B 29 -42.81 -70.60 4.88
C TRP B 29 -42.84 -69.08 4.69
N THR B 30 -43.86 -68.56 4.01
CA THR B 30 -43.94 -67.12 3.86
C THR B 30 -44.13 -66.44 5.22
N PHE B 31 -44.99 -67.00 6.07
CA PHE B 31 -45.19 -66.43 7.40
C PHE B 31 -43.89 -66.44 8.20
N PHE B 32 -43.19 -67.58 8.24
CA PHE B 32 -42.04 -67.70 9.10
C PHE B 32 -40.88 -66.82 8.63
N HIS B 33 -40.63 -66.79 7.32
CA HIS B 33 -39.58 -65.91 6.84
C HIS B 33 -39.99 -64.44 6.89
N ALA B 34 -41.29 -64.15 6.86
CA ALA B 34 -41.73 -62.77 7.06
C ALA B 34 -41.38 -62.28 8.46
N VAL B 35 -41.74 -63.04 9.48
CA VAL B 35 -41.49 -62.59 10.85
C VAL B 35 -40.00 -62.66 11.18
N LYS B 36 -39.26 -63.55 10.51
CA LYS B 36 -37.85 -63.70 10.79
C LYS B 36 -36.99 -62.76 9.94
N ASP B 37 -37.26 -62.69 8.63
CA ASP B 37 -36.28 -62.11 7.73
C ASP B 37 -36.76 -60.91 6.92
N TYR B 38 -38.01 -60.91 6.45
CA TYR B 38 -38.39 -59.93 5.43
C TYR B 38 -38.55 -58.52 5.98
N TYR B 39 -38.96 -58.37 7.24
CA TYR B 39 -38.92 -57.05 7.84
C TYR B 39 -37.52 -56.72 8.37
N ASP B 40 -36.87 -57.69 8.99
CA ASP B 40 -35.66 -57.41 9.74
C ASP B 40 -34.45 -57.15 8.87
N MET B 41 -34.39 -57.76 7.67
CA MET B 41 -33.23 -57.51 6.81
C MET B 41 -33.15 -56.07 6.35
N PRO B 42 -34.22 -55.44 5.84
CA PRO B 42 -34.14 -53.99 5.59
C PRO B 42 -34.06 -53.16 6.87
N ALA B 43 -34.59 -53.68 7.98
CA ALA B 43 -34.60 -52.90 9.22
C ALA B 43 -33.19 -52.63 9.74
N TYR B 44 -32.20 -53.43 9.34
CA TYR B 44 -30.81 -53.15 9.70
C TYR B 44 -30.40 -51.76 9.25
N LEU B 45 -30.95 -51.28 8.13
CA LEU B 45 -30.63 -49.95 7.62
C LEU B 45 -31.05 -48.84 8.57
N LYS B 46 -31.88 -49.14 9.57
CA LYS B 46 -32.23 -48.14 10.58
C LYS B 46 -31.08 -47.87 11.54
N ASP B 47 -30.21 -48.84 11.77
CA ASP B 47 -29.17 -48.74 12.79
C ASP B 47 -27.77 -48.59 12.22
N PHE B 48 -27.56 -48.86 10.94
CA PHE B 48 -26.22 -48.88 10.35
C PHE B 48 -26.20 -47.98 9.12
N GLU B 49 -25.18 -47.12 9.03
CA GLU B 49 -25.10 -46.11 7.98
C GLU B 49 -24.39 -46.68 6.74
N ILE B 50 -25.10 -47.59 6.07
CA ILE B 50 -24.64 -48.20 4.83
C ILE B 50 -25.82 -48.26 3.87
N LYS B 51 -25.56 -48.79 2.68
CA LYS B 51 -26.60 -49.05 1.69
C LYS B 51 -26.77 -50.55 1.53
N LEU B 52 -28.02 -50.98 1.45
CA LEU B 52 -28.36 -52.39 1.24
C LEU B 52 -29.52 -52.45 0.25
N ASN B 53 -29.42 -53.34 -0.73
CA ASN B 53 -30.44 -53.45 -1.76
C ASN B 53 -31.21 -54.77 -1.62
N PHE B 54 -32.42 -54.77 -2.16
CA PHE B 54 -33.35 -55.87 -1.96
C PHE B 54 -34.12 -56.15 -3.23
N ASN B 55 -34.37 -57.44 -3.48
CA ASN B 55 -35.29 -57.89 -4.51
C ASN B 55 -36.51 -58.49 -3.82
N LEU B 56 -37.70 -58.06 -4.24
CA LEU B 56 -38.96 -58.63 -3.80
C LEU B 56 -39.71 -59.14 -5.02
N THR B 57 -39.93 -60.45 -5.10
CA THR B 57 -40.75 -60.97 -6.19
C THR B 57 -42.21 -60.58 -5.97
N PRO B 58 -42.95 -60.31 -7.04
CA PRO B 58 -44.35 -59.92 -6.87
C PRO B 58 -45.20 -61.00 -6.20
N VAL B 59 -44.92 -62.28 -6.46
CA VAL B 59 -45.71 -63.33 -5.82
C VAL B 59 -45.47 -63.34 -4.32
N LEU B 60 -44.24 -63.03 -3.87
CA LEU B 60 -44.02 -62.85 -2.44
C LEU B 60 -44.80 -61.65 -1.91
N ILE B 61 -44.84 -60.56 -2.67
CA ILE B 61 -45.53 -59.36 -2.21
C ILE B 61 -47.01 -59.64 -2.00
N ASP B 62 -47.63 -60.36 -2.94
CA ASP B 62 -49.03 -60.75 -2.80
C ASP B 62 -49.27 -61.47 -1.47
N GLN B 63 -48.40 -62.41 -1.13
CA GLN B 63 -48.61 -63.23 0.06
C GLN B 63 -48.41 -62.43 1.33
N ILE B 64 -47.40 -61.55 1.36
CA ILE B 64 -47.23 -60.66 2.51
C ILE B 64 -48.47 -59.79 2.70
N GLN B 65 -48.99 -59.24 1.60
CA GLN B 65 -50.21 -58.44 1.67
C GLN B 65 -51.36 -59.23 2.28
N GLU B 66 -51.51 -60.49 1.86
CA GLU B 66 -52.59 -61.33 2.37
C GLU B 66 -52.46 -61.57 3.86
N TYR B 67 -51.26 -61.95 4.32
CA TYR B 67 -51.04 -62.14 5.75
C TYR B 67 -51.28 -60.85 6.53
N ALA B 68 -50.77 -59.73 6.02
CA ALA B 68 -50.93 -58.46 6.72
C ALA B 68 -52.39 -58.02 6.81
N GLN B 69 -53.25 -58.49 5.91
CA GLN B 69 -54.67 -58.15 5.97
C GLN B 69 -55.48 -59.11 6.85
N GLY B 70 -54.85 -60.18 7.37
CA GLY B 70 -55.56 -61.15 8.16
C GLY B 70 -56.38 -62.14 7.36
N LYS B 71 -56.11 -62.27 6.06
CA LYS B 71 -56.91 -63.11 5.18
C LYS B 71 -56.28 -64.48 4.93
N ALA B 72 -55.00 -64.66 5.25
CA ALA B 72 -54.28 -65.88 4.90
C ALA B 72 -54.69 -67.02 5.82
N LYS B 73 -55.31 -68.05 5.26
CA LYS B 73 -55.67 -69.26 6.00
C LYS B 73 -54.47 -70.21 5.95
N ASP B 74 -53.56 -70.04 6.90
CA ASP B 74 -52.33 -70.82 6.96
C ASP B 74 -52.62 -72.10 7.74
N VAL B 75 -52.52 -73.25 7.05
CA VAL B 75 -52.90 -74.53 7.66
C VAL B 75 -52.02 -74.82 8.87
N PHE B 76 -50.70 -74.70 8.69
CA PHE B 76 -49.78 -75.01 9.78
C PHE B 76 -49.92 -74.02 10.93
N LEU B 77 -50.17 -72.74 10.62
CA LEU B 77 -50.32 -71.74 11.66
C LEU B 77 -51.55 -71.98 12.52
N GLU B 78 -52.62 -72.48 11.91
CA GLU B 78 -53.82 -72.83 12.67
C GLU B 78 -53.50 -73.91 13.70
N ALA B 79 -52.67 -74.88 13.33
CA ALA B 79 -52.21 -75.88 14.28
C ALA B 79 -51.39 -75.26 15.40
N ILE B 80 -50.70 -74.15 15.12
CA ILE B 80 -49.96 -73.45 16.17
C ILE B 80 -50.92 -72.71 17.09
N ARG B 81 -51.89 -71.99 16.51
CA ARG B 81 -52.73 -71.09 17.31
C ARG B 81 -53.67 -71.86 18.23
N LYS B 82 -54.18 -73.02 17.76
CA LYS B 82 -55.20 -73.74 18.50
C LYS B 82 -54.69 -74.16 19.87
N ASP B 83 -55.59 -74.13 20.85
CA ASP B 83 -55.34 -74.83 22.11
C ASP B 83 -55.01 -76.28 21.81
N PRO B 84 -53.94 -76.84 22.41
CA PRO B 84 -53.58 -78.23 22.11
C PRO B 84 -54.70 -79.24 22.34
N ASP B 85 -55.68 -78.92 23.20
CA ASP B 85 -56.82 -79.81 23.38
C ASP B 85 -57.68 -79.91 22.14
N ASP B 86 -57.54 -78.98 21.19
CA ASP B 86 -58.30 -78.97 19.95
C ASP B 86 -57.52 -79.56 18.77
N LEU B 87 -56.30 -80.05 18.99
CA LEU B 87 -55.45 -80.51 17.90
C LEU B 87 -55.81 -81.93 17.47
N GLU B 88 -55.84 -82.14 16.16
CA GLU B 88 -55.97 -83.48 15.61
C GLU B 88 -54.64 -84.22 15.70
N LYS B 89 -54.72 -85.54 15.55
CA LYS B 89 -53.50 -86.35 15.57
C LYS B 89 -52.55 -85.98 14.45
N GLU B 90 -53.08 -85.74 13.25
CA GLU B 90 -52.22 -85.39 12.13
C GLU B 90 -51.70 -83.97 12.23
N GLU B 91 -52.42 -83.06 12.90
CA GLU B 91 -51.89 -81.74 13.17
C GLU B 91 -50.69 -81.83 14.12
N VAL B 92 -50.86 -82.57 15.21
CA VAL B 92 -49.78 -82.94 16.11
C VAL B 92 -48.63 -83.46 15.27
N GLU B 93 -48.91 -84.50 14.46
CA GLU B 93 -47.87 -85.12 13.64
C GLU B 93 -47.11 -84.10 12.80
N LYS B 94 -47.82 -83.12 12.23
CA LYS B 94 -47.15 -82.14 11.37
C LYS B 94 -46.31 -81.17 12.19
N LEU B 95 -46.74 -80.87 13.42
CA LEU B 95 -45.92 -80.03 14.27
C LEU B 95 -44.61 -80.72 14.65
N ILE B 96 -44.67 -82.02 14.97
CA ILE B 96 -43.45 -82.76 15.28
C ILE B 96 -42.59 -82.90 14.03
N GLU B 97 -43.22 -83.10 12.87
CA GLU B 97 -42.47 -83.20 11.62
C GLU B 97 -41.75 -81.89 11.32
N PHE B 98 -42.43 -80.76 11.53
CA PHE B 98 -41.82 -79.46 11.32
C PHE B 98 -40.63 -79.25 12.26
N THR B 99 -40.81 -79.61 13.53
CA THR B 99 -39.72 -79.47 14.50
C THR B 99 -38.53 -80.35 14.12
N LYS B 100 -38.78 -81.60 13.75
CA LYS B 100 -37.69 -82.49 13.35
C LYS B 100 -36.95 -81.92 12.14
N LEU B 101 -37.69 -81.33 11.20
CA LEU B 101 -37.09 -80.73 10.02
C LEU B 101 -36.08 -79.66 10.37
N ASN B 102 -36.42 -78.78 11.32
CA ASN B 102 -35.58 -77.64 11.68
C ASN B 102 -34.76 -77.88 12.93
N TYR B 103 -34.72 -79.12 13.42
CA TYR B 103 -34.24 -79.39 14.77
C TYR B 103 -32.77 -79.07 14.95
N GLU B 104 -31.96 -79.32 13.92
CA GLU B 104 -30.52 -79.13 14.04
C GLU B 104 -30.07 -77.70 13.76
N LYS B 105 -30.99 -76.81 13.35
CA LYS B 105 -30.61 -75.44 13.06
C LYS B 105 -30.41 -74.65 14.35
N PRO B 106 -29.44 -73.73 14.39
CA PRO B 106 -29.14 -73.01 15.64
C PRO B 106 -30.31 -72.20 16.18
N ILE B 107 -31.20 -71.68 15.33
CA ILE B 107 -32.34 -70.93 15.84
C ILE B 107 -33.33 -71.80 16.58
N TYR B 108 -33.19 -73.11 16.49
CA TYR B 108 -34.01 -74.06 17.25
C TYR B 108 -33.32 -74.56 18.51
N ARG B 109 -32.23 -73.92 18.94
CA ARG B 109 -31.50 -74.41 20.11
C ARG B 109 -32.15 -73.90 21.40
N PHE B 110 -33.20 -74.60 21.79
CA PHE B 110 -33.79 -74.52 23.12
C PHE B 110 -33.71 -75.91 23.75
N GLU B 111 -33.17 -75.98 24.97
CA GLU B 111 -33.10 -77.28 25.65
C GLU B 111 -34.48 -77.90 25.80
N ARG B 112 -35.52 -77.07 25.97
CA ARG B 112 -36.87 -77.60 26.09
C ARG B 112 -37.29 -78.33 24.83
N ILE B 113 -36.86 -77.84 23.66
CA ILE B 113 -37.20 -78.52 22.40
C ILE B 113 -36.62 -79.93 22.41
N ARG B 114 -35.39 -80.06 22.89
CA ARG B 114 -34.76 -81.36 22.87
C ARG B 114 -35.43 -82.31 23.87
N GLU B 115 -35.95 -81.76 24.96
CA GLU B 115 -36.71 -82.57 25.91
C GLU B 115 -38.01 -83.05 25.29
N LEU B 116 -38.71 -82.17 24.57
CA LEU B 116 -40.00 -82.53 23.98
C LEU B 116 -39.83 -83.62 22.93
N MET B 117 -38.76 -83.54 22.15
CA MET B 117 -38.55 -84.48 21.05
C MET B 117 -38.06 -85.85 21.51
N ASN B 118 -37.70 -86.00 22.79
CA ASN B 118 -37.34 -87.29 23.35
C ASN B 118 -38.47 -87.92 24.16
N LYS B 119 -39.70 -87.49 23.93
CA LYS B 119 -40.85 -87.97 24.68
C LYS B 119 -41.78 -88.77 23.77
N GLU B 120 -42.43 -89.78 24.37
CA GLU B 120 -43.27 -90.68 23.61
C GLU B 120 -44.54 -89.99 23.13
N LYS B 121 -45.33 -89.47 24.06
CA LYS B 121 -46.50 -88.68 23.75
C LYS B 121 -46.38 -87.33 24.46
N LEU B 122 -47.25 -86.40 24.10
CA LEU B 122 -47.16 -85.03 24.56
C LEU B 122 -48.47 -84.62 25.20
N ASN B 123 -48.42 -84.15 26.44
CA ASN B 123 -49.60 -83.63 27.10
C ASN B 123 -49.85 -82.18 26.65
N ARG B 124 -50.91 -81.58 27.19
CA ARG B 124 -51.34 -80.28 26.71
C ARG B 124 -50.27 -79.20 26.97
N GLU B 125 -49.66 -79.23 28.15
CA GLU B 125 -48.63 -78.24 28.44
C GLU B 125 -47.40 -78.43 27.56
N GLU B 126 -47.04 -79.69 27.28
CA GLU B 126 -45.86 -79.95 26.47
C GLU B 126 -46.11 -79.62 25.00
N LEU B 127 -47.32 -79.86 24.50
CA LEU B 127 -47.66 -79.41 23.16
C LEU B 127 -47.68 -77.89 23.07
N LEU B 128 -48.15 -77.23 24.12
CA LEU B 128 -48.10 -75.76 24.18
C LEU B 128 -46.67 -75.26 24.05
N ASP B 129 -45.73 -75.93 24.71
CA ASP B 129 -44.33 -75.56 24.56
C ASP B 129 -43.84 -75.77 23.13
N LEU B 130 -44.28 -76.87 22.50
CA LEU B 130 -43.85 -77.15 21.14
C LEU B 130 -44.35 -76.08 20.17
N GLN B 131 -45.63 -75.71 20.28
CA GLN B 131 -46.17 -74.66 19.43
C GLN B 131 -45.44 -73.34 19.62
N THR B 132 -45.29 -72.92 20.88
CA THR B 132 -44.74 -71.60 21.15
C THR B 132 -43.25 -71.53 20.83
N LEU B 133 -42.49 -72.57 21.18
CA LEU B 133 -41.07 -72.56 20.86
C LEU B 133 -40.84 -72.61 19.35
N ASN B 134 -41.75 -73.25 18.61
CA ASN B 134 -41.65 -73.21 17.15
C ASN B 134 -41.83 -71.78 16.65
N LEU B 135 -42.78 -71.04 17.24
CA LEU B 135 -42.94 -69.64 16.89
C LEU B 135 -41.69 -68.84 17.27
N LEU B 136 -41.22 -69.01 18.50
CA LEU B 136 -40.10 -68.20 19.00
C LEU B 136 -38.81 -68.52 18.27
N ALA B 137 -38.64 -69.75 17.79
CA ALA B 137 -37.43 -70.09 17.04
C ALA B 137 -37.25 -69.18 15.83
N TRP B 138 -38.35 -68.67 15.26
CA TRP B 138 -38.31 -67.83 14.07
C TRP B 138 -38.37 -66.34 14.39
N CYS B 139 -38.07 -65.96 15.63
CA CYS B 139 -38.15 -64.56 16.03
C CYS B 139 -37.05 -63.75 15.36
N GLY B 140 -37.43 -62.65 14.73
CA GLY B 140 -36.48 -61.78 14.07
C GLY B 140 -35.75 -60.88 15.04
N ARG B 141 -34.81 -60.11 14.47
CA ARG B 141 -33.95 -59.27 15.30
C ARG B 141 -34.75 -58.24 16.09
N THR B 142 -35.74 -57.60 15.45
CA THR B 142 -36.48 -56.53 16.10
C THR B 142 -37.19 -57.01 17.36
N LEU B 143 -37.93 -58.11 17.24
CA LEU B 143 -38.73 -58.60 18.35
C LEU B 143 -37.91 -59.34 19.39
N ARG B 144 -36.68 -59.75 19.05
CA ARG B 144 -35.85 -60.44 20.03
C ARG B 144 -35.56 -59.57 21.25
N LYS B 145 -35.88 -58.28 21.20
CA LYS B 145 -35.83 -57.42 22.39
C LYS B 145 -37.13 -57.51 23.20
N ASP B 146 -38.27 -57.24 22.55
CA ASP B 146 -39.55 -57.23 23.25
C ASP B 146 -39.86 -58.59 23.87
N LEU B 147 -39.51 -59.67 23.17
CA LEU B 147 -39.83 -61.02 23.60
C LEU B 147 -38.73 -61.68 24.41
N LYS B 148 -37.79 -60.88 24.95
CA LYS B 148 -36.65 -61.44 25.67
C LYS B 148 -37.10 -62.23 26.90
N ASP B 149 -38.05 -61.69 27.67
CA ASP B 149 -38.62 -62.43 28.79
C ASP B 149 -39.16 -63.78 28.32
N LEU B 150 -40.00 -63.76 27.28
CA LEU B 150 -40.57 -65.01 26.77
C LEU B 150 -39.48 -65.93 26.25
N LEU B 151 -38.51 -65.38 25.51
CA LEU B 151 -37.44 -66.20 24.96
C LEU B 151 -36.60 -66.82 26.07
N ASN B 152 -36.38 -66.09 27.17
CA ASN B 152 -35.60 -66.63 28.27
C ASN B 152 -36.42 -67.55 29.17
N LYS B 153 -37.75 -67.52 29.07
CA LYS B 153 -38.57 -68.43 29.87
C LYS B 153 -38.19 -69.87 29.60
N GLY B 154 -38.01 -70.23 28.32
CA GLY B 154 -37.54 -71.52 27.90
C GLY B 154 -38.59 -72.61 27.87
N ARG B 155 -39.62 -72.51 28.70
CA ARG B 155 -40.59 -73.59 28.86
C ARG B 155 -41.82 -73.02 29.56
N ASN B 156 -42.85 -73.88 29.70
CA ASN B 156 -44.04 -73.57 30.49
C ASN B 156 -44.81 -72.37 29.94
N TYR B 157 -44.93 -72.31 28.62
CA TYR B 157 -45.68 -71.23 27.99
C TYR B 157 -47.18 -71.48 28.10
N THR B 158 -47.95 -70.41 28.15
CA THR B 158 -49.40 -70.47 28.18
C THR B 158 -49.98 -70.12 26.83
N GLN B 159 -51.27 -70.48 26.67
CA GLN B 159 -52.00 -70.13 25.45
C GLN B 159 -52.01 -68.62 25.23
N GLU B 160 -52.14 -67.85 26.30
CA GLU B 160 -52.17 -66.39 26.18
C GLU B 160 -50.84 -65.84 25.70
N GLU B 161 -49.73 -66.38 26.22
CA GLU B 161 -48.42 -65.92 25.79
C GLU B 161 -48.17 -66.28 24.32
N LYS B 162 -48.63 -67.46 23.90
CA LYS B 162 -48.49 -67.85 22.51
C LYS B 162 -49.29 -66.92 21.60
N GLU B 163 -50.48 -66.51 22.03
CA GLU B 163 -51.25 -65.55 21.25
C GLU B 163 -50.56 -64.20 21.22
N TYR B 164 -49.88 -63.83 22.30
CA TYR B 164 -49.16 -62.57 22.35
C TYR B 164 -48.05 -62.55 21.30
N VAL B 165 -47.29 -63.64 21.20
CA VAL B 165 -46.25 -63.75 20.18
C VAL B 165 -46.85 -63.64 18.79
N LEU B 166 -47.98 -64.31 18.55
CA LEU B 166 -48.64 -64.23 17.25
C LEU B 166 -49.09 -62.81 16.95
N ASN B 167 -49.56 -62.09 17.97
CA ASN B 167 -49.92 -60.69 17.78
C ASN B 167 -48.71 -59.88 17.32
N LYS B 168 -47.58 -60.02 18.02
CA LYS B 168 -46.39 -59.27 17.66
C LYS B 168 -45.88 -59.64 16.28
N TYR B 169 -45.97 -60.93 15.92
CA TYR B 169 -45.50 -61.36 14.61
C TYR B 169 -46.33 -60.73 13.50
N PHE B 170 -47.63 -60.62 13.71
CA PHE B 170 -48.48 -60.02 12.68
C PHE B 170 -48.31 -58.50 12.63
N GLU B 171 -47.97 -57.87 13.75
CA GLU B 171 -47.58 -56.46 13.69
C GLU B 171 -46.37 -56.27 12.79
N ILE B 172 -45.42 -57.20 12.85
CA ILE B 172 -44.22 -57.11 12.01
C ILE B 172 -44.57 -57.34 10.54
N ILE B 173 -45.44 -58.32 10.25
CA ILE B 173 -45.88 -58.54 8.87
C ILE B 173 -46.59 -57.30 8.33
N LYS B 174 -47.41 -56.67 9.17
CA LYS B 174 -48.16 -55.49 8.75
C LYS B 174 -47.26 -54.31 8.40
N LYS B 175 -46.03 -54.28 8.91
CA LYS B 175 -45.11 -53.17 8.66
C LYS B 175 -44.06 -53.48 7.61
N THR B 176 -44.13 -54.65 6.96
CA THR B 176 -43.02 -55.12 6.15
C THR B 176 -42.91 -54.38 4.82
N LEU B 177 -43.99 -54.33 4.05
CA LEU B 177 -43.96 -53.56 2.81
C LEU B 177 -43.65 -52.09 3.08
N SER B 178 -44.09 -51.56 4.22
CA SER B 178 -43.86 -50.15 4.52
C SER B 178 -42.38 -49.86 4.67
N ILE B 179 -41.64 -50.77 5.27
CA ILE B 179 -40.24 -50.46 5.54
C ILE B 179 -39.42 -50.55 4.26
N TYR B 180 -39.84 -51.37 3.29
CA TYR B 180 -39.17 -51.36 1.99
C TYR B 180 -39.41 -50.03 1.28
N ARG B 181 -40.65 -49.52 1.33
CA ARG B 181 -40.94 -48.19 0.80
C ARG B 181 -40.04 -47.15 1.47
N GLU B 182 -39.92 -47.24 2.79
CA GLU B 182 -39.16 -46.24 3.54
C GLU B 182 -37.70 -46.20 3.13
N ILE B 183 -37.03 -47.35 3.15
CA ILE B 183 -35.61 -47.33 2.81
C ILE B 183 -35.42 -46.92 1.36
N LYS B 184 -36.39 -47.22 0.50
CA LYS B 184 -36.30 -46.80 -0.89
C LYS B 184 -36.40 -45.29 -1.02
N GLU B 185 -37.38 -44.68 -0.35
CA GLU B 185 -37.58 -43.25 -0.48
C GLU B 185 -36.45 -42.46 0.19
N GLU B 186 -35.81 -43.03 1.22
CA GLU B 186 -34.67 -42.40 1.86
C GLU B 186 -33.35 -42.74 1.20
N GLY B 187 -33.36 -43.35 0.02
CA GLY B 187 -32.12 -43.69 -0.65
C GLY B 187 -31.16 -44.53 0.18
N LYS B 188 -31.66 -45.28 1.15
CA LYS B 188 -30.81 -46.23 1.86
C LYS B 188 -30.65 -47.53 1.10
N GLY B 189 -31.47 -47.76 0.08
CA GLY B 189 -31.35 -48.93 -0.74
C GLY B 189 -32.23 -48.85 -1.96
N SER B 190 -31.85 -49.55 -3.01
CA SER B 190 -32.72 -49.74 -4.16
C SER B 190 -33.52 -51.01 -3.97
N VAL B 191 -34.73 -51.02 -4.53
CA VAL B 191 -35.60 -52.19 -4.50
C VAL B 191 -35.88 -52.61 -5.92
N SER B 192 -35.54 -53.85 -6.24
CA SER B 192 -35.84 -54.44 -7.53
C SER B 192 -36.99 -55.43 -7.38
N THR B 193 -37.45 -55.96 -8.50
CA THR B 193 -38.37 -57.08 -8.48
C THR B 193 -37.92 -58.07 -9.55
N SER B 194 -38.69 -59.15 -9.69
CA SER B 194 -38.41 -60.19 -10.68
C SER B 194 -39.66 -60.39 -11.52
N PRO B 195 -39.53 -61.05 -12.68
CA PRO B 195 -40.72 -61.55 -13.37
C PRO B 195 -41.65 -62.26 -12.40
N TYR B 196 -42.95 -61.98 -12.55
CA TYR B 196 -43.94 -62.13 -11.49
C TYR B 196 -43.80 -63.38 -10.64
N TYR B 197 -43.83 -64.56 -11.26
CA TYR B 197 -43.85 -65.81 -10.50
C TYR B 197 -42.49 -66.50 -10.47
N HIS B 198 -41.40 -65.74 -10.65
CA HIS B 198 -40.04 -66.25 -10.59
C HIS B 198 -39.81 -67.38 -11.60
N PRO B 199 -40.17 -67.21 -12.87
CA PRO B 199 -39.93 -68.28 -13.85
C PRO B 199 -38.50 -68.23 -14.38
N LEU B 200 -38.16 -69.25 -15.17
CA LEU B 200 -36.89 -69.26 -15.90
C LEU B 200 -37.14 -68.63 -17.26
N ILE B 201 -36.90 -67.32 -17.35
CA ILE B 201 -37.26 -66.58 -18.57
C ILE B 201 -36.56 -67.12 -19.81
N PRO B 202 -35.27 -67.46 -19.80
CA PRO B 202 -34.64 -67.96 -21.04
C PRO B 202 -35.31 -69.22 -21.60
N ILE B 203 -35.80 -70.11 -20.74
CA ILE B 203 -36.48 -71.30 -21.20
C ILE B 203 -37.82 -70.94 -21.84
N LEU B 204 -38.57 -70.04 -21.20
CA LEU B 204 -39.85 -69.63 -21.76
C LEU B 204 -39.68 -68.98 -23.13
N LEU B 205 -38.61 -68.20 -23.32
CA LEU B 205 -38.39 -67.56 -24.61
C LEU B 205 -37.87 -68.54 -25.66
N ASN B 206 -36.97 -69.43 -25.29
CA ASN B 206 -36.35 -70.36 -26.22
C ASN B 206 -35.82 -71.56 -25.45
N PRO B 207 -36.60 -72.64 -25.33
CA PRO B 207 -36.13 -73.80 -24.56
C PRO B 207 -34.87 -74.43 -25.12
N ASN B 208 -34.52 -74.16 -26.38
CA ASN B 208 -33.28 -74.68 -26.95
C ASN B 208 -32.04 -74.05 -26.32
N CYS B 209 -32.17 -73.00 -25.52
CA CYS B 209 -31.00 -72.39 -24.89
C CYS B 209 -30.33 -73.30 -23.86
N VAL B 210 -31.00 -74.38 -23.44
CA VAL B 210 -30.35 -75.33 -22.53
C VAL B 210 -29.19 -76.03 -23.20
N TYR B 211 -29.21 -76.18 -24.53
CA TYR B 211 -28.13 -76.88 -25.22
C TYR B 211 -26.85 -76.07 -25.25
N GLU B 212 -26.91 -74.77 -24.96
CA GLU B 212 -25.71 -73.95 -25.02
C GLU B 212 -24.70 -74.35 -23.96
N THR B 213 -25.13 -74.94 -22.86
CA THR B 213 -24.25 -75.38 -21.79
C THR B 213 -24.29 -76.86 -21.51
N THR B 214 -25.41 -77.53 -21.78
CA THR B 214 -25.54 -78.98 -21.62
C THR B 214 -26.07 -79.52 -22.94
N PRO B 215 -25.20 -79.66 -23.95
CA PRO B 215 -25.69 -80.06 -25.28
C PRO B 215 -26.33 -81.43 -25.34
N ASN B 216 -25.97 -82.35 -24.42
CA ASN B 216 -26.48 -83.71 -24.46
C ASN B 216 -27.74 -83.88 -23.62
N VAL B 217 -28.36 -82.78 -23.19
CA VAL B 217 -29.54 -82.89 -22.33
C VAL B 217 -30.74 -83.31 -23.16
N LYS B 218 -31.63 -84.08 -22.55
CA LYS B 218 -32.92 -84.43 -23.14
C LYS B 218 -33.99 -83.56 -22.51
N ILE B 219 -34.73 -82.84 -23.35
CA ILE B 219 -35.84 -82.01 -22.87
C ILE B 219 -37.09 -82.38 -23.64
N PRO B 220 -38.27 -82.12 -23.07
CA PRO B 220 -39.51 -82.46 -23.76
C PRO B 220 -39.72 -81.63 -25.01
N ASP B 221 -40.72 -82.04 -25.78
CA ASP B 221 -41.12 -81.35 -27.00
C ASP B 221 -41.97 -80.15 -26.62
N PHE B 222 -41.35 -78.97 -26.59
CA PHE B 222 -42.07 -77.72 -26.35
C PHE B 222 -42.90 -77.39 -27.58
N ALA B 223 -44.05 -78.06 -27.69
CA ALA B 223 -44.95 -77.94 -28.83
C ALA B 223 -45.81 -76.69 -28.79
N VAL B 224 -45.59 -75.80 -27.81
CA VAL B 224 -46.38 -74.59 -27.69
C VAL B 224 -45.47 -73.47 -27.24
N SER B 225 -45.84 -72.23 -27.56
CA SER B 225 -45.00 -71.06 -27.32
C SER B 225 -45.25 -70.48 -25.93
N PHE B 226 -44.16 -70.22 -25.21
CA PHE B 226 -44.23 -69.54 -23.92
C PHE B 226 -43.69 -68.12 -24.00
N ARG B 227 -43.44 -67.61 -25.21
CA ARG B 227 -42.79 -66.30 -25.35
C ARG B 227 -43.68 -65.17 -24.82
N GLU B 228 -44.98 -65.24 -25.05
CA GLU B 228 -45.85 -64.16 -24.59
C GLU B 228 -46.05 -64.22 -23.08
N ASP B 229 -45.94 -65.41 -22.47
CA ASP B 229 -46.02 -65.49 -21.02
C ASP B 229 -44.79 -64.86 -20.38
N ALA B 230 -43.61 -65.09 -20.95
CA ALA B 230 -42.39 -64.45 -20.45
C ALA B 230 -42.59 -62.94 -20.36
N SER B 231 -43.14 -62.34 -21.42
CA SER B 231 -43.42 -60.91 -21.42
C SER B 231 -44.43 -60.54 -20.34
N LYS B 232 -45.47 -61.37 -20.13
CA LYS B 232 -46.48 -61.04 -19.13
C LYS B 232 -45.91 -61.14 -17.72
N HIS B 233 -45.00 -62.08 -17.48
CA HIS B 233 -44.34 -62.13 -16.17
C HIS B 233 -43.63 -60.81 -15.87
N VAL B 234 -43.02 -60.21 -16.88
CA VAL B 234 -42.29 -58.96 -16.68
C VAL B 234 -43.25 -57.78 -16.60
N GLU B 235 -44.27 -57.77 -17.47
CA GLU B 235 -45.23 -56.67 -17.48
C GLU B 235 -46.05 -56.63 -16.20
N LEU B 236 -46.52 -57.79 -15.74
CA LEU B 236 -47.28 -57.84 -14.50
C LEU B 236 -46.41 -57.46 -13.31
N ALA B 237 -45.13 -57.82 -13.35
CA ALA B 237 -44.21 -57.44 -12.26
C ALA B 237 -44.05 -55.93 -12.20
N LYS B 238 -43.97 -55.27 -13.36
CA LYS B 238 -43.85 -53.81 -13.38
C LYS B 238 -45.08 -53.13 -12.78
N GLU B 239 -46.26 -53.72 -13.01
CA GLU B 239 -47.49 -53.16 -12.48
C GLU B 239 -47.58 -53.35 -10.96
N LYS B 240 -47.22 -54.52 -10.47
CA LYS B 240 -47.25 -54.75 -9.03
C LYS B 240 -46.22 -53.88 -8.31
N TYR B 241 -45.03 -53.74 -8.90
CA TYR B 241 -44.00 -52.89 -8.31
C TYR B 241 -44.45 -51.44 -8.26
N PHE B 242 -45.16 -50.98 -9.30
CA PHE B 242 -45.69 -49.62 -9.28
C PHE B 242 -46.73 -49.44 -8.19
N GLU B 243 -47.59 -50.45 -7.99
CA GLU B 243 -48.61 -50.34 -6.95
C GLU B 243 -47.96 -50.08 -5.60
N ILE B 244 -46.84 -50.74 -5.31
CA ILE B 244 -46.24 -50.66 -3.99
C ILE B 244 -45.34 -49.44 -3.87
N PHE B 245 -44.50 -49.19 -4.88
CA PHE B 245 -43.43 -48.21 -4.74
C PHE B 245 -43.62 -46.94 -5.57
N GLY B 246 -44.59 -46.92 -6.48
CA GLY B 246 -44.92 -45.70 -7.18
C GLY B 246 -44.04 -45.35 -8.36
N GLU B 247 -43.17 -46.26 -8.80
CA GLU B 247 -42.46 -46.10 -10.05
C GLU B 247 -42.48 -47.43 -10.80
N HIS B 248 -42.20 -47.36 -12.09
CA HIS B 248 -41.85 -48.60 -12.77
C HIS B 248 -40.43 -49.00 -12.36
N PRO B 249 -40.17 -50.29 -12.16
CA PRO B 249 -38.82 -50.70 -11.76
C PRO B 249 -37.86 -50.57 -12.94
N VAL B 250 -36.68 -50.05 -12.66
CA VAL B 250 -35.62 -50.02 -13.67
C VAL B 250 -34.56 -51.09 -13.40
N TYR B 251 -34.60 -51.75 -12.25
CA TYR B 251 -33.72 -52.87 -11.94
C TYR B 251 -34.56 -54.11 -11.73
N MET B 252 -34.05 -55.25 -12.19
CA MET B 252 -34.70 -56.51 -11.97
C MET B 252 -33.67 -57.57 -11.65
N TRP B 253 -34.02 -58.47 -10.73
CA TRP B 253 -33.21 -59.65 -10.49
C TRP B 253 -33.75 -60.78 -11.35
N PRO B 254 -32.98 -61.30 -12.29
CA PRO B 254 -33.44 -62.45 -13.08
C PRO B 254 -33.45 -63.69 -12.21
N PRO B 255 -34.58 -64.39 -12.15
CA PRO B 255 -34.68 -65.56 -11.25
C PRO B 255 -33.56 -66.55 -11.51
N GLN B 256 -32.95 -67.02 -10.42
CA GLN B 256 -31.82 -67.95 -10.47
C GLN B 256 -30.64 -67.37 -11.25
N ALA B 257 -30.54 -66.03 -11.28
CA ALA B 257 -29.54 -65.32 -12.09
C ALA B 257 -29.65 -65.65 -13.57
N SER B 258 -30.77 -66.25 -13.99
CA SER B 258 -30.82 -66.86 -15.31
C SER B 258 -30.90 -65.81 -16.41
N VAL B 259 -29.98 -65.89 -17.37
CA VAL B 259 -29.97 -64.98 -18.49
C VAL B 259 -29.68 -65.74 -19.78
N SER B 260 -30.07 -65.11 -20.88
CA SER B 260 -29.72 -65.52 -22.24
C SER B 260 -29.75 -64.26 -23.07
N ASN B 261 -29.26 -64.36 -24.31
CA ASN B 261 -29.29 -63.19 -25.19
C ASN B 261 -30.72 -62.70 -25.38
N GLU B 262 -31.67 -63.62 -25.50
CA GLU B 262 -33.06 -63.21 -25.70
C GLU B 262 -33.68 -62.69 -24.41
N ALA B 263 -33.33 -63.27 -23.27
CA ALA B 263 -33.84 -62.72 -22.01
C ALA B 263 -33.34 -61.31 -21.78
N LEU B 264 -32.07 -61.06 -22.07
CA LEU B 264 -31.52 -59.72 -21.89
C LEU B 264 -32.21 -58.71 -22.80
N GLU B 265 -32.53 -59.12 -24.04
CA GLU B 265 -33.25 -58.22 -24.93
C GLU B 265 -34.67 -57.97 -24.43
N LEU B 266 -35.31 -59.00 -23.86
CA LEU B 266 -36.65 -58.81 -23.31
C LEU B 266 -36.66 -57.80 -22.16
N TYR B 267 -35.74 -57.95 -21.21
CA TYR B 267 -35.66 -56.99 -20.11
C TYR B 267 -35.41 -55.58 -20.63
N TYR B 268 -34.50 -55.44 -21.60
CA TYR B 268 -34.25 -54.12 -22.17
C TYR B 268 -35.52 -53.53 -22.77
N GLU B 269 -36.23 -54.31 -23.58
CA GLU B 269 -37.43 -53.79 -24.23
C GLU B 269 -38.53 -53.46 -23.23
N LYS B 270 -38.53 -54.08 -22.05
CA LYS B 270 -39.50 -53.77 -21.02
C LYS B 270 -39.05 -52.63 -20.11
N GLY B 271 -38.01 -51.89 -20.50
CA GLY B 271 -37.57 -50.72 -19.76
C GLY B 271 -36.64 -51.00 -18.59
N ILE B 272 -36.06 -52.20 -18.51
CA ILE B 272 -35.11 -52.51 -17.44
C ILE B 272 -33.74 -51.98 -17.84
N ASN B 273 -33.15 -51.16 -16.97
CA ASN B 273 -31.87 -50.52 -17.25
C ASN B 273 -30.68 -51.32 -16.74
N MET B 274 -30.88 -52.18 -15.74
CA MET B 274 -29.75 -52.90 -15.16
C MET B 274 -30.25 -54.15 -14.46
N LEU B 275 -29.50 -55.24 -14.62
CA LEU B 275 -29.72 -56.44 -13.83
C LEU B 275 -28.36 -56.98 -13.41
N ALA B 276 -28.37 -58.02 -12.60
CA ALA B 276 -27.16 -58.77 -12.29
C ALA B 276 -27.37 -60.24 -12.63
N THR B 277 -26.27 -60.93 -12.84
CA THR B 277 -26.32 -62.37 -13.06
C THR B 277 -25.04 -62.96 -12.45
N ASP B 278 -24.73 -64.20 -12.79
CA ASP B 278 -23.70 -64.93 -12.08
C ASP B 278 -22.35 -64.89 -12.79
N GLU B 279 -21.30 -65.01 -11.98
CA GLU B 279 -19.92 -64.98 -12.48
C GLU B 279 -19.62 -66.18 -13.39
N VAL B 280 -20.26 -67.32 -13.15
CA VAL B 280 -20.07 -68.48 -14.03
C VAL B 280 -20.56 -68.15 -15.43
N ILE B 281 -21.64 -67.36 -15.53
CA ILE B 281 -22.14 -66.93 -16.83
C ILE B 281 -21.08 -66.09 -17.55
N LEU B 282 -20.44 -65.17 -16.81
CA LEU B 282 -19.35 -64.39 -17.38
C LEU B 282 -18.22 -65.30 -17.84
N LYS B 283 -17.82 -66.25 -16.99
CA LYS B 283 -16.74 -67.17 -17.34
C LYS B 283 -17.09 -67.98 -18.57
N ASN B 284 -18.35 -68.39 -18.71
CA ASN B 284 -18.78 -69.17 -19.86
C ASN B 284 -18.86 -68.33 -21.13
N SER B 285 -18.97 -67.01 -21.00
CA SER B 285 -19.25 -66.12 -22.13
C SER B 285 -18.02 -65.38 -22.64
N VAL B 286 -17.07 -65.02 -21.77
CA VAL B 286 -15.93 -64.23 -22.19
C VAL B 286 -14.64 -64.83 -21.64
N GLU B 287 -13.55 -64.57 -22.35
CA GLU B 287 -12.22 -65.01 -21.90
C GLU B 287 -11.73 -64.14 -20.74
N ARG B 288 -11.64 -62.83 -20.97
CA ARG B 288 -11.12 -61.87 -19.98
C ARG B 288 -12.26 -61.46 -19.06
N ALA B 289 -12.47 -62.24 -18.01
CA ALA B 289 -13.72 -62.19 -17.24
C ALA B 289 -13.45 -61.65 -15.84
N SER B 290 -13.50 -60.32 -15.70
CA SER B 290 -13.46 -59.74 -14.36
C SER B 290 -14.85 -59.31 -13.94
N PRO B 291 -15.35 -59.77 -12.79
CA PRO B 291 -16.68 -59.36 -12.34
C PRO B 291 -16.73 -57.97 -11.72
N TYR B 292 -15.65 -57.21 -11.74
CA TYR B 292 -15.59 -55.92 -11.06
C TYR B 292 -15.92 -54.75 -11.99
N LEU B 293 -16.35 -55.03 -13.21
CA LEU B 293 -16.68 -54.02 -14.20
C LEU B 293 -18.19 -53.84 -14.30
N ARG B 294 -18.61 -52.68 -14.76
CA ARG B 294 -20.00 -52.49 -15.17
C ARG B 294 -20.09 -52.81 -16.66
N TYR B 295 -20.84 -53.85 -17.00
CA TYR B 295 -20.91 -54.32 -18.38
C TYR B 295 -22.14 -53.74 -19.09
N TYR B 296 -21.98 -53.50 -20.39
CA TYR B 296 -23.05 -53.00 -21.24
C TYR B 296 -23.33 -54.07 -22.28
N PHE B 297 -24.46 -54.76 -22.14
CA PHE B 297 -24.85 -55.80 -23.09
C PHE B 297 -25.39 -55.13 -24.35
N ARG B 298 -24.62 -55.22 -25.44
CA ARG B 298 -24.98 -54.65 -26.74
C ARG B 298 -25.33 -53.16 -26.63
N GLU B 299 -24.82 -52.50 -25.60
CA GLU B 299 -25.06 -51.09 -25.33
C GLU B 299 -26.55 -50.79 -25.14
N LEU B 300 -27.30 -51.81 -24.73
CA LEU B 300 -28.73 -51.67 -24.44
C LEU B 300 -29.02 -51.62 -22.95
N ILE B 301 -28.41 -52.51 -22.17
CA ILE B 301 -28.76 -52.72 -20.78
C ILE B 301 -27.49 -52.99 -19.98
N SER B 302 -27.41 -52.43 -18.78
CA SER B 302 -26.26 -52.63 -17.92
C SER B 302 -26.38 -53.96 -17.18
N VAL B 303 -25.25 -54.64 -17.02
CA VAL B 303 -25.21 -55.97 -16.41
C VAL B 303 -24.03 -56.01 -15.46
N PHE B 304 -24.28 -56.41 -14.22
CA PHE B 304 -23.22 -56.69 -13.27
C PHE B 304 -23.14 -58.19 -13.02
N PHE B 305 -21.93 -58.70 -12.89
CA PHE B 305 -21.73 -60.11 -12.56
C PHE B 305 -21.33 -60.19 -11.10
N ARG B 306 -22.10 -60.95 -10.32
CA ARG B 306 -21.85 -61.00 -8.89
C ARG B 306 -20.54 -61.71 -8.60
N ASP B 307 -19.92 -61.36 -7.48
CA ASP B 307 -18.76 -62.08 -6.98
C ASP B 307 -19.27 -63.36 -6.34
N LYS B 308 -19.09 -64.47 -7.06
CA LYS B 308 -19.62 -65.75 -6.61
C LYS B 308 -19.00 -66.18 -5.29
N THR B 309 -17.68 -66.02 -5.15
CA THR B 309 -17.00 -66.48 -3.94
C THR B 309 -17.52 -65.74 -2.70
N LEU B 310 -17.59 -64.41 -2.76
CA LEU B 310 -18.08 -63.65 -1.61
C LEU B 310 -19.54 -63.96 -1.30
N SER B 311 -20.36 -64.11 -2.34
CA SER B 311 -21.76 -64.45 -2.13
C SER B 311 -21.90 -65.82 -1.47
N ASP B 312 -21.10 -66.80 -1.91
CA ASP B 312 -21.19 -68.15 -1.36
C ASP B 312 -20.59 -68.23 0.04
N LEU B 313 -19.61 -67.38 0.36
CA LEU B 313 -19.08 -67.36 1.73
C LEU B 313 -20.18 -67.10 2.74
N ILE B 314 -21.03 -66.10 2.46
CA ILE B 314 -22.13 -65.81 3.37
C ILE B 314 -23.18 -66.92 3.31
N GLY B 315 -23.46 -67.42 2.11
CA GLY B 315 -24.53 -68.39 1.95
C GLY B 315 -24.20 -69.77 2.47
N PHE B 316 -22.92 -70.18 2.40
CA PHE B 316 -22.62 -71.58 2.65
C PHE B 316 -21.55 -71.80 3.72
N SER B 317 -20.64 -70.85 3.93
CA SER B 317 -19.51 -71.10 4.82
C SER B 317 -19.65 -70.45 6.19
N TYR B 318 -19.98 -69.16 6.24
CA TYR B 318 -19.80 -68.36 7.45
C TYR B 318 -20.70 -68.80 8.61
N HIS B 319 -21.74 -69.59 8.34
CA HIS B 319 -22.63 -70.02 9.42
C HIS B 319 -21.87 -70.76 10.52
N ALA B 320 -20.80 -71.48 10.16
CA ALA B 320 -20.03 -72.25 11.12
C ALA B 320 -18.83 -71.49 11.70
N TRP B 321 -18.64 -70.23 11.30
CA TRP B 321 -17.55 -69.43 11.84
C TRP B 321 -18.03 -68.59 13.01
N ASN B 322 -17.11 -68.26 13.91
CA ASN B 322 -17.36 -67.20 14.87
C ASN B 322 -17.59 -65.90 14.13
N ALA B 323 -18.60 -65.14 14.57
CA ALA B 323 -19.03 -63.95 13.85
C ALA B 323 -17.86 -62.99 13.62
N GLU B 324 -17.10 -62.69 14.67
CA GLU B 324 -15.99 -61.77 14.54
C GLU B 324 -14.99 -62.27 13.50
N ASP B 325 -14.69 -63.56 13.51
CA ASP B 325 -13.69 -64.09 12.58
C ASP B 325 -14.16 -64.09 11.13
N ALA B 326 -15.46 -64.28 10.90
CA ALA B 326 -15.96 -64.29 9.52
C ALA B 326 -15.90 -62.89 8.91
N VAL B 327 -16.23 -61.86 9.70
CA VAL B 327 -16.18 -60.49 9.21
C VAL B 327 -14.75 -60.08 8.87
N ARG B 328 -13.78 -60.48 9.70
CA ARG B 328 -12.38 -60.18 9.38
C ARG B 328 -11.97 -60.87 8.09
N ASP B 329 -12.40 -62.12 7.89
CA ASP B 329 -12.11 -62.83 6.65
C ASP B 329 -12.77 -62.13 5.47
N PHE B 330 -14.01 -61.68 5.63
CA PHE B 330 -14.72 -61.00 4.55
C PHE B 330 -14.03 -59.69 4.20
N ILE B 331 -13.77 -58.85 5.20
CA ILE B 331 -13.09 -57.58 4.96
C ILE B 331 -11.71 -57.83 4.37
N GLY B 332 -11.03 -58.88 4.86
CA GLY B 332 -9.72 -59.21 4.32
C GLY B 332 -9.77 -59.53 2.84
N ARG B 333 -10.85 -60.18 2.39
CA ARG B 333 -10.99 -60.47 0.97
C ARG B 333 -11.27 -59.21 0.16
N LEU B 334 -12.11 -58.31 0.69
CA LEU B 334 -12.30 -57.02 0.06
C LEU B 334 -10.99 -56.25 -0.04
N LYS B 335 -10.16 -56.33 0.99
CA LYS B 335 -8.84 -55.71 0.94
C LYS B 335 -8.04 -56.24 -0.24
N LYS B 336 -8.01 -57.57 -0.41
CA LYS B 336 -7.22 -58.15 -1.48
C LYS B 336 -7.78 -57.79 -2.85
N ILE B 337 -9.10 -57.63 -2.97
CA ILE B 337 -9.67 -57.12 -4.22
C ILE B 337 -9.21 -55.69 -4.45
N HIS B 338 -9.30 -54.86 -3.41
CA HIS B 338 -8.88 -53.46 -3.51
C HIS B 338 -7.43 -53.35 -3.95
N GLU B 339 -6.55 -54.19 -3.41
CA GLU B 339 -5.13 -54.17 -3.74
C GLU B 339 -4.83 -54.78 -5.09
N SER B 340 -5.79 -55.45 -5.73
CA SER B 340 -5.52 -56.23 -6.93
C SER B 340 -5.76 -55.48 -8.23
N VAL B 341 -6.39 -54.31 -8.18
CA VAL B 341 -6.85 -53.62 -9.38
C VAL B 341 -6.40 -52.18 -9.34
N ASP B 342 -6.05 -51.63 -10.50
CA ASP B 342 -5.63 -50.24 -10.64
C ASP B 342 -6.79 -49.27 -10.55
N PHE B 343 -8.01 -49.75 -10.71
CA PHE B 343 -9.21 -48.93 -10.77
C PHE B 343 -10.07 -49.20 -9.55
N GLN B 344 -11.25 -48.58 -9.52
CA GLN B 344 -12.18 -48.74 -8.41
C GLN B 344 -13.14 -49.88 -8.74
N PRO B 345 -13.00 -51.06 -8.13
CA PRO B 345 -13.80 -52.21 -8.53
C PRO B 345 -15.21 -52.15 -7.94
N VAL B 346 -16.16 -52.71 -8.69
CA VAL B 346 -17.54 -52.85 -8.24
C VAL B 346 -17.78 -54.32 -7.91
N VAL B 347 -18.11 -54.58 -6.65
CA VAL B 347 -18.16 -55.93 -6.09
C VAL B 347 -19.59 -56.21 -5.67
N PHE B 348 -20.29 -57.02 -6.45
CA PHE B 348 -21.70 -57.34 -6.20
C PHE B 348 -21.79 -58.61 -5.35
N VAL B 349 -22.42 -58.50 -4.19
CA VAL B 349 -22.70 -59.62 -3.31
C VAL B 349 -24.20 -59.88 -3.40
N VAL B 350 -24.58 -60.99 -4.05
CA VAL B 350 -25.97 -61.26 -4.40
C VAL B 350 -26.28 -62.70 -4.05
N LEU B 351 -27.28 -62.90 -3.20
CA LEU B 351 -27.76 -64.23 -2.85
C LEU B 351 -29.15 -64.08 -2.23
N ASP B 352 -29.77 -65.21 -1.92
CA ASP B 352 -31.05 -65.19 -1.22
C ASP B 352 -30.90 -64.46 0.10
N GLY B 353 -31.92 -63.67 0.45
CA GLY B 353 -31.85 -62.86 1.64
C GLY B 353 -32.44 -63.45 2.89
N GLU B 354 -33.07 -64.63 2.80
CA GLU B 354 -33.77 -65.17 3.95
C GLU B 354 -33.46 -66.63 4.26
N ASN B 355 -32.55 -67.27 3.52
CA ASN B 355 -32.39 -68.72 3.64
C ASN B 355 -31.15 -69.18 4.38
N CYS B 356 -30.13 -68.33 4.52
CA CYS B 356 -28.90 -68.75 5.18
C CYS B 356 -28.90 -68.51 6.68
N TRP B 357 -29.68 -67.53 7.16
CA TRP B 357 -29.51 -67.04 8.52
C TRP B 357 -29.94 -68.06 9.57
N GLU B 358 -30.89 -68.94 9.25
CA GLU B 358 -31.35 -69.94 10.21
C GLU B 358 -30.24 -70.89 10.64
N TYR B 359 -29.17 -71.00 9.85
CA TYR B 359 -28.03 -71.84 10.19
C TYR B 359 -26.95 -71.09 10.97
N TYR B 360 -27.05 -69.77 11.08
CA TYR B 360 -26.10 -69.01 11.86
C TYR B 360 -26.50 -68.99 13.33
N GLU B 361 -25.50 -68.85 14.20
CA GLU B 361 -25.78 -68.58 15.60
C GLU B 361 -26.66 -67.35 15.73
N GLU B 362 -27.73 -67.47 16.53
CA GLU B 362 -28.60 -66.34 16.82
C GLU B 362 -29.20 -65.75 15.55
N ASN B 363 -29.47 -66.60 14.57
CA ASN B 363 -30.11 -66.19 13.32
C ASN B 363 -29.27 -65.14 12.59
N GLY B 364 -27.95 -65.25 12.72
CA GLY B 364 -27.03 -64.41 11.97
C GLY B 364 -26.90 -62.98 12.47
N ILE B 365 -27.54 -62.65 13.58
CA ILE B 365 -27.56 -61.27 14.06
C ILE B 365 -26.16 -60.85 14.50
N PRO B 366 -25.41 -61.66 15.28
CA PRO B 366 -24.03 -61.25 15.58
C PRO B 366 -23.19 -61.03 14.33
N PHE B 367 -23.33 -61.90 13.32
CA PHE B 367 -22.56 -61.72 12.09
C PHE B 367 -22.92 -60.42 11.40
N LEU B 368 -24.21 -60.20 11.13
CA LEU B 368 -24.62 -59.04 10.36
C LEU B 368 -24.37 -57.75 11.13
N GLU B 369 -24.58 -57.76 12.44
CA GLU B 369 -24.32 -56.56 13.22
C GLU B 369 -22.83 -56.22 13.25
N LYS B 370 -21.98 -57.25 13.30
CA LYS B 370 -20.54 -57.01 13.24
C LYS B 370 -20.11 -56.59 11.84
N LEU B 371 -20.69 -57.21 10.81
CA LEU B 371 -20.34 -56.86 9.44
C LEU B 371 -20.77 -55.43 9.11
N TYR B 372 -22.03 -55.10 9.39
CA TYR B 372 -22.53 -53.77 9.06
C TYR B 372 -21.87 -52.70 9.93
N SER B 373 -21.56 -53.01 11.19
CA SER B 373 -20.84 -52.08 12.05
C SER B 373 -19.44 -51.80 11.52
N THR B 374 -18.78 -52.83 10.99
CA THR B 374 -17.46 -52.63 10.41
C THR B 374 -17.55 -51.83 9.12
N LEU B 375 -18.48 -52.21 8.24
CA LEU B 375 -18.60 -51.54 6.96
C LEU B 375 -18.96 -50.06 7.09
N GLU B 376 -19.73 -49.69 8.12
CA GLU B 376 -20.17 -48.30 8.19
C GLU B 376 -19.03 -47.35 8.51
N LYS B 377 -17.91 -47.84 9.05
CA LYS B 377 -16.79 -46.95 9.35
C LYS B 377 -15.59 -47.13 8.42
N GLU B 378 -15.56 -48.15 7.57
CA GLU B 378 -14.47 -48.25 6.60
C GLU B 378 -14.64 -47.17 5.54
N GLU B 379 -13.62 -46.33 5.37
CA GLU B 379 -13.65 -45.25 4.41
C GLU B 379 -13.22 -45.67 3.01
N TRP B 380 -12.46 -46.75 2.89
CA TRP B 380 -12.00 -47.21 1.58
C TRP B 380 -13.03 -48.11 0.90
N ILE B 381 -14.09 -48.49 1.60
CA ILE B 381 -15.22 -49.22 1.04
C ILE B 381 -16.42 -48.30 1.05
N GLU B 382 -17.09 -48.17 -0.09
CA GLU B 382 -18.35 -47.44 -0.19
C GLU B 382 -19.44 -48.41 -0.62
N THR B 383 -20.40 -48.68 0.26
CA THR B 383 -21.57 -49.45 -0.14
C THR B 383 -22.50 -48.58 -0.98
N LEU B 384 -23.03 -49.15 -2.05
CA LEU B 384 -23.83 -48.42 -3.01
C LEU B 384 -25.23 -49.01 -3.12
N THR B 385 -26.19 -48.15 -3.41
CA THR B 385 -27.47 -48.58 -3.94
C THR B 385 -27.29 -49.08 -5.37
N LEU B 386 -28.30 -49.79 -5.87
CA LEU B 386 -28.27 -50.21 -7.27
C LEU B 386 -28.24 -49.00 -8.19
N GLU B 387 -29.02 -47.97 -7.84
CA GLU B 387 -29.03 -46.73 -8.62
C GLU B 387 -27.64 -46.11 -8.68
N GLU B 388 -26.93 -46.09 -7.54
CA GLU B 388 -25.60 -45.50 -7.54
C GLU B 388 -24.61 -46.37 -8.31
N ALA B 389 -24.76 -47.70 -8.24
CA ALA B 389 -23.90 -48.58 -9.02
C ALA B 389 -24.14 -48.40 -10.50
N MET B 390 -25.38 -48.12 -10.89
CA MET B 390 -25.72 -47.96 -12.30
C MET B 390 -25.10 -46.70 -12.87
N ARG B 391 -25.13 -45.59 -12.13
CA ARG B 391 -24.75 -44.28 -12.65
C ARG B 391 -23.34 -43.86 -12.29
N LYS B 392 -22.60 -44.67 -11.52
CA LYS B 392 -21.28 -44.28 -11.07
C LYS B 392 -20.31 -44.12 -12.25
N GLU B 393 -19.59 -43.00 -12.29
CA GLU B 393 -18.76 -42.68 -13.43
C GLU B 393 -17.31 -43.10 -13.28
N ASP B 394 -16.75 -43.11 -12.07
CA ASP B 394 -15.36 -43.52 -11.88
C ASP B 394 -15.24 -45.03 -11.73
N VAL B 395 -15.87 -45.75 -12.66
CA VAL B 395 -15.94 -47.21 -12.68
C VAL B 395 -15.46 -47.68 -14.05
N LYS B 396 -14.81 -48.84 -14.08
CA LYS B 396 -14.39 -49.41 -15.35
C LYS B 396 -15.55 -50.13 -16.02
N THR B 397 -15.54 -50.09 -17.36
CA THR B 397 -16.71 -50.38 -18.16
C THR B 397 -16.30 -51.24 -19.35
N GLU B 398 -17.23 -52.06 -19.84
CA GLU B 398 -16.90 -52.95 -20.94
C GLU B 398 -18.19 -53.37 -21.66
N VAL B 399 -18.14 -53.40 -22.99
CA VAL B 399 -19.26 -53.91 -23.76
C VAL B 399 -19.15 -55.43 -23.84
N ILE B 400 -20.27 -56.11 -23.68
CA ILE B 400 -20.35 -57.56 -23.87
C ILE B 400 -21.37 -57.82 -24.96
N GLU B 401 -21.04 -58.72 -25.89
CA GLU B 401 -21.86 -58.90 -27.07
C GLU B 401 -22.79 -60.10 -27.00
N SER B 402 -22.51 -61.07 -26.13
CA SER B 402 -23.27 -62.32 -26.12
C SER B 402 -22.99 -63.05 -24.82
N VAL B 403 -24.00 -63.74 -24.30
CA VAL B 403 -23.83 -64.58 -23.13
C VAL B 403 -24.27 -65.99 -23.47
N LYS B 404 -23.61 -66.97 -22.87
CA LYS B 404 -24.07 -68.35 -22.90
C LYS B 404 -25.15 -68.53 -21.85
N ALA B 405 -26.33 -68.99 -22.27
CA ALA B 405 -27.47 -69.06 -21.36
C ALA B 405 -27.20 -69.99 -20.19
N GLY B 406 -27.66 -69.60 -19.02
CA GLY B 406 -27.50 -70.45 -17.85
C GLY B 406 -28.09 -69.80 -16.62
N THR B 407 -27.79 -70.40 -15.46
CA THR B 407 -28.23 -69.91 -14.15
C THR B 407 -27.02 -69.87 -13.21
N TRP B 408 -27.24 -69.44 -11.98
CA TRP B 408 -26.13 -69.46 -11.02
C TRP B 408 -25.88 -70.84 -10.43
N PHE B 409 -26.53 -71.87 -10.92
CA PHE B 409 -26.21 -73.26 -10.54
C PHE B 409 -25.40 -73.87 -11.67
N ASP B 410 -24.07 -73.93 -11.49
CA ASP B 410 -23.14 -74.53 -12.46
C ASP B 410 -23.30 -73.92 -13.85
N GLY B 411 -23.90 -72.74 -13.93
CA GLY B 411 -24.09 -72.09 -15.20
C GLY B 411 -25.05 -72.77 -16.15
N ASN B 412 -25.90 -73.68 -15.64
CA ASN B 412 -26.81 -74.41 -16.53
C ASN B 412 -28.17 -74.56 -15.86
N PHE B 413 -29.05 -75.32 -16.53
CA PHE B 413 -30.46 -75.42 -16.17
C PHE B 413 -30.84 -76.77 -15.60
N LEU B 414 -29.86 -77.59 -15.20
CA LEU B 414 -30.13 -78.97 -14.85
C LEU B 414 -30.86 -79.14 -13.52
N LYS B 415 -31.05 -78.08 -12.75
CA LYS B 415 -31.86 -78.19 -11.54
C LYS B 415 -33.35 -78.07 -11.82
N TRP B 416 -33.74 -77.67 -13.03
CA TRP B 416 -35.15 -77.47 -13.37
C TRP B 416 -35.62 -78.27 -14.57
N ILE B 417 -34.71 -78.94 -15.28
CA ILE B 417 -35.06 -79.62 -16.53
C ILE B 417 -33.92 -80.58 -16.90
N GLY B 418 -34.24 -81.64 -17.64
CA GLY B 418 -33.19 -82.52 -18.07
C GLY B 418 -33.35 -83.98 -17.67
N ASN B 419 -33.81 -84.25 -16.46
CA ASN B 419 -34.03 -85.63 -16.04
C ASN B 419 -35.51 -85.99 -16.17
N LYS B 420 -35.80 -87.28 -15.99
CA LYS B 420 -37.12 -87.80 -16.30
C LYS B 420 -38.21 -87.15 -15.46
N GLU B 421 -37.96 -87.00 -14.15
CA GLU B 421 -38.99 -86.45 -13.27
C GLU B 421 -39.26 -84.99 -13.57
N LYS B 422 -38.21 -84.18 -13.69
CA LYS B 422 -38.41 -82.76 -13.95
C LYS B 422 -39.02 -82.52 -15.33
N ASN B 423 -38.62 -83.31 -16.32
CA ASN B 423 -39.20 -83.19 -17.65
C ASN B 423 -40.71 -83.43 -17.63
N GLU B 424 -41.17 -84.36 -16.80
CA GLU B 424 -42.60 -84.63 -16.71
C GLU B 424 -43.37 -83.38 -16.28
N TYR B 425 -42.78 -82.57 -15.39
CA TYR B 425 -43.41 -81.31 -15.00
C TYR B 425 -43.51 -80.35 -16.18
N TRP B 426 -42.49 -80.33 -17.04
CA TRP B 426 -42.56 -79.48 -18.22
C TRP B 426 -43.58 -80.00 -19.23
N LYS B 427 -43.65 -81.33 -19.39
CA LYS B 427 -44.70 -81.93 -20.21
C LYS B 427 -46.08 -81.56 -19.67
N ILE B 428 -46.29 -81.75 -18.37
CA ILE B 428 -47.55 -81.33 -17.76
C ILE B 428 -47.82 -79.86 -18.05
N LEU B 429 -46.78 -79.02 -17.94
CA LEU B 429 -46.92 -77.60 -18.21
C LEU B 429 -47.26 -77.33 -19.67
N ILE B 430 -46.58 -78.01 -20.59
CA ILE B 430 -46.81 -77.80 -22.01
C ILE B 430 -48.24 -78.19 -22.38
N GLU B 431 -48.68 -79.36 -21.93
CA GLU B 431 -50.05 -79.81 -22.22
C GLU B 431 -51.08 -78.83 -21.67
N ALA B 432 -50.88 -78.34 -20.45
CA ALA B 432 -51.83 -77.41 -19.85
C ALA B 432 -51.81 -76.07 -20.57
N LYS B 433 -50.65 -75.63 -21.03
CA LYS B 433 -50.56 -74.36 -21.76
C LYS B 433 -51.46 -74.37 -22.99
N LYS B 434 -51.49 -75.49 -23.71
CA LYS B 434 -52.37 -75.60 -24.87
C LYS B 434 -53.83 -75.35 -24.52
N LYS B 435 -54.22 -75.56 -23.25
CA LYS B 435 -55.61 -75.37 -22.83
C LYS B 435 -55.72 -74.31 -21.74
N ALA B 436 -54.70 -73.47 -21.57
CA ALA B 436 -54.76 -72.43 -20.55
C ALA B 436 -55.85 -71.42 -20.88
N LYS B 437 -56.56 -70.97 -19.83
CA LYS B 437 -57.62 -69.99 -19.99
C LYS B 437 -57.52 -68.83 -19.00
N ASN B 438 -56.55 -68.84 -18.10
CA ASN B 438 -56.39 -67.77 -17.12
C ASN B 438 -54.93 -67.70 -16.69
N ASP B 439 -54.62 -66.75 -15.82
CA ASP B 439 -53.25 -66.44 -15.45
C ASP B 439 -52.63 -67.43 -14.48
N TYR B 440 -53.36 -68.46 -14.05
CA TYR B 440 -52.74 -69.46 -13.18
C TYR B 440 -51.70 -70.29 -13.91
N ILE B 441 -51.71 -70.28 -15.24
CA ILE B 441 -50.62 -70.91 -15.98
C ILE B 441 -49.31 -70.17 -15.74
N LEU B 442 -49.37 -68.87 -15.43
CA LEU B 442 -48.15 -68.15 -15.06
C LEU B 442 -47.65 -68.61 -13.70
N VAL B 443 -48.57 -68.91 -12.78
CA VAL B 443 -48.17 -69.42 -11.47
C VAL B 443 -47.42 -70.73 -11.62
N ALA B 444 -47.91 -71.61 -12.49
CA ALA B 444 -47.28 -72.90 -12.69
C ALA B 444 -45.94 -72.81 -13.39
N GLU B 445 -45.63 -71.68 -14.01
CA GLU B 445 -44.34 -71.46 -14.65
C GLU B 445 -43.25 -71.08 -13.67
N GLY B 446 -43.58 -70.87 -12.40
CA GLY B 446 -42.56 -70.54 -11.42
C GLY B 446 -41.54 -71.65 -11.28
N SER B 447 -40.26 -71.25 -11.11
CA SER B 447 -39.17 -72.21 -11.11
C SER B 447 -39.21 -73.16 -9.92
N ASP B 448 -39.85 -72.75 -8.83
CA ASP B 448 -39.79 -73.50 -7.58
C ASP B 448 -40.34 -74.92 -7.74
N TRP B 449 -41.44 -75.07 -8.49
CA TRP B 449 -42.04 -76.40 -8.64
C TRP B 449 -41.05 -77.37 -9.27
N PHE B 450 -40.32 -76.90 -10.29
CA PHE B 450 -39.36 -77.75 -11.00
C PHE B 450 -38.13 -78.03 -10.16
N TRP B 451 -37.77 -77.10 -9.27
CA TRP B 451 -36.63 -77.32 -8.39
C TRP B 451 -36.86 -78.51 -7.46
N TRP B 452 -38.05 -78.60 -6.86
CA TRP B 452 -38.33 -79.68 -5.93
C TRP B 452 -38.70 -80.98 -6.61
N GLN B 453 -39.11 -80.94 -7.87
CA GLN B 453 -39.49 -82.17 -8.57
C GLN B 453 -38.24 -83.00 -8.87
N GLY B 454 -38.37 -84.31 -8.68
CA GLY B 454 -37.30 -85.22 -9.06
C GLY B 454 -36.10 -85.15 -8.15
N GLU B 455 -36.34 -85.14 -6.85
CA GLU B 455 -35.28 -85.09 -5.87
C GLU B 455 -35.52 -86.17 -4.83
N GLU B 456 -34.46 -86.51 -4.10
CA GLU B 456 -34.58 -87.29 -2.89
C GLU B 456 -35.77 -86.78 -2.08
N LYS B 457 -36.78 -87.63 -1.92
CA LYS B 457 -37.99 -87.19 -1.24
C LYS B 457 -37.63 -86.71 0.17
N ALA B 458 -38.42 -85.76 0.66
CA ALA B 458 -38.11 -85.04 1.87
C ALA B 458 -39.41 -84.59 2.50
N PRO B 459 -39.40 -84.22 3.78
CA PRO B 459 -40.64 -83.75 4.42
C PRO B 459 -41.19 -82.53 3.69
N PHE B 460 -42.47 -82.62 3.30
CA PHE B 460 -43.30 -81.59 2.68
C PHE B 460 -43.03 -81.41 1.18
N VAL B 461 -42.13 -82.17 0.56
CA VAL B 461 -41.92 -82.04 -0.88
C VAL B 461 -43.19 -82.37 -1.64
N GLU B 462 -44.04 -83.22 -1.08
CA GLU B 462 -45.30 -83.57 -1.74
C GLU B 462 -46.27 -82.41 -1.76
N VAL B 463 -46.12 -81.42 -0.88
CA VAL B 463 -47.00 -80.26 -0.90
C VAL B 463 -46.71 -79.41 -2.13
N PHE B 464 -45.42 -79.23 -2.47
CA PHE B 464 -45.07 -78.51 -3.68
C PHE B 464 -45.68 -79.17 -4.92
N ASP B 465 -45.74 -80.51 -4.91
CA ASP B 465 -46.38 -81.21 -6.02
C ASP B 465 -47.88 -80.95 -6.07
N LYS B 466 -48.53 -80.96 -4.89
CA LYS B 466 -49.95 -80.66 -4.82
C LYS B 466 -50.23 -79.25 -5.35
N LEU B 467 -49.38 -78.28 -5.00
CA LEU B 467 -49.59 -76.91 -5.42
C LEU B 467 -49.42 -76.76 -6.93
N PHE B 468 -48.29 -77.25 -7.47
CA PHE B 468 -48.07 -77.19 -8.92
C PHE B 468 -49.25 -77.76 -9.68
N ARG B 469 -49.66 -78.98 -9.32
CA ARG B 469 -50.73 -79.63 -10.06
C ARG B 469 -52.07 -78.94 -9.84
N SER B 470 -52.26 -78.32 -8.68
CA SER B 470 -53.49 -77.56 -8.44
C SER B 470 -53.55 -76.33 -9.33
N PHE B 471 -52.43 -75.59 -9.44
CA PHE B 471 -52.40 -74.43 -10.32
C PHE B 471 -52.56 -74.84 -11.78
N VAL B 472 -51.98 -75.97 -12.15
CA VAL B 472 -52.07 -76.43 -13.53
C VAL B 472 -53.51 -76.79 -13.89
N ARG B 473 -54.23 -77.43 -12.96
CA ARG B 473 -55.63 -77.75 -13.21
C ARG B 473 -56.48 -76.49 -13.25
N ARG B 474 -56.28 -75.59 -12.28
CA ARG B 474 -57.07 -74.36 -12.24
C ARG B 474 -56.82 -73.47 -13.45
N ALA B 475 -55.63 -73.57 -14.06
CA ALA B 475 -55.31 -72.75 -15.22
C ALA B 475 -56.13 -73.11 -16.45
N GLN B 476 -56.76 -74.28 -16.46
CA GLN B 476 -57.51 -74.74 -17.63
C GLN B 476 -59.01 -74.59 -17.48
N GLU B 477 -59.48 -73.96 -16.41
CA GLU B 477 -60.91 -73.93 -16.13
C GLU B 477 -61.51 -72.52 -16.28
N LYS C 2 30.90 48.95 -21.90
CA LYS C 2 30.63 47.62 -22.44
C LYS C 2 30.05 46.70 -21.37
N LYS C 3 28.73 46.50 -21.41
CA LYS C 3 28.02 45.74 -20.39
C LYS C 3 27.81 44.30 -20.84
N LEU C 4 27.64 43.43 -19.85
CA LEU C 4 27.09 42.11 -20.07
C LEU C 4 25.60 42.15 -19.72
N PHE C 5 24.77 41.63 -20.62
CA PHE C 5 23.32 41.66 -20.45
C PHE C 5 22.86 40.31 -19.91
N LEU C 6 22.31 40.32 -18.70
CA LEU C 6 21.92 39.11 -18.00
C LEU C 6 20.39 39.04 -17.91
N VAL C 7 19.82 37.92 -18.33
CA VAL C 7 18.36 37.76 -18.36
C VAL C 7 18.00 36.48 -17.61
N PHE C 8 17.44 36.63 -16.41
CA PHE C 8 16.89 35.51 -15.66
C PHE C 8 15.45 35.29 -16.08
N TRP C 9 15.09 34.05 -16.41
CA TRP C 9 13.73 33.68 -16.76
C TRP C 9 13.35 32.44 -15.94
N TRP C 10 12.57 32.65 -14.89
CA TRP C 10 12.17 31.58 -13.98
C TRP C 10 10.83 31.00 -14.43
N HIS C 11 10.82 29.72 -14.78
CA HIS C 11 9.64 29.06 -15.33
C HIS C 11 8.89 28.34 -14.21
N MET C 12 7.62 28.72 -14.00
CA MET C 12 6.78 28.16 -12.94
C MET C 12 5.65 27.36 -13.54
N HIS C 13 5.44 26.13 -13.04
CA HIS C 13 4.43 25.28 -13.64
C HIS C 13 4.08 24.16 -12.68
N GLN C 14 2.79 23.77 -12.69
CA GLN C 14 2.30 22.54 -12.07
C GLN C 14 1.22 21.99 -12.99
N PRO C 15 1.23 20.69 -13.26
CA PRO C 15 0.07 20.08 -13.94
C PRO C 15 -1.12 20.09 -13.00
N LEU C 16 -2.30 19.88 -13.58
CA LEU C 16 -3.53 19.99 -12.81
C LEU C 16 -3.69 18.76 -11.93
N TYR C 17 -3.55 18.94 -10.61
CA TYR C 17 -3.68 17.83 -9.67
C TYR C 17 -5.12 17.58 -9.25
N ARG C 18 -6.06 18.41 -9.72
CA ARG C 18 -7.44 18.34 -9.27
C ARG C 18 -8.19 17.26 -10.07
N GLU C 19 -8.52 16.16 -9.41
CA GLU C 19 -9.26 15.09 -10.05
C GLU C 19 -10.65 15.60 -10.44
N PRO C 20 -11.07 15.45 -11.71
CA PRO C 20 -12.26 16.16 -12.19
C PRO C 20 -13.59 15.61 -11.71
N TYR C 21 -13.62 14.40 -11.14
CA TYR C 21 -14.88 13.81 -10.67
C TYR C 21 -15.13 14.04 -9.19
N THR C 22 -14.08 14.03 -8.37
CA THR C 22 -14.21 14.34 -6.95
C THR C 22 -13.82 15.78 -6.63
N GLY C 23 -13.18 16.49 -7.56
CA GLY C 23 -12.68 17.81 -7.27
C GLY C 23 -11.54 17.87 -6.28
N GLU C 24 -10.99 16.73 -5.91
CA GLU C 24 -9.93 16.69 -4.91
C GLU C 24 -8.57 16.93 -5.56
N TYR C 25 -7.74 17.73 -4.88
CA TYR C 25 -6.33 17.85 -5.27
C TYR C 25 -5.60 16.63 -4.70
N LEU C 26 -5.14 15.75 -5.59
CA LEU C 26 -4.63 14.44 -5.18
C LEU C 26 -3.18 14.49 -4.72
N LEU C 27 -2.44 15.53 -5.10
CA LEU C 27 -1.10 15.78 -4.60
C LEU C 27 -1.02 17.21 -4.09
N PRO C 28 -0.17 17.48 -3.11
CA PRO C 28 -0.11 18.83 -2.53
C PRO C 28 0.93 19.75 -3.17
N TRP C 29 1.50 19.35 -4.32
CA TRP C 29 2.69 20.02 -4.85
C TRP C 29 2.44 21.47 -5.21
N THR C 30 1.26 21.78 -5.75
CA THR C 30 0.95 23.18 -6.04
C THR C 30 0.88 23.99 -4.77
N PHE C 31 0.28 23.43 -3.70
CA PHE C 31 0.23 24.15 -2.43
C PHE C 31 1.63 24.44 -1.91
N PHE C 32 2.49 23.41 -1.86
CA PHE C 32 3.78 23.58 -1.20
C PHE C 32 4.71 24.48 -1.99
N HIS C 33 4.63 24.45 -3.33
CA HIS C 33 5.48 25.34 -4.11
C HIS C 33 4.94 26.75 -4.17
N ALA C 34 3.62 26.92 -3.99
CA ALA C 34 3.04 28.24 -3.84
C ALA C 34 3.55 28.91 -2.56
N VAL C 35 3.44 28.21 -1.43
CA VAL C 35 3.89 28.81 -0.17
C VAL C 35 5.41 28.92 -0.10
N LYS C 36 6.14 28.09 -0.84
CA LYS C 36 7.60 28.14 -0.76
C LYS C 36 8.23 29.02 -1.83
N ASP C 37 7.75 28.95 -3.08
CA ASP C 37 8.49 29.53 -4.21
C ASP C 37 7.70 30.55 -5.02
N TYR C 38 6.41 30.31 -5.29
CA TYR C 38 5.73 31.13 -6.31
C TYR C 38 5.51 32.56 -5.84
N TYR C 39 5.34 32.78 -4.55
CA TYR C 39 5.33 34.16 -4.07
C TYR C 39 6.75 34.67 -3.83
N ASP C 40 7.60 33.83 -3.23
CA ASP C 40 8.87 34.34 -2.74
C ASP C 40 9.87 34.62 -3.85
N MET C 41 9.81 33.89 -4.96
CA MET C 41 10.76 34.14 -6.06
C MET C 41 10.60 35.54 -6.63
N PRO C 42 9.40 36.02 -6.98
CA PRO C 42 9.27 37.45 -7.32
C PRO C 42 9.48 38.37 -6.13
N ALA C 43 9.20 37.89 -4.92
CA ALA C 43 9.34 38.75 -3.74
C ALA C 43 10.78 39.18 -3.50
N TYR C 44 11.77 38.50 -4.10
CA TYR C 44 13.14 39.00 -4.00
C TYR C 44 13.27 40.38 -4.61
N LEU C 45 12.46 40.70 -5.62
CA LEU C 45 12.54 42.00 -6.27
C LEU C 45 12.16 43.15 -5.34
N LYS C 46 11.48 42.85 -4.23
CA LYS C 46 11.19 43.90 -3.26
C LYS C 46 12.45 44.34 -2.52
N ASP C 47 13.45 43.45 -2.42
CA ASP C 47 14.64 43.68 -1.62
C ASP C 47 15.91 43.91 -2.43
N PHE C 48 15.92 43.55 -3.71
CA PHE C 48 17.10 43.68 -4.56
C PHE C 48 16.70 44.40 -5.84
N GLU C 49 17.46 45.44 -6.19
CA GLU C 49 17.13 46.29 -7.34
C GLU C 49 17.80 45.69 -8.57
N ILE C 50 17.20 44.62 -9.07
CA ILE C 50 17.60 43.96 -10.29
C ILE C 50 16.34 43.61 -11.07
N LYS C 51 16.53 43.04 -12.25
CA LYS C 51 15.42 42.55 -13.06
C LYS C 51 15.39 41.03 -13.02
N LEU C 52 14.19 40.47 -12.89
CA LEU C 52 13.98 39.02 -12.91
C LEU C 52 12.67 38.76 -13.64
N ASN C 53 12.67 37.76 -14.52
CA ASN C 53 11.50 37.46 -15.33
C ASN C 53 10.93 36.10 -14.97
N PHE C 54 9.66 35.91 -15.31
CA PHE C 54 8.89 34.77 -14.83
C PHE C 54 7.94 34.25 -15.88
N ASN C 55 7.86 32.93 -15.99
CA ASN C 55 6.82 32.26 -16.76
C ASN C 55 5.84 31.64 -15.78
N LEU C 56 4.55 31.88 -16.01
CA LEU C 56 3.47 31.22 -15.27
C LEU C 56 2.60 30.49 -16.27
N THR C 57 2.51 29.17 -16.14
CA THR C 57 1.61 28.44 -17.02
C THR C 57 0.17 28.70 -16.59
N PRO C 58 -0.76 28.75 -17.55
CA PRO C 58 -2.16 29.01 -17.19
C PRO C 58 -2.74 27.98 -16.24
N VAL C 59 -2.37 26.70 -16.38
CA VAL C 59 -2.90 25.68 -15.49
C VAL C 59 -2.36 25.87 -14.07
N LEU C 60 -1.16 26.43 -13.92
CA LEU C 60 -0.68 26.77 -12.58
C LEU C 60 -1.47 27.93 -12.01
N ILE C 61 -1.74 28.95 -12.83
CA ILE C 61 -2.50 30.11 -12.36
C ILE C 61 -3.89 29.68 -11.88
N ASP C 62 -4.54 28.78 -12.63
CA ASP C 62 -5.83 28.26 -12.20
C ASP C 62 -5.77 27.70 -10.79
N GLN C 63 -4.73 26.91 -10.50
CA GLN C 63 -4.66 26.26 -9.20
C GLN C 63 -4.33 27.26 -8.10
N ILE C 64 -3.42 28.20 -8.38
CA ILE C 64 -3.13 29.24 -7.40
C ILE C 64 -4.38 30.01 -7.06
N GLN C 65 -5.17 30.35 -8.08
CA GLN C 65 -6.45 31.01 -7.85
C GLN C 65 -7.37 30.18 -6.97
N GLU C 66 -7.44 28.87 -7.23
CA GLU C 66 -8.37 28.02 -6.48
C GLU C 66 -7.95 27.91 -5.01
N TYR C 67 -6.64 27.75 -4.76
CA TYR C 67 -6.17 27.75 -3.37
C TYR C 67 -6.40 29.11 -2.71
N ALA C 68 -6.20 30.20 -3.46
CA ALA C 68 -6.34 31.53 -2.89
C ALA C 68 -7.78 31.81 -2.48
N GLN C 69 -8.75 31.25 -3.19
CA GLN C 69 -10.15 31.44 -2.89
C GLN C 69 -10.66 30.50 -1.81
N GLY C 70 -9.82 29.62 -1.28
CA GLY C 70 -10.28 28.63 -0.33
C GLY C 70 -11.12 27.52 -0.92
N LYS C 71 -11.12 27.35 -2.23
CA LYS C 71 -11.90 26.34 -2.91
C LYS C 71 -11.16 25.03 -3.15
N ALA C 72 -9.86 24.98 -2.82
CA ALA C 72 -9.03 23.82 -3.16
C ALA C 72 -9.19 22.74 -2.10
N LYS C 73 -9.73 21.60 -2.51
CA LYS C 73 -9.87 20.43 -1.64
C LYS C 73 -8.61 19.58 -1.79
N ASP C 74 -7.67 19.76 -0.87
CA ASP C 74 -6.35 19.14 -0.95
C ASP C 74 -6.27 18.02 0.08
N VAL C 75 -6.09 16.79 -0.41
CA VAL C 75 -6.21 15.61 0.44
C VAL C 75 -5.03 15.54 1.42
N PHE C 76 -3.80 15.75 0.94
CA PHE C 76 -2.66 15.73 1.84
C PHE C 76 -2.74 16.86 2.85
N LEU C 77 -3.18 18.05 2.41
CA LEU C 77 -3.32 19.18 3.31
C LEU C 77 -4.38 18.93 4.38
N GLU C 78 -5.48 18.25 4.01
CA GLU C 78 -6.48 17.88 5.00
C GLU C 78 -5.88 17.01 6.10
N ALA C 79 -5.02 16.07 5.73
CA ALA C 79 -4.38 15.23 6.73
C ALA C 79 -3.40 16.02 7.59
N ILE C 80 -2.85 17.12 7.06
CA ILE C 80 -2.04 18.01 7.88
C ILE C 80 -2.91 18.81 8.84
N ARG C 81 -4.04 19.34 8.35
CA ARG C 81 -4.83 20.27 9.15
C ARG C 81 -5.52 19.57 10.31
N LYS C 82 -5.91 18.30 10.14
CA LYS C 82 -6.73 17.60 11.12
C LYS C 82 -6.01 17.42 12.44
N ASP C 83 -6.78 17.45 13.52
CA ASP C 83 -6.27 16.94 14.78
C ASP C 83 -5.84 15.49 14.59
N PRO C 84 -4.67 15.10 15.12
CA PRO C 84 -4.20 13.72 14.91
C PRO C 84 -5.17 12.66 15.40
N ASP C 85 -6.01 12.98 16.38
CA ASP C 85 -7.03 12.03 16.83
C ASP C 85 -8.01 11.69 15.71
N ASP C 86 -8.17 12.60 14.75
CA ASP C 86 -9.10 12.38 13.64
C ASP C 86 -8.44 11.77 12.42
N LEU C 87 -7.14 11.46 12.49
CA LEU C 87 -6.44 10.96 11.32
C LEU C 87 -6.85 9.53 11.00
N GLU C 88 -7.19 9.28 9.75
CA GLU C 88 -7.37 7.92 9.30
C GLU C 88 -6.02 7.23 9.20
N LYS C 89 -6.04 5.89 9.30
CA LYS C 89 -4.84 5.10 9.07
C LYS C 89 -4.24 5.39 7.71
N GLU C 90 -5.08 5.49 6.68
CA GLU C 90 -4.56 5.77 5.34
C GLU C 90 -3.94 7.16 5.27
N GLU C 91 -4.45 8.11 6.06
CA GLU C 91 -3.86 9.45 6.06
C GLU C 91 -2.51 9.46 6.75
N VAL C 92 -2.37 8.70 7.83
CA VAL C 92 -1.07 8.62 8.50
C VAL C 92 -0.03 7.97 7.60
N GLU C 93 -0.44 6.95 6.84
CA GLU C 93 0.50 6.32 5.92
C GLU C 93 0.95 7.28 4.83
N LYS C 94 0.04 8.12 4.34
CA LYS C 94 0.40 9.12 3.34
C LYS C 94 1.40 10.12 3.88
N LEU C 95 1.18 10.59 5.12
CA LEU C 95 2.11 11.56 5.71
C LEU C 95 3.49 10.97 5.91
N ILE C 96 3.54 9.72 6.39
CA ILE C 96 4.82 9.02 6.54
C ILE C 96 5.48 8.84 5.19
N GLU C 97 4.71 8.37 4.19
CA GLU C 97 5.25 8.19 2.86
C GLU C 97 5.74 9.51 2.26
N PHE C 98 4.98 10.59 2.50
CA PHE C 98 5.40 11.90 2.00
C PHE C 98 6.67 12.38 2.70
N THR C 99 6.79 12.08 3.99
CA THR C 99 8.00 12.49 4.70
C THR C 99 9.22 11.73 4.21
N LYS C 100 9.09 10.41 4.00
CA LYS C 100 10.19 9.60 3.50
C LYS C 100 10.63 10.04 2.11
N LEU C 101 9.70 10.53 1.29
CA LEU C 101 10.07 10.97 -0.06
C LEU C 101 10.98 12.19 0.00
N ASN C 102 10.74 13.09 0.97
CA ASN C 102 11.46 14.35 1.08
C ASN C 102 12.54 14.31 2.15
N TYR C 103 12.77 13.14 2.74
CA TYR C 103 13.47 13.03 4.02
C TYR C 103 14.91 13.54 3.95
N GLU C 104 15.57 13.39 2.81
CA GLU C 104 16.98 13.75 2.69
C GLU C 104 17.20 15.15 2.15
N LYS C 105 16.14 15.86 1.80
CA LYS C 105 16.28 17.23 1.32
C LYS C 105 16.67 18.15 2.48
N PRO C 106 17.57 19.11 2.26
CA PRO C 106 17.98 19.99 3.36
C PRO C 106 16.82 20.73 4.01
N ILE C 107 15.79 21.07 3.25
CA ILE C 107 14.63 21.73 3.85
C ILE C 107 13.91 20.84 4.85
N TYR C 108 14.24 19.55 4.89
CA TYR C 108 13.69 18.62 5.87
C TYR C 108 14.68 18.26 6.96
N ARG C 109 15.79 19.01 7.09
CA ARG C 109 16.77 18.70 8.13
C ARG C 109 16.28 19.24 9.46
N PHE C 110 15.34 18.50 10.03
CA PHE C 110 14.89 18.70 11.41
C PHE C 110 15.20 17.41 12.17
N GLU C 111 15.98 17.53 13.26
CA GLU C 111 16.30 16.35 14.05
C GLU C 111 15.03 15.62 14.48
N ARG C 112 13.96 16.35 14.77
CA ARG C 112 12.72 15.73 15.21
C ARG C 112 12.13 14.82 14.13
N ILE C 113 12.25 15.22 12.86
CA ILE C 113 11.80 14.35 11.78
C ILE C 113 12.52 13.01 11.84
N ARG C 114 13.82 13.04 12.13
CA ARG C 114 14.59 11.80 12.20
C ARG C 114 14.07 10.89 13.31
N GLU C 115 13.79 11.45 14.49
CA GLU C 115 13.27 10.63 15.58
C GLU C 115 11.89 10.07 15.26
N LEU C 116 11.02 10.91 14.67
CA LEU C 116 9.67 10.44 14.33
C LEU C 116 9.72 9.29 13.33
N MET C 117 10.71 9.28 12.44
CA MET C 117 10.80 8.26 11.41
C MET C 117 11.35 6.93 11.91
N ASN C 118 11.91 6.89 13.12
CA ASN C 118 12.46 5.67 13.68
C ASN C 118 11.58 5.09 14.79
N LYS C 119 10.33 5.53 14.87
CA LYS C 119 9.41 5.08 15.91
C LYS C 119 8.37 4.14 15.30
N GLU C 120 8.11 3.03 16.00
CA GLU C 120 7.06 2.11 15.57
C GLU C 120 5.68 2.77 15.69
N LYS C 121 5.32 3.19 16.89
CA LYS C 121 4.07 3.88 17.15
C LYS C 121 4.28 5.38 17.08
N LEU C 122 3.22 6.09 16.69
CA LEU C 122 3.19 7.55 16.74
C LEU C 122 1.97 7.97 17.54
N ASN C 123 2.19 8.59 18.70
CA ASN C 123 1.08 9.10 19.50
C ASN C 123 0.65 10.46 18.97
N ARG C 124 -0.36 11.05 19.64
CA ARG C 124 -0.94 12.30 19.15
C ARG C 124 0.10 13.40 19.03
N GLU C 125 0.96 13.53 20.05
CA GLU C 125 1.91 14.63 20.10
C GLU C 125 2.98 14.47 19.02
N GLU C 126 3.36 13.23 18.73
CA GLU C 126 4.33 12.98 17.66
C GLU C 126 3.70 13.22 16.29
N LEU C 127 2.45 12.81 16.10
CA LEU C 127 1.76 13.09 14.84
C LEU C 127 1.65 14.59 14.61
N LEU C 128 1.35 15.36 15.66
CA LEU C 128 1.29 16.81 15.54
C LEU C 128 2.61 17.36 15.02
N ASP C 129 3.73 16.82 15.50
CA ASP C 129 5.03 17.27 15.01
C ASP C 129 5.26 16.83 13.58
N LEU C 130 4.84 15.61 13.22
CA LEU C 130 4.97 15.16 11.85
C LEU C 130 4.20 16.09 10.91
N GLN C 131 2.94 16.37 11.24
CA GLN C 131 2.14 17.29 10.41
C GLN C 131 2.79 18.66 10.33
N THR C 132 3.17 19.22 11.47
CA THR C 132 3.61 20.62 11.49
C THR C 132 5.01 20.76 10.89
N LEU C 133 5.88 19.78 11.10
CA LEU C 133 7.21 19.87 10.52
C LEU C 133 7.17 19.73 9.00
N ASN C 134 6.25 18.90 8.48
CA ASN C 134 6.08 18.83 7.04
C ASN C 134 5.64 20.17 6.48
N LEU C 135 4.72 20.84 7.17
CA LEU C 135 4.34 22.21 6.81
C LEU C 135 5.56 23.12 6.79
N LEU C 136 6.29 23.17 7.91
CA LEU C 136 7.35 24.16 8.09
C LEU C 136 8.53 23.89 7.17
N ALA C 137 8.70 22.65 6.73
CA ALA C 137 9.80 22.34 5.82
C ALA C 137 9.67 23.08 4.50
N TRP C 138 8.45 23.45 4.12
CA TRP C 138 8.20 24.15 2.88
C TRP C 138 8.04 25.65 3.07
N CYS C 139 8.47 26.18 4.22
CA CYS C 139 8.30 27.60 4.50
C CYS C 139 9.14 28.45 3.56
N GLY C 140 8.54 29.52 3.05
CA GLY C 140 9.20 30.41 2.12
C GLY C 140 10.10 31.41 2.82
N ARG C 141 10.81 32.19 2.00
CA ARG C 141 11.75 33.17 2.53
C ARG C 141 11.04 34.20 3.40
N THR C 142 9.93 34.76 2.91
CA THR C 142 9.21 35.78 3.65
C THR C 142 8.82 35.29 5.04
N LEU C 143 8.20 34.11 5.11
CA LEU C 143 7.71 33.60 6.37
C LEU C 143 8.80 32.98 7.23
N ARG C 144 9.93 32.58 6.63
CA ARG C 144 11.03 32.06 7.44
C ARG C 144 11.55 33.11 8.41
N LYS C 145 11.32 34.40 8.14
CA LYS C 145 11.64 35.42 9.12
C LYS C 145 10.49 35.60 10.10
N ASP C 146 9.27 35.79 9.58
CA ASP C 146 8.11 36.01 10.44
C ASP C 146 7.94 34.89 11.45
N LEU C 147 8.12 33.64 11.03
CA LEU C 147 7.88 32.48 11.88
C LEU C 147 9.16 31.90 12.46
N LYS C 148 10.22 32.71 12.58
CA LYS C 148 11.52 32.18 12.97
C LYS C 148 11.48 31.49 14.34
N ASP C 149 10.65 32.00 15.26
CA ASP C 149 10.56 31.38 16.59
C ASP C 149 10.00 29.98 16.51
N LEU C 150 8.91 29.79 15.76
CA LEU C 150 8.30 28.47 15.64
C LEU C 150 9.23 27.51 14.91
N LEU C 151 9.91 27.99 13.87
CA LEU C 151 10.84 27.13 13.14
C LEU C 151 11.98 26.66 14.04
N ASN C 152 12.51 27.57 14.88
CA ASN C 152 13.60 27.22 15.78
C ASN C 152 13.17 26.25 16.88
N LYS C 153 11.87 26.11 17.13
CA LYS C 153 11.39 25.10 18.07
C LYS C 153 11.84 23.71 17.64
N GLY C 154 11.46 23.31 16.42
CA GLY C 154 11.79 22.01 15.89
C GLY C 154 10.90 20.87 16.36
N ARG C 155 10.11 21.08 17.41
CA ARG C 155 9.35 19.99 18.03
C ARG C 155 8.27 20.60 18.93
N ASN C 156 7.43 19.72 19.49
CA ASN C 156 6.44 20.07 20.51
C ASN C 156 5.43 21.09 20.00
N TYR C 157 5.04 20.96 18.74
CA TYR C 157 4.09 21.90 18.17
C TYR C 157 2.68 21.58 18.67
N THR C 158 1.87 22.63 18.81
CA THR C 158 0.47 22.48 19.20
C THR C 158 -0.43 22.72 18.01
N GLN C 159 -1.68 22.25 18.14
CA GLN C 159 -2.67 22.45 17.08
C GLN C 159 -2.83 23.93 16.76
N GLU C 160 -2.76 24.79 17.77
CA GLU C 160 -2.86 26.22 17.55
C GLU C 160 -1.69 26.75 16.73
N GLU C 161 -0.47 26.29 17.03
CA GLU C 161 0.69 26.74 16.26
C GLU C 161 0.64 26.24 14.83
N LYS C 162 0.13 25.01 14.63
CA LYS C 162 0.02 24.47 13.28
C LYS C 162 -1.02 25.24 12.47
N GLU C 163 -2.17 25.55 13.09
CA GLU C 163 -3.18 26.34 12.41
C GLU C 163 -2.69 27.74 12.11
N TYR C 164 -1.89 28.32 13.03
CA TYR C 164 -1.30 29.63 12.78
C TYR C 164 -0.44 29.61 11.51
N VAL C 165 0.46 28.63 11.39
CA VAL C 165 1.31 28.51 10.21
C VAL C 165 0.44 28.40 8.96
N LEU C 166 -0.61 27.56 9.02
CA LEU C 166 -1.47 27.36 7.86
C LEU C 166 -2.12 28.67 7.43
N ASN C 167 -2.62 29.45 8.40
CA ASN C 167 -3.24 30.72 8.06
C ASN C 167 -2.24 31.67 7.41
N LYS C 168 -1.01 31.69 7.91
CA LYS C 168 0.03 32.50 7.28
C LYS C 168 0.32 32.02 5.86
N TYR C 169 0.34 30.70 5.65
CA TYR C 169 0.64 30.17 4.32
C TYR C 169 -0.41 30.61 3.31
N PHE C 170 -1.69 30.56 3.68
CA PHE C 170 -2.73 30.98 2.74
C PHE C 170 -2.70 32.48 2.52
N GLU C 171 -2.21 33.26 3.48
CA GLU C 171 -2.00 34.68 3.24
C GLU C 171 -0.99 34.90 2.12
N ILE C 172 0.08 34.11 2.11
CA ILE C 172 1.08 34.17 1.05
C ILE C 172 0.45 33.83 -0.30
N ILE C 173 -0.38 32.78 -0.33
CA ILE C 173 -0.99 32.36 -1.59
C ILE C 173 -1.92 33.45 -2.12
N LYS C 174 -2.68 34.08 -1.24
CA LYS C 174 -3.63 35.11 -1.65
C LYS C 174 -2.95 36.33 -2.23
N LYS C 175 -1.66 36.54 -1.91
CA LYS C 175 -0.90 37.69 -2.38
C LYS C 175 -0.09 37.40 -3.63
N THR C 176 -0.16 36.18 -4.17
CA THR C 176 0.85 35.73 -5.11
C THR C 176 0.64 36.33 -6.51
N LEU C 177 -0.59 36.30 -7.03
CA LEU C 177 -0.82 36.94 -8.33
C LEU C 177 -0.62 38.44 -8.26
N SER C 178 -0.91 39.04 -7.10
CA SER C 178 -0.71 40.48 -6.94
C SER C 178 0.76 40.87 -7.09
N ILE C 179 1.67 40.04 -6.56
CA ILE C 179 3.08 40.41 -6.66
C ILE C 179 3.57 40.32 -8.09
N TYR C 180 3.06 39.35 -8.87
CA TYR C 180 3.45 39.28 -10.28
C TYR C 180 2.94 40.49 -11.04
N ARG C 181 1.74 40.97 -10.70
CA ARG C 181 1.26 42.23 -11.27
C ARG C 181 2.14 43.39 -10.84
N GLU C 182 2.55 43.41 -9.57
CA GLU C 182 3.31 44.55 -9.05
C GLU C 182 4.67 44.65 -9.71
N ILE C 183 5.41 43.54 -9.79
CA ILE C 183 6.75 43.61 -10.36
C ILE C 183 6.68 43.87 -11.86
N LYS C 184 5.63 43.38 -12.53
CA LYS C 184 5.43 43.69 -13.94
C LYS C 184 5.18 45.17 -14.14
N GLU C 185 4.19 45.71 -13.42
CA GLU C 185 3.85 47.12 -13.50
C GLU C 185 5.06 48.01 -13.24
N GLU C 186 5.85 47.67 -12.22
CA GLU C 186 7.01 48.46 -11.83
C GLU C 186 8.21 48.21 -12.74
N GLY C 187 8.07 47.42 -13.80
CA GLY C 187 9.17 47.15 -14.70
C GLY C 187 10.34 46.43 -14.07
N LYS C 188 10.12 45.76 -12.93
CA LYS C 188 11.17 44.95 -12.33
C LYS C 188 11.31 43.59 -13.01
N GLY C 189 10.38 43.24 -13.90
CA GLY C 189 10.48 41.98 -14.61
C GLY C 189 9.32 41.84 -15.59
N SER C 190 9.54 40.98 -16.58
CA SER C 190 8.49 40.62 -17.51
C SER C 190 7.86 39.30 -17.07
N VAL C 191 6.58 39.13 -17.42
CA VAL C 191 5.86 37.90 -17.13
C VAL C 191 5.39 37.31 -18.45
N SER C 192 5.75 36.06 -18.70
CA SER C 192 5.34 35.30 -19.86
C SER C 192 4.38 34.20 -19.45
N THR C 193 3.87 33.47 -20.44
CA THR C 193 3.07 32.28 -20.20
C THR C 193 3.46 31.22 -21.22
N SER C 194 2.89 30.03 -21.06
CA SER C 194 3.09 28.91 -21.97
C SER C 194 1.74 28.45 -22.51
N PRO C 195 1.73 27.71 -23.62
CA PRO C 195 0.49 27.05 -24.04
C PRO C 195 -0.17 26.32 -22.88
N TYR C 196 -1.50 26.38 -22.84
CA TYR C 196 -2.27 26.33 -21.59
C TYR C 196 -1.81 25.23 -20.63
N TYR C 197 -1.86 23.97 -21.07
CA TYR C 197 -1.62 22.84 -20.17
C TYR C 197 -0.21 22.29 -20.33
N HIS C 198 0.73 23.11 -20.78
CA HIS C 198 2.14 22.75 -20.90
C HIS C 198 2.35 21.53 -21.79
N PRO C 199 1.85 21.52 -23.04
CA PRO C 199 2.06 20.35 -23.91
C PRO C 199 3.35 20.44 -24.71
N LEU C 200 3.67 19.40 -25.47
CA LEU C 200 4.79 19.45 -26.41
C LEU C 200 4.22 19.88 -27.77
N ILE C 201 4.21 21.20 -27.99
CA ILE C 201 3.63 21.75 -29.23
C ILE C 201 4.17 21.05 -30.47
N PRO C 202 5.48 20.87 -30.65
CA PRO C 202 5.96 20.27 -31.92
C PRO C 202 5.38 18.89 -32.20
N ILE C 203 5.11 18.10 -31.17
CA ILE C 203 4.55 16.77 -31.40
C ILE C 203 3.07 16.87 -31.75
N LEU C 204 2.34 17.79 -31.10
CA LEU C 204 0.94 18.00 -31.46
C LEU C 204 0.80 18.48 -32.90
N LEU C 205 1.73 19.33 -33.35
CA LEU C 205 1.67 19.84 -34.72
C LEU C 205 2.10 18.78 -35.73
N ASN C 206 3.05 17.92 -35.36
CA ASN C 206 3.66 17.00 -36.29
C ASN C 206 4.45 15.95 -35.53
N PRO C 207 3.83 14.82 -35.19
CA PRO C 207 4.56 13.79 -34.42
C PRO C 207 5.78 13.25 -35.14
N ASN C 208 5.86 13.39 -36.46
CA ASN C 208 7.05 12.95 -37.18
C ASN C 208 8.26 13.82 -36.91
N CYS C 209 8.10 14.94 -36.20
CA CYS C 209 9.24 15.79 -35.87
C CYS C 209 10.25 15.06 -34.98
N VAL C 210 9.84 14.00 -34.29
CA VAL C 210 10.75 13.27 -33.41
C VAL C 210 11.90 12.65 -34.20
N TYR C 211 11.70 12.39 -35.50
CA TYR C 211 12.71 11.71 -36.29
C TYR C 211 13.85 12.61 -36.74
N GLU C 212 13.77 13.91 -36.45
CA GLU C 212 14.88 14.80 -36.78
C GLU C 212 16.08 14.58 -35.86
N THR C 213 15.85 13.97 -34.70
CA THR C 213 16.90 13.74 -33.72
C THR C 213 17.08 12.27 -33.34
N THR C 214 16.01 11.48 -33.34
CA THR C 214 16.05 10.07 -32.93
C THR C 214 15.39 9.24 -34.02
N PRO C 215 16.12 8.95 -35.10
CA PRO C 215 15.50 8.26 -36.24
C PRO C 215 15.02 6.85 -35.93
N ASN C 216 15.50 6.23 -34.87
CA ASN C 216 15.18 4.85 -34.54
C ASN C 216 14.04 4.71 -33.53
N VAL C 217 13.42 5.81 -33.13
CA VAL C 217 12.36 5.74 -32.13
C VAL C 217 11.10 5.17 -32.76
N LYS C 218 10.43 4.28 -32.04
CA LYS C 218 9.10 3.83 -32.42
C LYS C 218 8.06 4.74 -31.77
N ILE C 219 7.12 5.22 -32.56
CA ILE C 219 6.01 6.00 -32.01
C ILE C 219 4.72 5.34 -32.45
N PRO C 220 3.63 5.63 -31.76
CA PRO C 220 2.32 5.12 -32.15
C PRO C 220 1.79 5.64 -33.48
N ASP C 221 0.67 5.05 -33.92
CA ASP C 221 -0.04 5.46 -35.13
C ASP C 221 -0.92 6.66 -34.79
N PHE C 222 -0.47 7.86 -35.16
CA PHE C 222 -1.21 9.09 -34.87
C PHE C 222 -2.35 9.22 -35.87
N ALA C 223 -3.41 8.45 -35.64
CA ALA C 223 -4.55 8.35 -36.53
C ALA C 223 -5.49 9.55 -36.45
N VAL C 224 -5.14 10.60 -35.69
CA VAL C 224 -5.94 11.80 -35.59
C VAL C 224 -4.99 12.99 -35.49
N SER C 225 -5.50 14.16 -35.86
CA SER C 225 -4.71 15.39 -35.81
C SER C 225 -4.85 16.07 -34.45
N PHE C 226 -3.72 16.54 -33.91
CA PHE C 226 -3.70 17.41 -32.75
C PHE C 226 -3.40 18.86 -33.13
N ARG C 227 -3.43 19.18 -34.43
CA ARG C 227 -3.00 20.50 -34.88
C ARG C 227 -3.89 21.61 -34.33
N GLU C 228 -5.21 21.41 -34.37
CA GLU C 228 -6.09 22.44 -33.81
C GLU C 228 -5.89 22.56 -32.30
N ASP C 229 -5.65 21.44 -31.61
CA ASP C 229 -5.48 21.53 -30.17
C ASP C 229 -4.21 22.30 -29.81
N ALA C 230 -3.15 22.17 -30.59
CA ALA C 230 -1.96 22.98 -30.35
C ALA C 230 -2.28 24.47 -30.43
N SER C 231 -3.05 24.88 -31.44
CA SER C 231 -3.49 26.28 -31.53
C SER C 231 -4.32 26.66 -30.31
N LYS C 232 -5.17 25.74 -29.83
CA LYS C 232 -6.04 26.06 -28.70
C LYS C 232 -5.24 26.29 -27.43
N HIS C 233 -4.23 25.47 -27.17
CA HIS C 233 -3.35 25.69 -26.03
C HIS C 233 -2.79 27.11 -26.04
N VAL C 234 -2.28 27.54 -27.19
CA VAL C 234 -1.69 28.87 -27.29
C VAL C 234 -2.76 29.94 -27.09
N GLU C 235 -3.91 29.78 -27.76
CA GLU C 235 -4.94 30.80 -27.72
C GLU C 235 -5.55 30.95 -26.34
N LEU C 236 -5.86 29.82 -25.69
CA LEU C 236 -6.42 29.88 -24.34
C LEU C 236 -5.42 30.45 -23.35
N ALA C 237 -4.13 30.17 -23.55
CA ALA C 237 -3.11 30.79 -22.70
C ALA C 237 -3.14 32.30 -22.82
N LYS C 238 -3.24 32.81 -24.05
CA LYS C 238 -3.33 34.25 -24.25
C LYS C 238 -4.54 34.83 -23.54
N GLU C 239 -5.65 34.11 -23.53
CA GLU C 239 -6.85 34.61 -22.85
C GLU C 239 -6.68 34.60 -21.34
N LYS C 240 -6.06 33.55 -20.80
CA LYS C 240 -5.86 33.48 -19.35
C LYS C 240 -4.88 34.55 -18.88
N TYR C 241 -3.74 34.66 -19.56
CA TYR C 241 -2.80 35.74 -19.27
C TYR C 241 -3.50 37.09 -19.34
N PHE C 242 -4.30 37.28 -20.38
CA PHE C 242 -5.11 38.49 -20.52
C PHE C 242 -6.00 38.73 -19.30
N GLU C 243 -6.65 37.67 -18.80
CA GLU C 243 -7.52 37.82 -17.64
C GLU C 243 -6.75 38.36 -16.44
N ILE C 244 -5.51 37.90 -16.25
CA ILE C 244 -4.78 38.23 -15.03
C ILE C 244 -4.09 39.59 -15.16
N PHE C 245 -3.45 39.84 -16.30
CA PHE C 245 -2.58 41.00 -16.45
C PHE C 245 -3.17 42.11 -17.31
N GLY C 246 -4.31 41.89 -17.96
CA GLY C 246 -4.92 42.92 -18.75
C GLY C 246 -4.32 43.15 -20.11
N GLU C 247 -3.29 42.39 -20.49
CA GLU C 247 -2.72 42.47 -21.82
C GLU C 247 -2.57 41.07 -22.39
N HIS C 248 -2.52 40.98 -23.71
CA HIS C 248 -2.12 39.71 -24.30
C HIS C 248 -0.60 39.57 -24.21
N PRO C 249 -0.09 38.38 -23.90
CA PRO C 249 1.36 38.22 -23.76
C PRO C 249 2.03 38.27 -25.12
N VAL C 250 3.22 38.87 -25.15
CA VAL C 250 4.04 38.87 -26.35
C VAL C 250 5.26 37.97 -26.21
N TYR C 251 5.50 37.41 -25.02
CA TYR C 251 6.56 36.44 -24.79
C TYR C 251 5.95 35.15 -24.29
N MET C 252 6.44 34.03 -24.79
CA MET C 252 6.04 32.73 -24.29
C MET C 252 7.27 31.86 -24.06
N TRP C 253 7.20 31.02 -23.03
CA TRP C 253 8.19 29.98 -22.85
C TRP C 253 7.62 28.70 -23.43
N PRO C 254 8.21 28.15 -24.48
CA PRO C 254 7.74 26.86 -25.00
C PRO C 254 8.01 25.76 -23.99
N PRO C 255 7.01 24.97 -23.64
CA PRO C 255 7.21 23.93 -22.62
C PRO C 255 8.34 23.00 -23.01
N GLN C 256 9.20 22.70 -22.03
CA GLN C 256 10.39 21.87 -22.21
C GLN C 256 11.36 22.46 -23.22
N ALA C 257 11.29 23.78 -23.44
CA ALA C 257 12.09 24.49 -24.44
C ALA C 257 11.85 23.93 -25.84
N SER C 258 10.73 23.24 -26.05
CA SER C 258 10.52 22.48 -27.26
C SER C 258 10.09 23.39 -28.40
N VAL C 259 10.83 23.34 -29.50
CA VAL C 259 10.52 24.13 -30.68
C VAL C 259 10.71 23.25 -31.91
N SER C 260 10.21 23.76 -33.04
CA SER C 260 10.30 23.15 -34.35
C SER C 260 9.92 24.25 -35.33
N ASN C 261 10.18 24.00 -36.61
CA ASN C 261 9.79 24.99 -37.62
C ASN C 261 8.28 25.25 -37.56
N GLU C 262 7.48 24.20 -37.42
CA GLU C 262 6.03 24.39 -37.36
C GLU C 262 5.61 25.05 -36.05
N ALA C 263 6.29 24.74 -34.95
CA ALA C 263 5.95 25.35 -33.68
C ALA C 263 6.24 26.85 -33.70
N LEU C 264 7.45 27.24 -34.15
CA LEU C 264 7.77 28.65 -34.22
C LEU C 264 6.81 29.39 -35.13
N GLU C 265 6.40 28.76 -36.24
CA GLU C 265 5.42 29.37 -37.12
C GLU C 265 4.10 29.61 -36.40
N LEU C 266 3.65 28.61 -35.63
CA LEU C 266 2.43 28.77 -34.84
C LEU C 266 2.55 29.95 -33.87
N TYR C 267 3.63 29.98 -33.07
CA TYR C 267 3.82 31.08 -32.13
C TYR C 267 3.80 32.43 -32.85
N TYR C 268 4.40 32.50 -34.03
CA TYR C 268 4.35 33.71 -34.84
C TYR C 268 2.91 34.08 -35.18
N GLU C 269 2.14 33.10 -35.65
CA GLU C 269 0.77 33.36 -36.09
C GLU C 269 -0.14 33.79 -34.95
N LYS C 270 0.19 33.40 -33.71
CA LYS C 270 -0.57 33.79 -32.53
C LYS C 270 -0.04 35.07 -31.89
N GLY C 271 0.81 35.83 -32.58
CA GLY C 271 1.23 37.13 -32.10
C GLY C 271 2.34 37.13 -31.08
N ILE C 272 3.10 36.04 -30.97
CA ILE C 272 4.22 35.99 -30.04
C ILE C 272 5.44 36.63 -30.70
N ASN C 273 6.04 37.60 -30.00
CA ASN C 273 7.17 38.33 -30.55
C ASN C 273 8.51 37.72 -30.18
N MET C 274 8.60 37.04 -29.04
CA MET C 274 9.86 36.45 -28.61
C MET C 274 9.58 35.21 -27.76
N LEU C 275 10.37 34.18 -27.96
CA LEU C 275 10.46 33.06 -27.04
C LEU C 275 11.93 32.75 -26.80
N ALA C 276 12.18 31.81 -25.90
CA ALA C 276 13.52 31.29 -25.69
C ALA C 276 13.48 29.77 -25.80
N THR C 277 14.65 29.18 -26.06
CA THR C 277 14.77 27.73 -26.12
C THR C 277 16.19 27.37 -25.69
N ASP C 278 16.63 26.16 -26.03
CA ASP C 278 17.83 25.61 -25.44
C ASP C 278 19.05 25.69 -26.36
N GLU C 279 20.23 25.76 -25.75
CA GLU C 279 21.48 25.83 -26.50
C GLU C 279 21.70 24.59 -27.36
N VAL C 280 21.23 23.43 -26.91
CA VAL C 280 21.38 22.21 -27.70
C VAL C 280 20.66 22.34 -29.04
N ILE C 281 19.50 23.01 -29.03
CA ILE C 281 18.77 23.24 -30.29
C ILE C 281 19.60 24.07 -31.25
N LEU C 282 20.29 25.09 -30.74
CA LEU C 282 21.14 25.94 -31.58
C LEU C 282 22.29 25.14 -32.17
N LYS C 283 22.97 24.34 -31.33
CA LYS C 283 24.08 23.54 -31.82
C LYS C 283 23.63 22.53 -32.87
N ASN C 284 22.39 22.04 -32.75
CA ASN C 284 21.86 21.06 -33.69
C ASN C 284 21.44 21.68 -35.02
N SER C 285 21.11 22.97 -35.03
CA SER C 285 20.51 23.61 -36.20
C SER C 285 21.46 24.53 -36.95
N VAL C 286 22.45 25.12 -36.28
CA VAL C 286 23.41 26.01 -36.93
C VAL C 286 24.82 25.59 -36.56
N GLU C 287 25.78 26.04 -37.37
CA GLU C 287 27.18 25.69 -37.14
C GLU C 287 27.80 26.53 -36.03
N ARG C 288 27.83 27.86 -36.21
CA ARG C 288 28.43 28.77 -35.24
C ARG C 288 27.37 29.14 -34.21
N ALA C 289 27.26 28.32 -33.16
CA ALA C 289 26.13 28.36 -32.25
C ALA C 289 26.48 29.14 -30.99
N SER C 290 26.51 30.47 -31.12
CA SER C 290 26.75 31.34 -29.97
C SER C 290 25.42 31.73 -29.33
N PRO C 291 25.20 31.42 -28.05
CA PRO C 291 23.93 31.77 -27.41
C PRO C 291 23.80 33.24 -27.04
N TYR C 292 24.82 34.06 -27.30
CA TYR C 292 24.86 35.43 -26.81
C TYR C 292 24.25 36.42 -27.79
N LEU C 293 23.64 35.94 -28.86
CA LEU C 293 23.02 36.78 -29.87
C LEU C 293 21.50 36.71 -29.74
N ARG C 294 20.83 37.76 -30.21
CA ARG C 294 19.39 37.71 -30.43
C ARG C 294 19.16 37.18 -31.84
N TYR C 295 18.40 36.10 -31.95
CA TYR C 295 18.15 35.46 -33.23
C TYR C 295 16.75 35.80 -33.72
N TYR C 296 16.62 35.94 -35.03
CA TYR C 296 15.33 36.12 -35.70
C TYR C 296 15.06 34.89 -36.54
N PHE C 297 13.93 34.24 -36.31
CA PHE C 297 13.57 33.06 -37.07
C PHE C 297 12.78 33.50 -38.30
N ARG C 298 13.41 33.40 -39.46
CA ARG C 298 12.79 33.76 -40.74
C ARG C 298 12.24 35.18 -40.72
N GLU C 299 12.83 36.04 -39.89
CA GLU C 299 12.39 37.42 -39.69
C GLU C 299 10.94 37.49 -39.22
N LEU C 300 10.45 36.44 -38.57
CA LEU C 300 9.07 36.35 -38.09
C LEU C 300 8.96 36.49 -36.58
N ILE C 301 9.88 35.91 -35.84
CA ILE C 301 9.78 35.85 -34.39
C ILE C 301 11.20 35.82 -33.83
N SER C 302 11.42 36.53 -32.73
CA SER C 302 12.73 36.58 -32.11
C SER C 302 12.91 35.40 -31.17
N VAL C 303 14.12 34.86 -31.13
CA VAL C 303 14.42 33.66 -30.36
C VAL C 303 15.74 33.86 -29.65
N PHE C 304 15.76 33.60 -28.35
CA PHE C 304 16.98 33.56 -27.57
C PHE C 304 17.25 32.13 -27.15
N PHE C 305 18.50 31.72 -27.24
CA PHE C 305 18.90 30.39 -26.80
C PHE C 305 19.58 30.53 -25.45
N ARG C 306 19.06 29.84 -24.44
CA ARG C 306 19.57 30.02 -23.09
C ARG C 306 21.02 29.57 -23.01
N ASP C 307 21.76 30.13 -22.04
CA ASP C 307 23.07 29.61 -21.71
C ASP C 307 22.85 28.36 -20.88
N LYS C 308 23.06 27.20 -21.50
CA LYS C 308 22.73 25.94 -20.82
C LYS C 308 23.64 25.69 -19.63
N THR C 309 24.92 26.05 -19.75
CA THR C 309 25.85 25.82 -18.65
C THR C 309 25.45 26.60 -17.40
N LEU C 310 25.24 27.91 -17.55
CA LEU C 310 24.87 28.74 -16.41
C LEU C 310 23.51 28.33 -15.84
N SER C 311 22.57 27.96 -16.72
CA SER C 311 21.25 27.53 -16.28
C SER C 311 21.33 26.23 -15.50
N ASP C 312 22.12 25.27 -16.00
CA ASP C 312 22.25 23.98 -15.32
C ASP C 312 23.05 24.09 -14.02
N LEU C 313 23.94 25.07 -13.92
CA LEU C 313 24.71 25.24 -12.69
C LEU C 313 23.80 25.60 -11.53
N ILE C 314 22.88 26.54 -11.75
CA ILE C 314 21.91 26.89 -10.71
C ILE C 314 20.96 25.73 -10.48
N GLY C 315 20.40 25.18 -11.56
CA GLY C 315 19.30 24.24 -11.40
C GLY C 315 19.72 22.89 -10.86
N PHE C 316 20.98 22.50 -11.05
CA PHE C 316 21.43 21.15 -10.77
C PHE C 316 22.70 21.06 -9.96
N SER C 317 23.53 22.10 -9.92
CA SER C 317 24.89 21.98 -9.40
C SER C 317 25.11 22.71 -8.09
N TYR C 318 24.67 23.97 -7.96
CA TYR C 318 25.08 24.78 -6.82
C TYR C 318 24.45 24.32 -5.50
N HIS C 319 23.42 23.47 -5.54
CA HIS C 319 22.91 22.90 -4.29
C HIS C 319 24.00 22.15 -3.53
N ALA C 320 24.94 21.54 -4.26
CA ALA C 320 26.05 20.81 -3.68
C ALA C 320 27.21 21.71 -3.29
N TRP C 321 27.13 23.01 -3.55
CA TRP C 321 28.19 23.93 -3.17
C TRP C 321 27.82 24.67 -1.89
N ASN C 322 28.83 25.30 -1.30
CA ASN C 322 28.60 26.33 -0.31
C ASN C 322 28.18 27.62 -1.02
N ALA C 323 27.40 28.44 -0.33
CA ALA C 323 26.69 29.54 -1.00
C ALA C 323 27.65 30.57 -1.59
N GLU C 324 28.59 31.06 -0.78
CA GLU C 324 29.51 32.09 -1.29
C GLU C 324 30.38 31.55 -2.42
N ASP C 325 30.79 30.30 -2.32
CA ASP C 325 31.58 29.69 -3.39
C ASP C 325 30.79 29.65 -4.69
N ALA C 326 29.50 29.32 -4.63
CA ALA C 326 28.70 29.23 -5.84
C ALA C 326 28.53 30.58 -6.50
N VAL C 327 28.29 31.62 -5.71
CA VAL C 327 28.17 32.98 -6.27
C VAL C 327 29.48 33.38 -6.95
N ARG C 328 30.61 33.03 -6.33
CA ARG C 328 31.92 33.34 -6.90
C ARG C 328 32.12 32.65 -8.24
N ASP C 329 31.77 31.38 -8.31
CA ASP C 329 31.87 30.64 -9.57
C ASP C 329 30.98 31.27 -10.64
N PHE C 330 29.74 31.60 -10.29
CA PHE C 330 28.81 32.18 -11.25
C PHE C 330 29.33 33.51 -11.77
N ILE C 331 29.69 34.42 -10.86
CA ILE C 331 30.20 35.72 -11.29
C ILE C 331 31.48 35.56 -12.08
N GLY C 332 32.37 34.69 -11.63
CA GLY C 332 33.60 34.41 -12.36
C GLY C 332 33.34 33.92 -13.78
N ARG C 333 32.26 33.16 -13.98
CA ARG C 333 31.92 32.72 -15.32
C ARG C 333 31.36 33.86 -16.16
N LEU C 334 30.58 34.75 -15.55
CA LEU C 334 30.06 35.90 -16.28
C LEU C 334 31.17 36.86 -16.69
N LYS C 335 32.23 36.97 -15.88
CA LYS C 335 33.33 37.84 -16.24
C LYS C 335 34.08 37.31 -17.45
N LYS C 336 34.28 35.99 -17.52
CA LYS C 336 34.97 35.41 -18.66
C LYS C 336 34.15 35.54 -19.94
N ILE C 337 32.82 35.44 -19.84
CA ILE C 337 31.96 35.76 -20.97
C ILE C 337 32.13 37.22 -21.36
N HIS C 338 32.17 38.10 -20.35
CA HIS C 338 32.28 39.54 -20.60
C HIS C 338 33.57 39.87 -21.35
N GLU C 339 34.68 39.22 -21.00
CA GLU C 339 35.95 39.50 -21.64
C GLU C 339 36.15 38.74 -22.94
N SER C 340 35.34 37.72 -23.22
CA SER C 340 35.58 36.85 -24.37
C SER C 340 35.10 37.44 -25.69
N VAL C 341 34.28 38.48 -25.65
CA VAL C 341 33.74 39.09 -26.86
C VAL C 341 33.81 40.60 -26.72
N ASP C 342 33.94 41.28 -27.85
CA ASP C 342 33.99 42.73 -27.84
C ASP C 342 32.64 43.38 -28.11
N PHE C 343 31.60 42.58 -28.28
CA PHE C 343 30.24 43.11 -28.29
C PHE C 343 29.59 42.85 -26.92
N GLN C 344 28.36 43.34 -26.75
CA GLN C 344 27.66 43.17 -25.49
C GLN C 344 26.81 41.92 -25.58
N PRO C 345 27.16 40.83 -24.89
CA PRO C 345 26.41 39.59 -25.02
C PRO C 345 25.14 39.60 -24.18
N VAL C 346 24.14 38.86 -24.64
CA VAL C 346 22.90 38.65 -23.90
C VAL C 346 22.93 37.22 -23.36
N VAL C 347 22.90 37.09 -22.04
CA VAL C 347 23.06 35.80 -21.39
C VAL C 347 21.74 35.46 -20.73
N PHE C 348 21.00 34.53 -21.34
CA PHE C 348 19.72 34.06 -20.80
C PHE C 348 19.97 32.90 -19.85
N VAL C 349 19.54 33.05 -18.60
CA VAL C 349 19.56 31.97 -17.62
C VAL C 349 18.10 31.56 -17.42
N VAL C 350 17.74 30.40 -17.96
CA VAL C 350 16.34 29.95 -18.02
C VAL C 350 16.27 28.53 -17.47
N LEU C 351 15.41 28.32 -16.47
CA LEU C 351 15.25 27.02 -15.82
C LEU C 351 13.98 27.05 -15.00
N ASP C 352 13.59 25.88 -14.49
CA ASP C 352 12.48 25.81 -13.55
C ASP C 352 12.73 26.73 -12.37
N GLY C 353 11.69 27.44 -11.94
CA GLY C 353 11.81 28.40 -10.87
C GLY C 353 11.49 27.92 -9.48
N GLU C 354 11.04 26.67 -9.32
CA GLU C 354 10.57 26.21 -8.02
C GLU C 354 11.14 24.86 -7.58
N ASN C 355 11.96 24.21 -8.41
CA ASN C 355 12.32 22.81 -8.19
C ASN C 355 13.70 22.60 -7.58
N CYS C 356 14.66 23.49 -7.81
CA CYS C 356 16.02 23.24 -7.34
C CYS C 356 16.24 23.64 -5.89
N TRP C 357 15.44 24.59 -5.37
CA TRP C 357 15.76 25.22 -4.09
C TRP C 357 15.64 24.26 -2.92
N GLU C 358 14.71 23.31 -2.96
CA GLU C 358 14.55 22.36 -1.86
C GLU C 358 15.80 21.53 -1.63
N TYR C 359 16.73 21.47 -2.59
CA TYR C 359 17.97 20.75 -2.41
C TYR C 359 19.12 21.64 -1.94
N TYR C 360 18.95 22.96 -1.96
CA TYR C 360 19.94 23.85 -1.39
C TYR C 360 19.78 23.91 0.12
N GLU C 361 20.89 24.16 0.81
CA GLU C 361 20.82 24.50 2.22
C GLU C 361 19.87 25.68 2.41
N GLU C 362 19.00 25.58 3.42
CA GLU C 362 18.11 26.67 3.79
C GLU C 362 17.22 27.12 2.62
N ASN C 363 16.82 26.17 1.77
CA ASN C 363 15.94 26.44 0.63
C ASN C 363 16.57 27.43 -0.36
N GLY C 364 17.90 27.48 -0.42
CA GLY C 364 18.57 28.36 -1.36
C GLY C 364 18.53 29.83 -1.05
N ILE C 365 17.95 30.22 0.08
CA ILE C 365 17.87 31.64 0.42
C ILE C 365 19.26 32.28 0.54
N PRO C 366 20.23 31.69 1.25
CA PRO C 366 21.56 32.31 1.26
C PRO C 366 22.20 32.41 -0.10
N PHE C 367 21.95 31.45 -0.99
CA PHE C 367 22.49 31.55 -2.34
C PHE C 367 21.87 32.72 -3.11
N LEU C 368 20.53 32.75 -3.17
CA LEU C 368 19.86 33.78 -3.95
C LEU C 368 20.12 35.18 -3.38
N GLU C 369 20.14 35.31 -2.05
CA GLU C 369 20.38 36.62 -1.46
C GLU C 369 21.78 37.11 -1.75
N LYS C 370 22.79 36.23 -1.68
CA LYS C 370 24.14 36.62 -2.05
C LYS C 370 24.26 36.88 -3.54
N LEU C 371 23.65 36.02 -4.37
CA LEU C 371 23.71 36.20 -5.81
C LEU C 371 23.11 37.54 -6.21
N TYR C 372 21.88 37.82 -5.76
CA TYR C 372 21.21 39.05 -6.15
C TYR C 372 21.90 40.27 -5.55
N SER C 373 22.41 40.16 -4.32
CA SER C 373 23.13 41.27 -3.71
C SER C 373 24.40 41.59 -4.49
N THR C 374 25.12 40.55 -4.93
CA THR C 374 26.34 40.76 -5.70
C THR C 374 26.03 41.33 -7.08
N LEU C 375 25.03 40.77 -7.76
CA LEU C 375 24.65 41.25 -9.09
C LEU C 375 24.22 42.71 -9.05
N GLU C 376 23.44 43.09 -8.04
CA GLU C 376 22.94 44.45 -7.97
C GLU C 376 24.05 45.48 -7.79
N LYS C 377 25.24 45.05 -7.38
CA LYS C 377 26.37 45.94 -7.14
C LYS C 377 27.43 45.87 -8.24
N GLU C 378 27.33 44.95 -9.19
CA GLU C 378 28.33 44.82 -10.24
C GLU C 378 28.07 45.84 -11.34
N GLU C 379 29.07 46.69 -11.62
CA GLU C 379 28.88 47.79 -12.54
C GLU C 379 28.72 47.33 -13.98
N TRP C 380 29.39 46.24 -14.37
CA TRP C 380 29.44 45.81 -15.76
C TRP C 380 28.37 44.78 -16.11
N ILE C 381 27.57 44.33 -15.16
CA ILE C 381 26.43 43.46 -15.42
C ILE C 381 25.16 44.29 -15.34
N GLU C 382 24.34 44.23 -16.39
CA GLU C 382 23.00 44.80 -16.35
C GLU C 382 21.99 43.69 -16.57
N THR C 383 21.20 43.39 -15.55
CA THR C 383 20.09 42.46 -15.70
C THR C 383 18.94 43.14 -16.43
N LEU C 384 18.24 42.39 -17.28
CA LEU C 384 17.21 42.94 -18.14
C LEU C 384 15.89 42.19 -17.97
N THR C 385 14.80 42.93 -18.12
CA THR C 385 13.52 42.29 -18.39
C THR C 385 13.53 41.70 -19.80
N LEU C 386 12.62 40.75 -20.03
CA LEU C 386 12.44 40.21 -21.36
C LEU C 386 12.16 41.32 -22.37
N GLU C 387 11.34 42.29 -21.97
CA GLU C 387 11.04 43.43 -22.84
C GLU C 387 12.30 44.20 -23.19
N GLU C 388 13.18 44.40 -22.21
CA GLU C 388 14.44 45.10 -22.49
C GLU C 388 15.35 44.26 -23.37
N ALA C 389 15.42 42.94 -23.11
CA ALA C 389 16.23 42.08 -23.96
C ALA C 389 15.66 42.02 -25.38
N MET C 390 14.33 42.08 -25.49
CA MET C 390 13.71 42.18 -26.80
C MET C 390 14.18 43.44 -27.52
N ARG C 391 14.01 44.60 -26.89
CA ARG C 391 14.13 45.88 -27.56
C ARG C 391 15.55 46.47 -27.47
N LYS C 392 16.50 45.76 -26.89
CA LYS C 392 17.85 46.29 -26.73
C LYS C 392 18.53 46.43 -28.10
N GLU C 393 19.13 47.59 -28.34
CA GLU C 393 19.70 47.89 -29.66
C GLU C 393 21.19 47.61 -29.76
N ASP C 394 21.96 47.80 -28.69
CA ASP C 394 23.41 47.69 -28.76
C ASP C 394 23.84 46.24 -28.55
N VAL C 395 23.41 45.39 -29.48
CA VAL C 395 23.50 43.95 -29.31
C VAL C 395 23.69 43.30 -30.68
N LYS C 396 24.31 42.12 -30.68
CA LYS C 396 24.56 41.41 -31.93
C LYS C 396 23.39 40.49 -32.26
N THR C 397 23.25 40.21 -33.56
CA THR C 397 21.97 39.78 -34.09
C THR C 397 22.20 38.88 -35.30
N GLU C 398 21.40 37.82 -35.42
CA GLU C 398 21.55 36.87 -36.51
C GLU C 398 20.19 36.36 -36.96
N VAL C 399 20.07 36.08 -38.25
CA VAL C 399 18.85 35.49 -38.83
C VAL C 399 19.05 33.99 -38.98
N ILE C 400 18.02 33.23 -38.62
CA ILE C 400 18.05 31.77 -38.68
C ILE C 400 16.84 31.29 -39.46
N GLU C 401 17.04 30.31 -40.34
CA GLU C 401 15.99 29.87 -41.24
C GLU C 401 15.33 28.55 -40.87
N SER C 402 15.98 27.72 -40.04
CA SER C 402 15.47 26.39 -39.75
C SER C 402 16.06 25.91 -38.43
N VAL C 403 15.25 25.18 -37.65
CA VAL C 403 15.72 24.57 -36.43
C VAL C 403 15.43 23.07 -36.48
N LYS C 404 16.26 22.30 -35.79
CA LYS C 404 16.03 20.87 -35.60
C LYS C 404 15.16 20.67 -34.36
N ALA C 405 13.98 20.07 -34.55
CA ALA C 405 13.03 19.94 -33.44
C ALA C 405 13.67 19.24 -32.26
N GLY C 406 13.36 19.70 -31.06
CA GLY C 406 13.90 19.07 -29.87
C GLY C 406 13.38 19.74 -28.61
N THR C 407 13.99 19.37 -27.48
CA THR C 407 13.68 19.91 -26.16
C THR C 407 14.99 20.20 -25.44
N TRP C 408 14.89 20.75 -24.23
CA TRP C 408 16.10 20.97 -23.44
C TRP C 408 16.55 19.73 -22.68
N PHE C 409 15.98 18.56 -22.96
CA PHE C 409 16.46 17.29 -22.41
C PHE C 409 17.04 16.48 -23.56
N ASP C 410 18.37 16.51 -23.67
CA ASP C 410 19.14 15.81 -24.69
C ASP C 410 18.80 16.27 -26.10
N GLY C 411 18.13 17.40 -26.25
CA GLY C 411 17.75 17.87 -27.56
C GLY C 411 16.79 16.98 -28.32
N ASN C 412 16.10 16.07 -27.63
CA ASN C 412 15.18 15.15 -28.30
C ASN C 412 13.93 14.98 -27.43
N PHE C 413 13.05 14.06 -27.85
CA PHE C 413 11.75 13.91 -27.20
C PHE C 413 11.61 12.61 -26.41
N LEU C 414 12.72 11.93 -26.10
CA LEU C 414 12.65 10.59 -25.51
C LEU C 414 12.11 10.60 -24.09
N LYS C 415 12.07 11.75 -23.41
CA LYS C 415 11.49 11.75 -22.06
C LYS C 415 9.98 11.58 -22.07
N TRP C 416 9.32 11.80 -23.22
CA TRP C 416 7.87 11.78 -23.28
C TRP C 416 7.32 10.79 -24.30
N ILE C 417 8.16 10.17 -25.13
CA ILE C 417 7.69 9.26 -26.15
C ILE C 417 8.83 8.32 -26.49
N GLY C 418 8.49 7.12 -26.96
CA GLY C 418 9.54 6.26 -27.45
C GLY C 418 9.60 4.87 -26.87
N ASN C 419 9.31 4.71 -25.58
CA ASN C 419 9.27 3.38 -25.00
C ASN C 419 7.83 2.89 -24.90
N LYS C 420 7.68 1.58 -24.64
CA LYS C 420 6.37 0.96 -24.71
C LYS C 420 5.37 1.61 -23.78
N GLU C 421 5.79 1.94 -22.55
CA GLU C 421 4.86 2.51 -21.57
C GLU C 421 4.43 3.91 -21.95
N LYS C 422 5.40 4.77 -22.29
CA LYS C 422 5.06 6.14 -22.71
C LYS C 422 4.22 6.12 -23.97
N ASN C 423 4.54 5.21 -24.91
CA ASN C 423 3.76 5.13 -26.14
C ASN C 423 2.33 4.68 -25.88
N GLU C 424 2.12 3.84 -24.86
CA GLU C 424 0.76 3.44 -24.50
C GLU C 424 -0.08 4.65 -24.10
N TYR C 425 0.52 5.59 -23.37
CA TYR C 425 -0.18 6.84 -23.03
C TYR C 425 -0.60 7.60 -24.28
N TRP C 426 0.30 7.71 -25.26
CA TRP C 426 -0.04 8.42 -26.49
C TRP C 426 -1.17 7.73 -27.24
N LYS C 427 -1.15 6.39 -27.26
CA LYS C 427 -2.24 5.62 -27.87
C LYS C 427 -3.56 5.90 -27.18
N ILE C 428 -3.55 5.92 -25.85
CA ILE C 428 -4.74 6.25 -25.09
C ILE C 428 -5.22 7.65 -25.44
N LEU C 429 -4.28 8.58 -25.57
CA LEU C 429 -4.62 9.94 -25.97
C LEU C 429 -5.19 9.98 -27.38
N ILE C 430 -4.54 9.28 -28.32
CA ILE C 430 -4.99 9.28 -29.71
C ILE C 430 -6.41 8.73 -29.81
N GLU C 431 -6.68 7.62 -29.14
CA GLU C 431 -8.01 7.02 -29.20
C GLU C 431 -9.05 7.91 -28.53
N ALA C 432 -8.71 8.52 -27.39
CA ALA C 432 -9.65 9.41 -26.72
C ALA C 432 -9.91 10.67 -27.52
N LYS C 433 -8.91 11.14 -28.29
CA LYS C 433 -9.09 12.35 -29.08
C LYS C 433 -10.13 12.14 -30.18
N LYS C 434 -10.17 10.93 -30.76
CA LYS C 434 -11.19 10.59 -31.73
C LYS C 434 -12.60 10.79 -31.19
N LYS C 435 -12.78 10.71 -29.88
CA LYS C 435 -14.10 10.79 -29.25
C LYS C 435 -14.16 11.86 -28.17
N ALA C 436 -13.24 12.83 -28.21
CA ALA C 436 -13.24 13.90 -27.24
C ALA C 436 -14.44 14.82 -27.47
N LYS C 437 -14.95 15.40 -26.38
CA LYS C 437 -16.08 16.31 -26.46
C LYS C 437 -15.93 17.56 -25.60
N ASN C 438 -14.83 17.71 -24.87
CA ASN C 438 -14.60 18.90 -24.07
C ASN C 438 -13.10 19.14 -23.92
N ASP C 439 -12.76 20.26 -23.29
CA ASP C 439 -11.38 20.70 -23.18
C ASP C 439 -10.56 19.88 -22.19
N TYR C 440 -11.12 18.84 -21.56
CA TYR C 440 -10.29 17.98 -20.75
C TYR C 440 -9.32 17.15 -21.57
N ILE C 441 -9.52 17.07 -22.89
CA ILE C 441 -8.52 16.44 -23.75
C ILE C 441 -7.26 17.28 -23.78
N LEU C 442 -7.39 18.61 -23.65
CA LEU C 442 -6.20 19.46 -23.60
C LEU C 442 -5.42 19.25 -22.31
N VAL C 443 -6.12 18.99 -21.21
CA VAL C 443 -5.42 18.72 -19.95
C VAL C 443 -4.57 17.46 -20.08
N ALA C 444 -5.14 16.42 -20.70
CA ALA C 444 -4.43 15.17 -20.88
C ALA C 444 -3.28 15.29 -21.86
N GLU C 445 -3.27 16.32 -22.69
CA GLU C 445 -2.14 16.55 -23.59
C GLU C 445 -0.95 17.19 -22.88
N GLY C 446 -1.05 17.44 -21.58
CA GLY C 446 0.05 18.04 -20.85
C GLY C 446 1.25 17.12 -20.82
N SER C 447 2.45 17.72 -20.89
CA SER C 447 3.68 16.95 -20.97
C SER C 447 3.94 16.14 -19.70
N ASP C 448 3.44 16.59 -18.56
CA ASP C 448 3.80 15.98 -17.27
C ASP C 448 3.40 14.51 -17.19
N TRP C 449 2.22 14.17 -17.71
CA TRP C 449 1.75 12.79 -17.59
C TRP C 449 2.71 11.83 -18.26
N PHE C 450 3.21 12.19 -19.44
CA PHE C 450 4.14 11.35 -20.18
C PHE C 450 5.52 11.32 -19.54
N TRP C 451 5.88 12.36 -18.77
CA TRP C 451 7.18 12.40 -18.13
C TRP C 451 7.30 11.31 -17.07
N TRP C 452 6.29 11.14 -16.23
CA TRP C 452 6.35 10.18 -15.14
C TRP C 452 6.04 8.76 -15.58
N GLN C 453 5.39 8.59 -16.73
CA GLN C 453 4.99 7.29 -17.21
C GLN C 453 6.19 6.57 -17.81
N GLY C 454 6.31 5.28 -17.52
CA GLY C 454 7.38 4.48 -18.08
C GLY C 454 8.74 4.77 -17.48
N GLU C 455 8.80 5.00 -16.18
CA GLU C 455 10.05 5.21 -15.45
C GLU C 455 10.13 4.19 -14.33
N GLU C 456 11.29 4.14 -13.66
CA GLU C 456 11.40 3.29 -12.49
C GLU C 456 10.34 3.70 -11.49
N LYS C 457 9.73 2.70 -10.84
CA LYS C 457 8.62 2.99 -9.95
C LYS C 457 9.06 3.94 -8.85
N ALA C 458 8.19 4.89 -8.53
CA ALA C 458 8.48 5.95 -7.58
C ALA C 458 7.21 6.25 -6.80
N PRO C 459 7.32 6.78 -5.58
CA PRO C 459 6.11 7.10 -4.82
C PRO C 459 5.24 8.11 -5.54
N PHE C 460 3.93 7.85 -5.54
CA PHE C 460 2.88 8.71 -6.05
C PHE C 460 2.80 8.78 -7.58
N VAL C 461 3.57 7.95 -8.30
CA VAL C 461 3.38 7.88 -9.75
C VAL C 461 1.98 7.39 -10.08
N GLU C 462 1.40 6.55 -9.22
CA GLU C 462 0.01 6.12 -9.39
C GLU C 462 -0.93 7.32 -9.40
N VAL C 463 -0.56 8.40 -8.71
CA VAL C 463 -1.42 9.57 -8.68
C VAL C 463 -1.43 10.26 -10.04
N PHE C 464 -0.25 10.47 -10.62
CA PHE C 464 -0.19 11.05 -11.95
C PHE C 464 -0.93 10.17 -12.95
N ASP C 465 -0.78 8.85 -12.82
CA ASP C 465 -1.47 7.94 -13.73
C ASP C 465 -2.98 7.97 -13.51
N LYS C 466 -3.42 8.00 -12.25
CA LYS C 466 -4.85 8.16 -11.99
C LYS C 466 -5.36 9.47 -12.57
N LEU C 467 -4.58 10.55 -12.44
CA LEU C 467 -4.99 11.84 -12.94
C LEU C 467 -5.11 11.84 -14.47
N PHE C 468 -4.08 11.34 -15.16
CA PHE C 468 -4.09 11.29 -16.61
C PHE C 468 -5.31 10.54 -17.13
N ARG C 469 -5.53 9.33 -16.61
CA ARG C 469 -6.62 8.50 -17.09
C ARG C 469 -7.98 9.09 -16.71
N SER C 470 -8.05 9.88 -15.64
CA SER C 470 -9.31 10.52 -15.27
C SER C 470 -9.66 11.67 -16.22
N PHE C 471 -8.65 12.47 -16.60
CA PHE C 471 -8.87 13.53 -17.58
C PHE C 471 -9.24 12.96 -18.94
N VAL C 472 -8.61 11.83 -19.32
CA VAL C 472 -8.91 11.19 -20.60
C VAL C 472 -10.34 10.68 -20.60
N ARG C 473 -10.80 10.09 -19.50
CA ARG C 473 -12.17 9.62 -19.42
C ARG C 473 -13.16 10.79 -19.38
N ARG C 474 -12.85 11.82 -18.58
CA ARG C 474 -13.75 12.97 -18.52
C ARG C 474 -13.83 13.68 -19.87
N ALA C 475 -12.76 13.61 -20.66
CA ALA C 475 -12.74 14.22 -21.98
C ALA C 475 -13.81 13.62 -22.90
N GLN C 476 -14.17 12.36 -22.69
CA GLN C 476 -15.06 11.65 -23.59
C GLN C 476 -16.48 11.56 -23.09
N GLU C 477 -16.84 12.40 -22.13
CA GLU C 477 -18.18 12.35 -21.62
C GLU C 477 -18.82 13.68 -21.97
N LYS D 2 30.93 25.61 10.90
CA LYS D 2 31.54 26.47 11.90
C LYS D 2 32.68 27.29 11.29
N LYS D 3 32.46 28.60 11.17
CA LYS D 3 33.33 29.47 10.40
C LYS D 3 34.28 30.27 11.29
N LEU D 4 35.50 30.48 10.78
CA LEU D 4 36.40 31.49 11.32
C LEU D 4 36.19 32.77 10.53
N PHE D 5 36.06 33.89 11.24
CA PHE D 5 35.80 35.18 10.62
C PHE D 5 37.09 35.97 10.57
N LEU D 6 37.51 36.33 9.35
CA LEU D 6 38.80 36.96 9.09
C LEU D 6 38.57 38.38 8.59
N VAL D 7 39.22 39.34 9.23
CA VAL D 7 39.05 40.75 8.90
C VAL D 7 40.44 41.34 8.64
N PHE D 8 40.71 41.67 7.38
CA PHE D 8 41.91 42.41 7.01
C PHE D 8 41.60 43.90 7.10
N TRP D 9 42.49 44.66 7.73
CA TRP D 9 42.34 46.11 7.88
C TRP D 9 43.69 46.73 7.53
N TRP D 10 43.79 47.24 6.29
CA TRP D 10 45.02 47.83 5.77
C TRP D 10 45.00 49.34 6.02
N HIS D 11 45.97 49.82 6.80
CA HIS D 11 46.03 51.21 7.22
C HIS D 11 46.95 52.01 6.31
N MET D 12 46.41 53.05 5.69
CA MET D 12 47.14 53.91 4.75
C MET D 12 47.32 55.30 5.35
N HIS D 13 48.55 55.83 5.29
CA HIS D 13 48.82 57.11 5.91
C HIS D 13 50.12 57.68 5.36
N GLN D 14 50.17 59.02 5.27
CA GLN D 14 51.39 59.74 4.99
C GLN D 14 51.28 61.05 5.76
N PRO D 15 52.29 61.42 6.52
CA PRO D 15 52.29 62.77 7.12
C PRO D 15 52.33 63.82 6.02
N LEU D 16 52.07 65.06 6.42
CA LEU D 16 52.03 66.15 5.46
C LEU D 16 53.45 66.53 5.06
N TYR D 17 53.82 66.24 3.81
CA TYR D 17 55.13 66.58 3.28
C TYR D 17 55.17 67.97 2.65
N ARG D 18 54.04 68.66 2.61
CA ARG D 18 53.90 69.94 1.93
C ARG D 18 54.34 71.07 2.86
N GLU D 19 55.53 71.60 2.64
CA GLU D 19 56.01 72.73 3.41
C GLU D 19 55.05 73.91 3.21
N PRO D 20 54.57 74.55 4.29
CA PRO D 20 53.49 75.53 4.13
C PRO D 20 53.93 76.87 3.53
N TYR D 21 55.20 77.23 3.60
CA TYR D 21 55.62 78.51 3.04
C TYR D 21 55.93 78.40 1.55
N THR D 22 56.72 77.41 1.16
CA THR D 22 57.07 77.21 -0.24
C THR D 22 56.05 76.36 -0.98
N GLY D 23 55.15 75.68 -0.27
CA GLY D 23 54.19 74.81 -0.92
C GLY D 23 54.75 73.54 -1.49
N GLU D 24 56.02 73.25 -1.25
CA GLU D 24 56.69 72.13 -1.89
C GLU D 24 56.59 70.87 -1.04
N TYR D 25 56.24 69.76 -1.69
CA TYR D 25 56.41 68.44 -1.10
C TYR D 25 57.89 68.12 -1.08
N LEU D 26 58.47 68.09 0.12
CA LEU D 26 59.90 67.94 0.29
C LEU D 26 60.34 66.50 0.34
N LEU D 27 59.40 65.55 0.31
CA LEU D 27 59.71 64.14 0.12
C LEU D 27 58.66 63.55 -0.81
N PRO D 28 59.03 62.55 -1.61
CA PRO D 28 58.10 62.00 -2.60
C PRO D 28 57.30 60.78 -2.13
N TRP D 29 57.28 60.49 -0.83
CA TRP D 29 56.76 59.21 -0.36
C TRP D 29 55.28 59.04 -0.68
N THR D 30 54.49 60.12 -0.62
CA THR D 30 53.06 59.98 -0.96
C THR D 30 52.88 59.62 -2.43
N PHE D 31 53.66 60.23 -3.32
CA PHE D 31 53.56 59.91 -4.74
C PHE D 31 53.94 58.46 -5.02
N PHE D 32 55.07 58.02 -4.44
CA PHE D 32 55.55 56.67 -4.74
C PHE D 32 54.65 55.61 -4.12
N HIS D 33 54.08 55.89 -2.96
CA HIS D 33 53.15 54.92 -2.37
C HIS D 33 51.76 55.00 -2.99
N ALA D 34 51.40 56.14 -3.58
CA ALA D 34 50.15 56.22 -4.32
C ALA D 34 50.23 55.39 -5.60
N VAL D 35 51.32 55.52 -6.35
CA VAL D 35 51.44 54.80 -7.62
C VAL D 35 51.63 53.31 -7.39
N LYS D 36 52.23 52.92 -6.27
CA LYS D 36 52.57 51.53 -6.01
C LYS D 36 51.52 50.79 -5.19
N ASP D 37 50.89 51.44 -4.20
CA ASP D 37 50.09 50.71 -3.22
C ASP D 37 48.67 51.26 -3.03
N TYR D 38 48.50 52.58 -2.96
CA TYR D 38 47.21 53.12 -2.53
C TYR D 38 46.10 52.81 -3.53
N TYR D 39 46.41 52.80 -4.83
CA TYR D 39 45.41 52.34 -5.78
C TYR D 39 45.37 50.82 -5.82
N ASP D 40 46.53 50.17 -5.81
CA ASP D 40 46.60 48.77 -6.16
C ASP D 40 46.11 47.84 -5.04
N MET D 41 46.24 48.26 -3.77
CA MET D 41 45.78 47.40 -2.68
C MET D 41 44.26 47.22 -2.70
N PRO D 42 43.44 48.27 -2.77
CA PRO D 42 41.98 48.04 -2.96
C PRO D 42 41.65 47.49 -4.33
N ALA D 43 42.56 47.59 -5.30
CA ALA D 43 42.32 47.06 -6.64
C ALA D 43 42.29 45.54 -6.67
N TYR D 44 42.87 44.88 -5.66
CA TYR D 44 42.81 43.43 -5.60
C TYR D 44 41.38 42.93 -5.57
N LEU D 45 40.46 43.74 -5.05
CA LEU D 45 39.06 43.35 -4.94
C LEU D 45 38.37 43.25 -6.30
N LYS D 46 38.97 43.82 -7.35
CA LYS D 46 38.46 43.59 -8.70
C LYS D 46 38.66 42.15 -9.14
N ASP D 47 39.77 41.53 -8.72
CA ASP D 47 40.15 40.20 -9.17
C ASP D 47 39.85 39.10 -8.18
N PHE D 48 39.54 39.44 -6.92
CA PHE D 48 39.31 38.44 -5.89
C PHE D 48 38.03 38.80 -5.15
N GLU D 49 37.13 37.82 -5.04
CA GLU D 49 35.83 38.03 -4.40
C GLU D 49 35.94 37.69 -2.91
N ILE D 50 36.70 38.53 -2.21
CA ILE D 50 36.79 38.54 -0.78
C ILE D 50 36.47 39.94 -0.28
N LYS D 51 36.47 40.11 1.04
CA LYS D 51 36.31 41.42 1.66
C LYS D 51 37.66 41.89 2.18
N LEU D 52 38.00 43.15 1.88
CA LEU D 52 39.20 43.78 2.40
C LEU D 52 38.84 45.18 2.86
N ASN D 53 39.32 45.56 4.05
CA ASN D 53 39.00 46.84 4.63
C ASN D 53 40.24 47.73 4.63
N PHE D 54 40.00 49.03 4.61
CA PHE D 54 41.08 50.01 4.47
C PHE D 54 40.85 51.19 5.40
N ASN D 55 41.93 51.69 5.96
CA ASN D 55 41.94 52.97 6.66
C ASN D 55 42.68 53.99 5.82
N LEU D 56 42.06 55.14 5.60
CA LEU D 56 42.67 56.27 4.91
C LEU D 56 42.70 57.45 5.88
N THR D 57 43.90 57.91 6.23
CA THR D 57 43.90 59.09 7.08
C THR D 57 43.61 60.33 6.26
N PRO D 58 42.97 61.34 6.87
CA PRO D 58 42.58 62.53 6.10
C PRO D 58 43.74 63.34 5.57
N VAL D 59 44.88 63.37 6.27
CA VAL D 59 46.02 64.11 5.74
C VAL D 59 46.58 63.39 4.51
N LEU D 60 46.44 62.06 4.44
CA LEU D 60 46.78 61.34 3.22
C LEU D 60 45.84 61.72 2.09
N ILE D 61 44.53 61.69 2.35
CA ILE D 61 43.54 62.02 1.32
C ILE D 61 43.80 63.42 0.75
N ASP D 62 44.11 64.39 1.62
CA ASP D 62 44.47 65.73 1.15
C ASP D 62 45.58 65.66 0.12
N GLN D 63 46.66 64.94 0.43
CA GLN D 63 47.81 64.88 -0.46
C GLN D 63 47.47 64.15 -1.76
N ILE D 64 46.72 63.05 -1.67
CA ILE D 64 46.28 62.34 -2.87
C ILE D 64 45.51 63.27 -3.78
N GLN D 65 44.60 64.07 -3.20
CA GLN D 65 43.83 65.02 -4.00
C GLN D 65 44.75 66.06 -4.66
N GLU D 66 45.74 66.55 -3.92
CA GLU D 66 46.64 67.56 -4.49
C GLU D 66 47.46 66.98 -5.64
N TYR D 67 47.96 65.75 -5.49
CA TYR D 67 48.67 65.11 -6.58
C TYR D 67 47.75 64.85 -7.76
N ALA D 68 46.50 64.47 -7.49
CA ALA D 68 45.57 64.14 -8.55
C ALA D 68 45.24 65.35 -9.42
N GLN D 69 45.01 66.50 -8.79
CA GLN D 69 44.71 67.72 -9.54
C GLN D 69 45.93 68.31 -10.21
N GLY D 70 47.12 67.71 -10.05
CA GLY D 70 48.32 68.27 -10.62
C GLY D 70 48.88 69.47 -9.89
N LYS D 71 48.33 69.80 -8.72
CA LYS D 71 48.76 70.96 -7.96
C LYS D 71 49.90 70.65 -6.99
N ALA D 72 50.37 69.40 -6.95
CA ALA D 72 51.42 69.01 -6.03
C ALA D 72 52.78 69.32 -6.63
N LYS D 73 53.53 70.20 -5.97
CA LYS D 73 54.88 70.59 -6.38
C LYS D 73 55.87 69.73 -5.61
N ASP D 74 56.29 68.62 -6.23
CA ASP D 74 57.13 67.62 -5.57
C ASP D 74 58.57 67.85 -5.99
N VAL D 75 59.42 68.18 -5.01
CA VAL D 75 60.79 68.59 -5.31
C VAL D 75 61.60 67.43 -5.88
N PHE D 76 61.48 66.25 -5.26
CA PHE D 76 62.20 65.10 -5.77
C PHE D 76 61.68 64.69 -7.14
N LEU D 77 60.36 64.77 -7.35
CA LEU D 77 59.78 64.40 -8.63
C LEU D 77 60.22 65.35 -9.74
N GLU D 78 60.35 66.64 -9.42
CA GLU D 78 60.85 67.58 -10.42
C GLU D 78 62.21 67.15 -10.95
N ALA D 79 63.10 66.72 -10.06
CA ALA D 79 64.40 66.20 -10.47
C ALA D 79 64.29 64.92 -11.28
N ILE D 80 63.20 64.16 -11.10
CA ILE D 80 62.98 63.00 -11.96
C ILE D 80 62.59 63.43 -13.36
N ARG D 81 61.72 64.45 -13.46
CA ARG D 81 61.10 64.79 -14.73
C ARG D 81 62.08 65.49 -15.66
N LYS D 82 62.94 66.35 -15.13
CA LYS D 82 63.84 67.16 -15.95
C LYS D 82 64.70 66.29 -16.87
N ASP D 83 65.03 66.83 -18.02
CA ASP D 83 66.14 66.27 -18.77
C ASP D 83 67.40 66.33 -17.90
N PRO D 84 68.23 65.29 -17.90
CA PRO D 84 69.42 65.28 -17.04
C PRO D 84 70.37 66.43 -17.28
N ASP D 85 70.30 67.11 -18.44
CA ASP D 85 71.18 68.26 -18.67
C ASP D 85 70.82 69.45 -17.80
N ASP D 86 69.59 69.53 -17.31
CA ASP D 86 69.13 70.62 -16.45
C ASP D 86 69.32 70.32 -14.97
N LEU D 87 69.85 69.16 -14.61
CA LEU D 87 69.92 68.78 -13.20
C LEU D 87 71.02 69.56 -12.49
N GLU D 88 70.67 70.18 -11.37
CA GLU D 88 71.65 70.74 -10.48
C GLU D 88 72.42 69.62 -9.78
N LYS D 89 73.66 69.94 -9.35
CA LYS D 89 74.44 68.94 -8.63
C LYS D 89 73.72 68.46 -7.38
N GLU D 90 72.99 69.36 -6.70
CA GLU D 90 72.20 68.95 -5.54
C GLU D 90 71.16 67.92 -5.91
N GLU D 91 70.51 68.10 -7.07
CA GLU D 91 69.46 67.18 -7.49
C GLU D 91 70.05 65.81 -7.89
N VAL D 92 71.20 65.82 -8.55
CA VAL D 92 71.88 64.55 -8.84
C VAL D 92 72.21 63.82 -7.54
N GLU D 93 72.70 64.55 -6.54
CA GLU D 93 73.05 63.94 -5.27
C GLU D 93 71.82 63.35 -4.58
N LYS D 94 70.70 64.09 -4.59
CA LYS D 94 69.50 63.57 -3.95
C LYS D 94 68.93 62.39 -4.73
N LEU D 95 69.02 62.43 -6.06
CA LEU D 95 68.63 61.27 -6.85
C LEU D 95 69.47 60.05 -6.49
N ILE D 96 70.77 60.24 -6.31
CA ILE D 96 71.66 59.13 -5.98
C ILE D 96 71.41 58.63 -4.56
N GLU D 97 71.23 59.56 -3.61
CA GLU D 97 70.99 59.17 -2.23
C GLU D 97 69.67 58.41 -2.09
N PHE D 98 68.63 58.88 -2.77
CA PHE D 98 67.37 58.15 -2.81
C PHE D 98 67.56 56.74 -3.37
N THR D 99 68.41 56.60 -4.39
CA THR D 99 68.66 55.28 -4.96
C THR D 99 69.45 54.40 -3.99
N LYS D 100 70.39 54.99 -3.25
CA LYS D 100 71.12 54.23 -2.24
C LYS D 100 70.21 53.80 -1.10
N LEU D 101 69.25 54.66 -0.73
CA LEU D 101 68.32 54.34 0.35
C LEU D 101 67.50 53.10 0.04
N ASN D 102 67.14 52.90 -1.24
CA ASN D 102 66.26 51.82 -1.66
C ASN D 102 67.01 50.69 -2.36
N TYR D 103 68.34 50.75 -2.39
CA TYR D 103 69.13 49.91 -3.29
C TYR D 103 68.95 48.42 -3.03
N GLU D 104 68.70 48.03 -1.78
CA GLU D 104 68.65 46.61 -1.44
C GLU D 104 67.25 46.02 -1.47
N LYS D 105 66.24 46.82 -1.75
CA LYS D 105 64.88 46.30 -1.78
C LYS D 105 64.64 45.54 -3.08
N PRO D 106 63.92 44.42 -3.02
CA PRO D 106 63.67 43.63 -4.24
C PRO D 106 63.07 44.44 -5.39
N ILE D 107 62.29 45.47 -5.11
CA ILE D 107 61.69 46.25 -6.20
C ILE D 107 62.74 47.09 -6.93
N TYR D 108 63.88 47.36 -6.30
CA TYR D 108 64.96 48.07 -6.97
C TYR D 108 65.97 47.15 -7.64
N ARG D 109 65.66 45.85 -7.72
CA ARG D 109 66.58 44.88 -8.32
C ARG D 109 66.49 45.01 -9.84
N PHE D 110 67.24 45.97 -10.37
CA PHE D 110 67.48 46.14 -11.79
C PHE D 110 68.98 46.11 -12.02
N GLU D 111 69.44 45.29 -12.97
CA GLU D 111 70.87 45.20 -13.22
C GLU D 111 71.48 46.55 -13.59
N ARG D 112 70.71 47.39 -14.28
CA ARG D 112 71.24 48.70 -14.67
C ARG D 112 71.45 49.61 -13.46
N ILE D 113 70.64 49.46 -12.41
CA ILE D 113 70.85 50.26 -11.21
C ILE D 113 72.16 49.88 -10.53
N ARG D 114 72.52 48.59 -10.57
CA ARG D 114 73.81 48.17 -10.01
C ARG D 114 74.96 48.77 -10.81
N GLU D 115 74.81 48.86 -12.12
CA GLU D 115 75.84 49.49 -12.95
C GLU D 115 75.95 50.98 -12.66
N LEU D 116 74.80 51.67 -12.60
CA LEU D 116 74.81 53.11 -12.40
C LEU D 116 75.41 53.49 -11.07
N MET D 117 75.09 52.73 -10.01
CA MET D 117 75.62 53.03 -8.68
C MET D 117 77.11 52.76 -8.56
N ASN D 118 77.72 52.07 -9.52
CA ASN D 118 79.14 51.74 -9.49
C ASN D 118 79.96 52.60 -10.44
N LYS D 119 79.49 53.79 -10.79
CA LYS D 119 80.22 54.63 -11.73
C LYS D 119 80.35 56.04 -11.18
N GLU D 120 81.55 56.60 -11.31
CA GLU D 120 81.91 57.81 -10.58
C GLU D 120 81.28 59.06 -11.15
N LYS D 121 81.02 59.09 -12.45
CA LYS D 121 80.38 60.23 -13.09
C LYS D 121 79.30 59.68 -14.01
N LEU D 122 78.11 60.23 -13.91
CA LEU D 122 76.98 59.82 -14.73
C LEU D 122 76.79 60.82 -15.86
N ASN D 123 76.71 60.31 -17.09
CA ASN D 123 76.40 61.16 -18.21
C ASN D 123 74.88 61.26 -18.37
N ARG D 124 74.44 61.95 -19.42
CA ARG D 124 73.03 62.25 -19.55
C ARG D 124 72.19 60.98 -19.73
N GLU D 125 72.61 60.08 -20.63
CA GLU D 125 71.87 58.85 -20.88
C GLU D 125 71.83 57.97 -19.62
N GLU D 126 72.92 57.97 -18.84
CA GLU D 126 72.95 57.20 -17.60
C GLU D 126 72.00 57.80 -16.56
N LEU D 127 71.98 59.13 -16.47
CA LEU D 127 71.06 59.78 -15.53
C LEU D 127 69.61 59.56 -15.94
N LEU D 128 69.34 59.53 -17.24
CA LEU D 128 68.01 59.19 -17.72
C LEU D 128 67.61 57.81 -17.21
N ASP D 129 68.52 56.84 -17.27
CA ASP D 129 68.23 55.51 -16.75
C ASP D 129 68.00 55.54 -15.25
N LEU D 130 68.80 56.32 -14.52
CA LEU D 130 68.59 56.43 -13.08
C LEU D 130 67.23 57.03 -12.76
N GLN D 131 66.82 58.07 -13.49
CA GLN D 131 65.52 58.68 -13.27
C GLN D 131 64.39 57.69 -13.53
N THR D 132 64.41 57.06 -14.70
CA THR D 132 63.29 56.21 -15.10
C THR D 132 63.25 54.92 -14.28
N LEU D 133 64.42 54.37 -13.92
CA LEU D 133 64.42 53.12 -13.16
C LEU D 133 63.92 53.34 -11.74
N ASN D 134 64.24 54.49 -11.15
CA ASN D 134 63.63 54.83 -9.86
C ASN D 134 62.12 54.86 -9.96
N LEU D 135 61.59 55.43 -11.05
CA LEU D 135 60.15 55.41 -11.28
C LEU D 135 59.64 53.99 -11.45
N LEU D 136 60.30 53.20 -12.30
CA LEU D 136 59.81 51.86 -12.60
C LEU D 136 59.88 50.93 -11.39
N ALA D 137 60.85 51.16 -10.49
CA ALA D 137 60.92 50.37 -9.27
C ALA D 137 59.62 50.42 -8.47
N TRP D 138 58.90 51.53 -8.55
CA TRP D 138 57.66 51.70 -7.78
C TRP D 138 56.42 51.40 -8.60
N CYS D 139 56.57 50.67 -9.71
CA CYS D 139 55.41 50.29 -10.51
C CYS D 139 54.48 49.41 -9.69
N GLY D 140 53.19 49.74 -9.70
CA GLY D 140 52.20 48.96 -8.99
C GLY D 140 51.67 47.82 -9.82
N ARG D 141 50.88 46.96 -9.16
CA ARG D 141 50.43 45.73 -9.79
C ARG D 141 49.66 45.99 -11.08
N THR D 142 48.81 47.01 -11.09
CA THR D 142 47.95 47.26 -12.26
C THR D 142 48.78 47.62 -13.49
N LEU D 143 49.70 48.57 -13.35
CA LEU D 143 50.45 49.07 -14.49
C LEU D 143 51.53 48.13 -14.97
N ARG D 144 51.78 47.01 -14.27
CA ARG D 144 52.79 46.07 -14.73
C ARG D 144 52.45 45.50 -16.11
N LYS D 145 51.18 45.54 -16.50
CA LYS D 145 50.79 45.13 -17.85
C LYS D 145 51.23 46.16 -18.88
N ASP D 146 50.73 47.40 -18.76
CA ASP D 146 51.02 48.43 -19.75
C ASP D 146 52.51 48.66 -19.90
N LEU D 147 53.26 48.60 -18.80
CA LEU D 147 54.67 48.99 -18.78
C LEU D 147 55.63 47.81 -18.88
N LYS D 148 55.13 46.60 -19.13
CA LYS D 148 56.02 45.44 -19.20
C LYS D 148 57.12 45.64 -20.23
N ASP D 149 56.78 46.26 -21.35
CA ASP D 149 57.79 46.49 -22.38
C ASP D 149 58.89 47.40 -21.88
N LEU D 150 58.53 48.47 -21.17
CA LEU D 150 59.55 49.35 -20.57
C LEU D 150 60.27 48.65 -19.42
N LEU D 151 59.54 47.85 -18.64
CA LEU D 151 60.17 47.16 -17.52
C LEU D 151 61.20 46.16 -18.00
N ASN D 152 60.95 45.51 -19.13
CA ASN D 152 61.91 44.56 -19.67
C ASN D 152 63.01 45.23 -20.47
N LYS D 153 62.82 46.49 -20.89
CA LYS D 153 63.87 47.21 -21.59
C LYS D 153 65.11 47.32 -20.71
N GLY D 154 64.94 47.67 -19.44
CA GLY D 154 66.01 47.63 -18.47
C GLY D 154 66.94 48.83 -18.47
N ARG D 155 67.15 49.44 -19.64
CA ARG D 155 68.17 50.47 -19.78
C ARG D 155 67.82 51.34 -20.98
N ASN D 156 68.68 52.35 -21.22
CA ASN D 156 68.62 53.17 -22.43
C ASN D 156 67.26 53.85 -22.60
N TYR D 157 66.71 54.35 -21.49
CA TYR D 157 65.43 55.03 -21.54
C TYR D 157 65.58 56.45 -22.08
N THR D 158 64.56 56.89 -22.80
CA THR D 158 64.53 58.24 -23.35
C THR D 158 63.65 59.14 -22.48
N GLN D 159 63.84 60.45 -22.66
CA GLN D 159 63.00 61.43 -21.98
C GLN D 159 61.52 61.17 -22.24
N GLU D 160 61.19 60.76 -23.46
CA GLU D 160 59.79 60.55 -23.83
C GLU D 160 59.22 59.34 -23.09
N GLU D 161 60.01 58.28 -22.92
CA GLU D 161 59.55 57.12 -22.17
C GLU D 161 59.39 57.46 -20.69
N LYS D 162 60.30 58.27 -20.15
CA LYS D 162 60.16 58.71 -18.76
C LYS D 162 58.85 59.48 -18.57
N GLU D 163 58.55 60.41 -19.48
CA GLU D 163 57.28 61.13 -19.41
C GLU D 163 56.10 60.20 -19.66
N TYR D 164 56.29 59.12 -20.40
CA TYR D 164 55.21 58.15 -20.54
C TYR D 164 54.90 57.49 -19.21
N VAL D 165 55.93 56.99 -18.52
CA VAL D 165 55.73 56.39 -17.20
C VAL D 165 55.08 57.39 -16.25
N LEU D 166 55.54 58.64 -16.28
CA LEU D 166 54.99 59.65 -15.39
C LEU D 166 53.53 59.91 -15.69
N ASN D 167 53.16 59.95 -16.98
CA ASN D 167 51.77 60.17 -17.34
C ASN D 167 50.89 59.05 -16.80
N LYS D 168 51.30 57.80 -17.01
CA LYS D 168 50.51 56.67 -16.52
C LYS D 168 50.44 56.65 -15.00
N TYR D 169 51.52 57.05 -14.33
CA TYR D 169 51.51 57.07 -12.87
C TYR D 169 50.48 58.08 -12.34
N PHE D 170 50.43 59.27 -12.93
CA PHE D 170 49.45 60.25 -12.48
C PHE D 170 48.02 59.82 -12.81
N GLU D 171 47.83 59.02 -13.86
CA GLU D 171 46.52 58.47 -14.14
C GLU D 171 46.08 57.50 -13.04
N ILE D 172 47.03 56.76 -12.47
CA ILE D 172 46.72 55.88 -11.36
C ILE D 172 46.30 56.70 -10.14
N ILE D 173 47.00 57.80 -9.87
CA ILE D 173 46.64 58.64 -8.72
C ILE D 173 45.28 59.28 -8.92
N LYS D 174 44.96 59.68 -10.15
CA LYS D 174 43.67 60.30 -10.43
C LYS D 174 42.52 59.33 -10.16
N LYS D 175 42.75 58.03 -10.25
CA LYS D 175 41.72 57.02 -10.07
C LYS D 175 41.66 56.47 -8.64
N THR D 176 42.53 56.92 -7.74
CA THR D 176 42.73 56.19 -6.49
C THR D 176 41.61 56.42 -5.49
N LEU D 177 41.18 57.67 -5.29
CA LEU D 177 40.05 57.90 -4.39
C LEU D 177 38.78 57.24 -4.92
N SER D 178 38.65 57.14 -6.24
CA SER D 178 37.44 56.55 -6.83
C SER D 178 37.36 55.04 -6.57
N ILE D 179 38.50 54.35 -6.47
CA ILE D 179 38.41 52.91 -6.25
C ILE D 179 38.03 52.60 -4.80
N TYR D 180 38.41 53.47 -3.85
CA TYR D 180 37.89 53.31 -2.49
C TYR D 180 36.39 53.59 -2.45
N ARG D 181 35.94 54.63 -3.16
CA ARG D 181 34.52 54.89 -3.28
C ARG D 181 33.81 53.69 -3.91
N GLU D 182 34.48 53.02 -4.86
CA GLU D 182 33.84 51.94 -5.58
C GLU D 182 33.67 50.70 -4.70
N ILE D 183 34.75 50.23 -4.08
CA ILE D 183 34.67 49.00 -3.30
C ILE D 183 33.82 49.17 -2.05
N LYS D 184 33.61 50.41 -1.60
CA LYS D 184 32.71 50.62 -0.47
C LYS D 184 31.26 50.59 -0.94
N GLU D 185 30.93 51.39 -1.96
CA GLU D 185 29.60 51.37 -2.53
C GLU D 185 29.20 49.98 -2.98
N GLU D 186 30.18 49.17 -3.39
CA GLU D 186 29.93 47.81 -3.82
C GLU D 186 29.93 46.80 -2.67
N GLY D 187 30.15 47.24 -1.43
CA GLY D 187 30.11 46.34 -0.30
C GLY D 187 31.24 45.34 -0.24
N LYS D 188 32.30 45.53 -1.01
CA LYS D 188 33.45 44.63 -0.98
C LYS D 188 34.44 44.99 0.12
N GLY D 189 34.27 46.14 0.77
CA GLY D 189 35.10 46.49 1.90
C GLY D 189 34.57 47.72 2.58
N SER D 190 34.96 47.87 3.83
CA SER D 190 34.67 49.06 4.61
C SER D 190 35.87 50.00 4.57
N VAL D 191 35.60 51.30 4.58
CA VAL D 191 36.65 52.31 4.62
C VAL D 191 36.51 53.10 5.91
N SER D 192 37.56 53.10 6.71
CA SER D 192 37.63 53.86 7.95
C SER D 192 38.54 55.07 7.77
N THR D 193 38.59 55.91 8.80
CA THR D 193 39.56 56.99 8.85
C THR D 193 40.13 57.07 10.26
N SER D 194 41.08 57.97 10.46
CA SER D 194 41.72 58.23 11.73
C SER D 194 41.58 59.70 12.08
N PRO D 195 41.81 60.07 13.34
CA PRO D 195 41.95 61.50 13.67
C PRO D 195 42.93 62.17 12.70
N TYR D 196 42.61 63.42 12.33
CA TYR D 196 43.01 63.99 11.04
C TYR D 196 44.48 63.77 10.72
N TYR D 197 45.38 64.28 11.56
CA TYR D 197 46.80 64.26 11.25
C TYR D 197 47.53 63.12 11.96
N HIS D 198 46.82 62.04 12.28
CA HIS D 198 47.43 60.86 12.86
C HIS D 198 48.15 61.18 14.17
N PRO D 199 47.49 61.82 15.15
CA PRO D 199 48.18 62.10 16.43
C PRO D 199 48.05 60.94 17.41
N LEU D 200 48.71 61.07 18.56
CA LEU D 200 48.51 60.14 19.67
C LEU D 200 47.46 60.75 20.58
N ILE D 201 46.19 60.45 20.29
CA ILE D 201 45.04 60.99 21.01
C ILE D 201 45.17 60.78 22.52
N PRO D 202 45.61 59.61 23.01
CA PRO D 202 45.72 59.46 24.47
C PRO D 202 46.62 60.48 25.13
N ILE D 203 47.71 60.88 24.47
CA ILE D 203 48.61 61.87 25.06
C ILE D 203 47.97 63.25 25.03
N LEU D 204 47.29 63.60 23.93
CA LEU D 204 46.62 64.89 23.85
C LEU D 204 45.53 65.02 24.92
N LEU D 205 44.86 63.93 25.26
CA LEU D 205 43.79 64.01 26.27
C LEU D 205 44.35 64.04 27.68
N ASN D 206 45.43 63.31 27.93
CA ASN D 206 46.00 63.18 29.26
C ASN D 206 47.40 62.59 29.17
N PRO D 207 48.44 63.44 29.09
CA PRO D 207 49.82 62.92 28.96
C PRO D 207 50.25 62.05 30.12
N ASN D 208 49.61 62.16 31.29
CA ASN D 208 49.95 61.29 32.42
C ASN D 208 49.62 59.83 32.15
N CYS D 209 48.93 59.51 31.05
CA CYS D 209 48.64 58.12 30.72
C CYS D 209 49.92 57.33 30.40
N VAL D 210 51.01 58.00 30.04
CA VAL D 210 52.25 57.31 29.77
C VAL D 210 52.77 56.57 30.99
N TYR D 211 52.41 57.02 32.19
CA TYR D 211 52.84 56.36 33.41
C TYR D 211 52.14 55.01 33.62
N GLU D 212 51.06 54.74 32.88
CA GLU D 212 50.31 53.51 33.11
C GLU D 212 51.10 52.26 32.72
N THR D 213 51.99 52.37 31.73
CA THR D 213 52.84 51.24 31.35
C THR D 213 54.32 51.49 31.52
N THR D 214 54.77 52.75 31.58
CA THR D 214 56.15 53.09 31.88
C THR D 214 56.11 54.15 32.98
N PRO D 215 56.00 53.72 34.25
CA PRO D 215 55.83 54.69 35.34
C PRO D 215 57.07 55.54 35.58
N ASN D 216 58.26 55.06 35.25
CA ASN D 216 59.50 55.77 35.52
C ASN D 216 59.95 56.65 34.36
N VAL D 217 59.14 56.79 33.32
CA VAL D 217 59.53 57.63 32.18
C VAL D 217 59.52 59.09 32.59
N LYS D 218 60.43 59.87 32.03
CA LYS D 218 60.42 61.31 32.17
C LYS D 218 59.81 61.94 30.92
N ILE D 219 58.85 62.84 31.15
CA ILE D 219 58.20 63.58 30.05
C ILE D 219 58.31 65.06 30.38
N PRO D 220 58.14 65.93 29.36
CA PRO D 220 58.19 67.37 29.63
C PRO D 220 56.97 67.87 30.42
N ASP D 221 56.91 69.16 30.71
CA ASP D 221 55.82 69.72 31.51
C ASP D 221 54.71 70.21 30.61
N PHE D 222 53.60 69.48 30.60
CA PHE D 222 52.44 69.82 29.78
C PHE D 222 51.67 70.94 30.46
N ALA D 223 52.17 72.16 30.25
CA ALA D 223 51.61 73.37 30.84
C ALA D 223 50.43 73.93 30.05
N VAL D 224 49.99 73.24 29.01
CA VAL D 224 48.86 73.68 28.20
C VAL D 224 47.99 72.48 27.88
N SER D 225 46.71 72.74 27.65
CA SER D 225 45.74 71.69 27.39
C SER D 225 45.67 71.39 25.89
N PHE D 226 45.78 70.11 25.54
CA PHE D 226 45.59 69.64 24.18
C PHE D 226 44.25 68.93 24.00
N ARG D 227 43.35 69.04 24.98
CA ARG D 227 42.14 68.21 24.97
C ARG D 227 41.18 68.62 23.87
N GLU D 228 41.00 69.93 23.64
CA GLU D 228 40.15 70.35 22.55
C GLU D 228 40.77 70.02 21.19
N ASP D 229 42.10 69.97 21.11
CA ASP D 229 42.74 69.59 19.85
C ASP D 229 42.48 68.12 19.52
N ALA D 230 42.43 67.26 20.54
CA ALA D 230 42.06 65.87 20.30
C ALA D 230 40.67 65.76 19.70
N SER D 231 39.72 66.56 20.20
CA SER D 231 38.38 66.57 19.64
C SER D 231 38.39 67.03 18.19
N LYS D 232 39.17 68.08 17.90
CA LYS D 232 39.20 68.61 16.54
C LYS D 232 39.74 67.59 15.55
N HIS D 233 40.82 66.89 15.92
CA HIS D 233 41.35 65.83 15.07
C HIS D 233 40.24 64.86 14.65
N VAL D 234 39.47 64.39 15.62
CA VAL D 234 38.40 63.44 15.32
C VAL D 234 37.29 64.10 14.54
N GLU D 235 36.97 65.35 14.88
CA GLU D 235 35.84 66.03 14.26
C GLU D 235 36.12 66.39 12.80
N LEU D 236 37.30 66.99 12.55
CA LEU D 236 37.66 67.30 11.17
C LEU D 236 37.85 66.03 10.34
N ALA D 237 38.20 64.92 11.00
CA ALA D 237 38.28 63.65 10.30
C ALA D 237 36.91 63.19 9.81
N LYS D 238 35.89 63.34 10.65
CA LYS D 238 34.53 62.99 10.22
C LYS D 238 34.09 63.86 9.04
N GLU D 239 34.44 65.16 9.07
CA GLU D 239 34.03 66.04 7.98
C GLU D 239 34.82 65.77 6.71
N LYS D 240 36.11 65.44 6.84
CA LYS D 240 36.88 65.04 5.68
C LYS D 240 36.32 63.76 5.06
N TYR D 241 36.00 62.78 5.91
CA TYR D 241 35.36 61.55 5.44
C TYR D 241 34.05 61.85 4.72
N PHE D 242 33.29 62.81 5.25
CA PHE D 242 32.05 63.23 4.60
C PHE D 242 32.30 63.81 3.22
N GLU D 243 33.35 64.62 3.07
CA GLU D 243 33.66 65.21 1.77
C GLU D 243 33.95 64.13 0.73
N ILE D 244 34.60 63.05 1.15
CA ILE D 244 35.02 62.01 0.22
C ILE D 244 33.93 60.98 -0.02
N PHE D 245 33.33 60.46 1.04
CA PHE D 245 32.37 59.36 0.93
C PHE D 245 30.93 59.75 1.18
N GLY D 246 30.67 61.00 1.55
CA GLY D 246 29.31 61.46 1.74
C GLY D 246 28.59 60.94 2.97
N GLU D 247 29.26 60.13 3.79
CA GLU D 247 28.70 59.62 5.04
C GLU D 247 29.53 60.15 6.20
N HIS D 248 28.97 59.99 7.40
CA HIS D 248 29.91 60.10 8.49
C HIS D 248 30.44 58.72 8.86
N PRO D 249 31.73 58.59 9.18
CA PRO D 249 32.26 57.26 9.49
C PRO D 249 31.79 56.79 10.86
N VAL D 250 31.61 55.49 10.99
CA VAL D 250 31.20 54.89 12.25
C VAL D 250 32.26 54.02 12.87
N TYR D 251 33.36 53.74 12.16
CA TYR D 251 34.54 53.13 12.76
C TYR D 251 35.76 53.94 12.39
N MET D 252 36.74 53.91 13.28
CA MET D 252 37.99 54.62 13.08
C MET D 252 39.14 53.72 13.48
N TRP D 253 40.28 53.92 12.84
CA TRP D 253 41.51 53.29 13.26
C TRP D 253 42.29 54.27 14.11
N PRO D 254 42.55 53.97 15.38
CA PRO D 254 43.34 54.88 16.21
C PRO D 254 44.80 54.82 15.84
N PRO D 255 45.42 55.96 15.54
CA PRO D 255 46.83 55.97 15.13
C PRO D 255 47.72 55.20 16.11
N GLN D 256 48.59 54.36 15.56
CA GLN D 256 49.49 53.52 16.34
C GLN D 256 48.72 52.59 17.28
N ALA D 257 47.49 52.24 16.90
CA ALA D 257 46.58 51.46 17.74
C ALA D 257 46.37 52.08 19.11
N SER D 258 46.64 53.38 19.26
CA SER D 258 46.74 54.00 20.58
C SER D 258 45.37 54.19 21.20
N VAL D 259 45.16 53.56 22.36
CA VAL D 259 43.91 53.73 23.10
C VAL D 259 44.24 54.06 24.55
N SER D 260 43.26 54.67 25.19
CA SER D 260 43.21 54.86 26.64
C SER D 260 41.74 54.91 27.00
N ASN D 261 41.44 54.94 28.30
CA ASN D 261 40.05 55.07 28.71
C ASN D 261 39.44 56.37 28.19
N GLU D 262 40.19 57.48 28.31
CA GLU D 262 39.69 58.77 27.84
C GLU D 262 39.60 58.82 26.33
N ALA D 263 40.58 58.21 25.63
CA ALA D 263 40.51 58.17 24.17
C ALA D 263 39.28 57.39 23.71
N LEU D 264 39.02 56.24 24.33
CA LEU D 264 37.85 55.45 23.97
C LEU D 264 36.56 56.23 24.22
N GLU D 265 36.50 56.98 25.33
CA GLU D 265 35.34 57.83 25.60
C GLU D 265 35.17 58.88 24.52
N LEU D 266 36.27 59.48 24.05
CA LEU D 266 36.16 60.51 23.02
C LEU D 266 35.63 59.94 21.72
N TYR D 267 36.22 58.83 21.24
CA TYR D 267 35.70 58.18 20.04
C TYR D 267 34.22 57.88 20.18
N TYR D 268 33.79 57.42 21.36
CA TYR D 268 32.37 57.15 21.58
C TYR D 268 31.55 58.43 21.44
N GLU D 269 32.02 59.52 22.06
CA GLU D 269 31.27 60.77 22.03
C GLU D 269 31.16 61.34 20.62
N LYS D 270 32.14 61.06 19.77
CA LYS D 270 32.10 61.51 18.38
C LYS D 270 31.44 60.50 17.46
N GLY D 271 30.79 59.47 18.00
CA GLY D 271 29.95 58.61 17.21
C GLY D 271 30.60 57.40 16.59
N ILE D 272 31.83 57.06 16.99
CA ILE D 272 32.49 55.87 16.47
C ILE D 272 31.94 54.65 17.20
N ASN D 273 31.38 53.71 16.44
CA ASN D 273 30.78 52.51 17.01
C ASN D 273 31.77 51.38 17.22
N MET D 274 32.89 51.37 16.49
CA MET D 274 33.84 50.28 16.61
C MET D 274 35.23 50.76 16.21
N LEU D 275 36.23 50.24 16.89
CA LEU D 275 37.62 50.42 16.48
C LEU D 275 38.39 49.15 16.81
N ALA D 276 39.64 49.12 16.38
CA ALA D 276 40.55 48.03 16.74
C ALA D 276 41.80 48.62 17.39
N THR D 277 42.46 47.81 18.20
CA THR D 277 43.75 48.19 18.77
C THR D 277 44.57 46.90 18.89
N ASP D 278 45.63 46.95 19.71
CA ASP D 278 46.65 45.91 19.70
C ASP D 278 46.43 44.88 20.79
N GLU D 279 46.86 43.64 20.49
CA GLU D 279 46.74 42.53 21.43
C GLU D 279 47.57 42.73 22.68
N VAL D 280 48.70 43.45 22.57
CA VAL D 280 49.51 43.73 23.75
C VAL D 280 48.72 44.60 24.74
N ILE D 281 47.94 45.55 24.22
CA ILE D 281 47.07 46.34 25.09
C ILE D 281 46.08 45.43 25.81
N LEU D 282 45.49 44.50 25.07
CA LEU D 282 44.53 43.58 25.65
C LEU D 282 45.14 42.79 26.80
N LYS D 283 46.38 42.32 26.62
CA LYS D 283 47.00 41.52 27.67
C LYS D 283 47.40 42.37 28.87
N ASN D 284 47.72 43.64 28.65
CA ASN D 284 47.96 44.55 29.76
C ASN D 284 46.67 44.93 30.49
N SER D 285 45.52 44.79 29.84
CA SER D 285 44.26 45.31 30.36
C SER D 285 43.34 44.26 30.95
N VAL D 286 43.36 43.03 30.43
CA VAL D 286 42.46 41.98 30.90
C VAL D 286 43.23 40.70 31.15
N GLU D 287 42.70 39.87 32.03
CA GLU D 287 43.40 38.66 32.44
C GLU D 287 43.29 37.57 31.39
N ARG D 288 42.06 37.11 31.09
CA ARG D 288 41.87 36.08 30.07
C ARG D 288 41.74 36.77 28.72
N ALA D 289 42.89 37.01 28.09
CA ALA D 289 42.99 37.94 26.97
C ALA D 289 42.92 37.20 25.63
N SER D 290 41.70 36.78 25.29
CA SER D 290 41.46 36.20 23.97
C SER D 290 41.24 37.30 22.95
N PRO D 291 42.04 37.36 21.88
CA PRO D 291 41.83 38.38 20.84
C PRO D 291 40.76 38.04 19.83
N TYR D 292 40.00 36.96 20.03
CA TYR D 292 39.04 36.49 19.05
C TYR D 292 37.61 36.84 19.39
N LEU D 293 37.40 37.69 20.40
CA LEU D 293 36.09 38.14 20.81
C LEU D 293 35.82 39.54 20.30
N ARG D 294 34.54 39.88 20.19
CA ARG D 294 34.14 41.27 20.04
C ARG D 294 33.95 41.86 21.44
N TYR D 295 34.77 42.83 21.79
CA TYR D 295 34.69 43.44 23.11
C TYR D 295 33.81 44.68 23.07
N TYR D 296 33.12 44.92 24.18
CA TYR D 296 32.33 46.12 24.37
C TYR D 296 32.96 46.91 25.51
N PHE D 297 33.58 48.05 25.18
CA PHE D 297 34.18 48.90 26.20
C PHE D 297 33.07 49.65 26.93
N ARG D 298 32.84 49.29 28.19
CA ARG D 298 31.84 49.92 29.05
C ARG D 298 30.46 49.97 28.39
N GLU D 299 30.20 49.03 27.49
CA GLU D 299 28.94 48.93 26.74
C GLU D 299 28.66 50.20 25.93
N LEU D 300 29.72 50.92 25.56
CA LEU D 300 29.60 52.14 24.77
C LEU D 300 30.18 52.02 23.37
N ILE D 301 31.24 51.24 23.18
CA ILE D 301 31.92 51.16 21.89
C ILE D 301 32.48 49.76 21.71
N SER D 302 32.40 49.25 20.48
CA SER D 302 32.91 47.92 20.18
C SER D 302 34.40 47.99 19.89
N VAL D 303 35.15 47.05 20.45
CA VAL D 303 36.61 47.05 20.34
C VAL D 303 37.06 45.64 19.94
N PHE D 304 37.80 45.56 18.83
CA PHE D 304 38.48 44.33 18.45
C PHE D 304 39.97 44.51 18.70
N PHE D 305 40.64 43.41 19.01
CA PHE D 305 42.08 43.41 19.22
C PHE D 305 42.72 42.54 18.16
N ARG D 306 43.62 43.12 17.37
CA ARG D 306 44.22 42.40 16.25
C ARG D 306 45.02 41.22 16.75
N ASP D 307 45.14 40.19 15.91
CA ASP D 307 46.07 39.11 16.18
C ASP D 307 47.45 39.63 15.81
N LYS D 308 48.23 39.97 16.84
CA LYS D 308 49.55 40.58 16.61
C LYS D 308 50.46 39.66 15.82
N THR D 309 50.42 38.36 16.09
CA THR D 309 51.33 37.43 15.42
C THR D 309 51.07 37.37 13.93
N LEU D 310 49.80 37.24 13.53
CA LEU D 310 49.49 37.17 12.11
C LEU D 310 49.73 38.50 11.42
N SER D 311 49.49 39.61 12.12
CA SER D 311 49.77 40.93 11.54
C SER D 311 51.27 41.11 11.32
N ASP D 312 52.08 40.77 12.33
CA ASP D 312 53.52 40.96 12.23
C ASP D 312 54.14 40.00 11.22
N LEU D 313 53.55 38.82 11.04
CA LEU D 313 54.09 37.88 10.06
C LEU D 313 54.00 38.45 8.65
N ILE D 314 52.83 39.01 8.29
CA ILE D 314 52.71 39.67 7.00
C ILE D 314 53.65 40.87 6.94
N GLY D 315 53.67 41.67 8.01
CA GLY D 315 54.37 42.94 7.96
C GLY D 315 55.87 42.82 8.07
N PHE D 316 56.36 41.85 8.84
CA PHE D 316 57.79 41.78 9.12
C PHE D 316 58.47 40.49 8.69
N SER D 317 57.74 39.39 8.50
CA SER D 317 58.35 38.09 8.29
C SER D 317 58.26 37.58 6.86
N TYR D 318 57.06 37.53 6.27
CA TYR D 318 56.84 36.77 5.05
C TYR D 318 57.57 37.34 3.84
N HIS D 319 58.15 38.55 3.93
CA HIS D 319 58.88 39.09 2.78
C HIS D 319 60.05 38.19 2.40
N ALA D 320 60.60 37.44 3.35
CA ALA D 320 61.74 36.57 3.09
C ALA D 320 61.34 35.13 2.82
N TRP D 321 60.06 34.85 2.66
CA TRP D 321 59.60 33.51 2.33
C TRP D 321 59.24 33.40 0.86
N ASN D 322 59.29 32.17 0.36
CA ASN D 322 58.57 31.86 -0.86
C ASN D 322 57.07 32.09 -0.61
N ALA D 323 56.38 32.60 -1.62
CA ALA D 323 54.98 32.98 -1.44
C ALA D 323 54.12 31.79 -1.04
N GLU D 324 54.28 30.67 -1.75
CA GLU D 324 53.47 29.48 -1.47
C GLU D 324 53.67 29.00 -0.03
N ASP D 325 54.91 29.02 0.45
CA ASP D 325 55.17 28.60 1.82
C ASP D 325 54.52 29.55 2.82
N ALA D 326 54.58 30.86 2.54
CA ALA D 326 53.99 31.83 3.46
C ALA D 326 52.49 31.61 3.60
N VAL D 327 51.80 31.34 2.49
CA VAL D 327 50.35 31.21 2.52
C VAL D 327 49.94 29.92 3.22
N ARG D 328 50.64 28.81 2.95
CA ARG D 328 50.38 27.58 3.69
C ARG D 328 50.55 27.79 5.18
N ASP D 329 51.64 28.46 5.58
CA ASP D 329 51.87 28.76 6.98
C ASP D 329 50.77 29.64 7.55
N PHE D 330 50.30 30.61 6.75
CA PHE D 330 49.24 31.51 7.22
C PHE D 330 47.92 30.78 7.34
N ILE D 331 47.55 29.99 6.33
CA ILE D 331 46.31 29.22 6.39
C ILE D 331 46.38 28.20 7.50
N GLY D 332 47.54 27.55 7.67
CA GLY D 332 47.68 26.57 8.75
C GLY D 332 47.54 27.19 10.13
N ARG D 333 47.93 28.46 10.28
CA ARG D 333 47.77 29.11 11.58
C ARG D 333 46.32 29.48 11.84
N LEU D 334 45.61 29.95 10.81
CA LEU D 334 44.17 30.17 10.95
C LEU D 334 43.45 28.86 11.26
N LYS D 335 43.94 27.75 10.72
CA LYS D 335 43.36 26.45 11.03
C LYS D 335 43.49 26.13 12.51
N LYS D 336 44.69 26.34 13.07
CA LYS D 336 44.89 26.08 14.50
C LYS D 336 44.00 26.97 15.36
N ILE D 337 43.72 28.19 14.91
CA ILE D 337 42.76 29.04 15.61
C ILE D 337 41.36 28.47 15.48
N HIS D 338 41.00 27.98 14.28
CA HIS D 338 39.67 27.45 14.04
C HIS D 338 39.36 26.27 14.96
N GLU D 339 40.36 25.45 15.27
CA GLU D 339 40.18 24.29 16.13
C GLU D 339 40.36 24.59 17.61
N SER D 340 40.90 25.74 17.97
CA SER D 340 41.28 26.00 19.35
C SER D 340 40.13 26.49 20.23
N VAL D 341 38.96 26.77 19.66
CA VAL D 341 37.87 27.39 20.40
C VAL D 341 36.54 26.76 20.01
N ASP D 342 35.58 26.79 20.94
CA ASP D 342 34.25 26.24 20.68
C ASP D 342 33.46 27.11 19.70
N PHE D 343 33.71 28.41 19.70
CA PHE D 343 32.88 29.38 19.04
C PHE D 343 33.51 29.82 17.71
N GLN D 344 32.90 30.80 17.07
CA GLN D 344 33.40 31.30 15.80
C GLN D 344 34.30 32.50 16.05
N PRO D 345 35.62 32.32 15.97
CA PRO D 345 36.54 33.39 16.33
C PRO D 345 36.60 34.47 15.27
N VAL D 346 36.91 35.68 15.73
CA VAL D 346 37.06 36.84 14.85
C VAL D 346 38.53 37.22 14.86
N VAL D 347 39.18 37.11 13.70
CA VAL D 347 40.62 37.29 13.58
C VAL D 347 40.88 38.59 12.82
N PHE D 348 41.39 39.59 13.53
CA PHE D 348 41.69 40.88 12.94
C PHE D 348 43.17 40.92 12.56
N VAL D 349 43.43 41.06 11.27
CA VAL D 349 44.78 41.27 10.75
C VAL D 349 44.87 42.74 10.38
N VAL D 350 45.68 43.50 11.12
CA VAL D 350 45.78 44.95 10.95
C VAL D 350 47.25 45.34 10.96
N LEU D 351 47.64 46.13 9.97
CA LEU D 351 49.01 46.61 9.84
C LEU D 351 48.99 47.67 8.75
N ASP D 352 50.12 48.39 8.63
CA ASP D 352 50.27 49.34 7.55
C ASP D 352 50.02 48.65 6.21
N GLY D 353 49.30 49.31 5.33
CA GLY D 353 48.94 48.69 4.08
C GLY D 353 49.89 48.96 2.93
N GLU D 354 50.94 49.77 3.12
CA GLU D 354 51.77 50.20 2.01
C GLU D 354 53.27 50.08 2.27
N ASN D 355 53.70 49.66 3.45
CA ASN D 355 55.11 49.78 3.82
C ASN D 355 55.88 48.48 3.76
N CYS D 356 55.21 47.33 3.75
CA CYS D 356 55.93 46.07 3.79
C CYS D 356 56.18 45.46 2.41
N TRP D 357 55.38 45.85 1.40
CA TRP D 357 55.43 45.15 0.12
C TRP D 357 56.73 45.37 -0.63
N GLU D 358 57.38 46.53 -0.42
CA GLU D 358 58.64 46.81 -1.12
C GLU D 358 59.76 45.84 -0.77
N TYR D 359 59.60 45.06 0.30
CA TYR D 359 60.60 44.07 0.68
C TYR D 359 60.26 42.67 0.20
N TYR D 360 59.08 42.47 -0.37
CA TYR D 360 58.74 41.18 -0.96
C TYR D 360 59.25 41.12 -2.40
N GLU D 361 59.42 39.89 -2.87
CA GLU D 361 59.67 39.64 -4.29
C GLU D 361 58.48 40.12 -5.12
N GLU D 362 58.75 40.93 -6.14
CA GLU D 362 57.72 41.42 -7.05
C GLU D 362 56.64 42.21 -6.31
N ASN D 363 57.08 43.04 -5.36
CA ASN D 363 56.20 43.98 -4.66
C ASN D 363 55.05 43.26 -3.97
N GLY D 364 55.28 42.02 -3.55
CA GLY D 364 54.27 41.26 -2.82
C GLY D 364 53.14 40.70 -3.64
N ILE D 365 53.18 40.86 -4.96
CA ILE D 365 52.09 40.41 -5.81
C ILE D 365 51.96 38.89 -5.80
N PRO D 366 53.07 38.11 -5.87
CA PRO D 366 52.91 36.65 -5.74
C PRO D 366 52.36 36.23 -4.39
N PHE D 367 52.71 36.93 -3.32
CA PHE D 367 52.17 36.59 -2.01
C PHE D 367 50.68 36.91 -1.92
N LEU D 368 50.30 38.13 -2.31
CA LEU D 368 48.92 38.57 -2.13
C LEU D 368 47.96 37.84 -3.05
N GLU D 369 48.39 37.53 -4.28
CA GLU D 369 47.50 36.82 -5.20
C GLU D 369 47.30 35.38 -4.74
N LYS D 370 48.34 34.74 -4.23
CA LYS D 370 48.20 33.40 -3.71
C LYS D 370 47.42 33.40 -2.40
N LEU D 371 47.64 34.41 -1.56
CA LEU D 371 46.91 34.49 -0.29
C LEU D 371 45.41 34.69 -0.53
N TYR D 372 45.06 35.67 -1.37
CA TYR D 372 43.65 35.98 -1.58
C TYR D 372 42.92 34.85 -2.31
N SER D 373 43.59 34.21 -3.27
CA SER D 373 42.94 33.15 -4.03
C SER D 373 42.78 31.88 -3.19
N THR D 374 43.68 31.67 -2.22
CA THR D 374 43.54 30.52 -1.32
C THR D 374 42.40 30.74 -0.33
N LEU D 375 42.36 31.92 0.28
CA LEU D 375 41.28 32.25 1.22
C LEU D 375 39.92 32.09 0.57
N GLU D 376 39.81 32.46 -0.71
CA GLU D 376 38.57 32.28 -1.45
C GLU D 376 38.09 30.83 -1.45
N LYS D 377 39.02 29.88 -1.34
CA LYS D 377 38.67 28.47 -1.48
C LYS D 377 38.28 27.83 -0.16
N GLU D 378 38.88 28.26 0.95
CA GLU D 378 38.55 27.71 2.26
C GLU D 378 37.14 28.12 2.65
N GLU D 379 36.22 27.16 2.71
CA GLU D 379 34.85 27.47 3.07
C GLU D 379 34.64 27.66 4.57
N TRP D 380 35.62 27.28 5.39
CA TRP D 380 35.54 27.51 6.83
C TRP D 380 36.03 28.90 7.21
N ILE D 381 36.50 29.69 6.25
CA ILE D 381 36.88 31.08 6.47
C ILE D 381 35.89 31.97 5.72
N GLU D 382 35.40 33.00 6.40
CA GLU D 382 34.53 34.00 5.81
C GLU D 382 35.14 35.36 6.08
N THR D 383 35.68 36.00 5.04
CA THR D 383 36.22 37.34 5.22
C THR D 383 35.08 38.34 5.35
N LEU D 384 35.26 39.34 6.19
CA LEU D 384 34.19 40.26 6.54
C LEU D 384 34.63 41.70 6.36
N THR D 385 33.69 42.53 5.90
CA THR D 385 33.86 43.97 6.03
C THR D 385 33.81 44.35 7.52
N LEU D 386 34.30 45.56 7.80
CA LEU D 386 34.23 46.07 9.17
C LEU D 386 32.77 46.17 9.63
N GLU D 387 31.86 46.58 8.74
CA GLU D 387 30.46 46.65 9.12
C GLU D 387 29.90 45.27 9.47
N GLU D 388 30.28 44.25 8.70
CA GLU D 388 29.85 42.89 9.02
C GLU D 388 30.44 42.42 10.34
N ALA D 389 31.69 42.77 10.62
CA ALA D 389 32.30 42.37 11.89
C ALA D 389 31.65 43.07 13.07
N MET D 390 31.22 44.32 12.88
CA MET D 390 30.55 45.05 13.96
C MET D 390 29.22 44.40 14.32
N ARG D 391 28.47 43.95 13.31
CA ARG D 391 27.09 43.52 13.50
C ARG D 391 26.94 42.00 13.54
N LYS D 392 28.02 41.23 13.38
CA LYS D 392 27.92 39.78 13.31
C LYS D 392 27.38 39.21 14.61
N GLU D 393 26.33 38.39 14.51
CA GLU D 393 25.59 37.90 15.67
C GLU D 393 26.23 36.67 16.29
N ASP D 394 26.66 35.71 15.47
CA ASP D 394 27.15 34.43 15.96
C ASP D 394 28.61 34.50 16.38
N VAL D 395 28.93 35.44 17.28
CA VAL D 395 30.28 35.73 17.72
C VAL D 395 30.32 35.71 19.25
N LYS D 396 31.46 35.34 19.82
CA LYS D 396 31.65 35.43 21.26
C LYS D 396 32.06 36.84 21.65
N THR D 397 31.49 37.35 22.75
CA THR D 397 31.59 38.77 23.10
C THR D 397 31.76 38.93 24.61
N GLU D 398 32.35 40.06 25.00
CA GLU D 398 32.74 40.28 26.38
C GLU D 398 32.78 41.78 26.68
N VAL D 399 32.38 42.14 27.90
CA VAL D 399 32.42 43.53 28.34
C VAL D 399 33.77 43.81 28.99
N ILE D 400 34.34 44.96 28.66
CA ILE D 400 35.61 45.43 29.19
C ILE D 400 35.36 46.77 29.90
N GLU D 401 35.97 46.96 31.07
CA GLU D 401 35.71 48.18 31.85
C GLU D 401 36.85 49.18 31.84
N SER D 402 38.07 48.74 31.54
CA SER D 402 39.23 49.62 31.62
C SER D 402 40.36 49.05 30.77
N VAL D 403 41.13 49.94 30.15
CA VAL D 403 42.33 49.55 29.42
C VAL D 403 43.52 50.31 30.01
N LYS D 404 44.71 49.76 29.77
CA LYS D 404 45.95 50.43 30.10
C LYS D 404 46.45 51.13 28.85
N ALA D 405 46.66 52.45 28.95
CA ALA D 405 46.98 53.24 27.77
C ALA D 405 48.27 52.75 27.11
N GLY D 406 48.31 52.82 25.79
CA GLY D 406 49.50 52.41 25.07
C GLY D 406 49.27 52.42 23.58
N THR D 407 50.22 51.82 22.87
CA THR D 407 50.23 51.73 21.41
C THR D 407 50.56 50.31 21.00
N TRP D 408 50.58 50.05 19.70
CA TRP D 408 50.99 48.73 19.22
C TRP D 408 52.50 48.57 19.19
N PHE D 409 53.25 49.52 19.74
CA PHE D 409 54.70 49.39 19.91
C PHE D 409 54.97 49.16 21.40
N ASP D 410 55.16 47.89 21.77
CA ASP D 410 55.44 47.44 23.13
C ASP D 410 54.36 47.83 24.11
N GLY D 411 53.19 48.25 23.64
CA GLY D 411 52.14 48.66 24.54
C GLY D 411 52.41 49.95 25.29
N ASN D 412 53.34 50.77 24.82
CA ASN D 412 53.71 51.99 25.52
C ASN D 412 53.97 53.10 24.50
N PHE D 413 54.45 54.25 24.98
CA PHE D 413 54.59 55.47 24.19
C PHE D 413 56.04 55.89 24.00
N LEU D 414 57.00 55.02 24.30
CA LEU D 414 58.41 55.42 24.27
C LEU D 414 58.93 55.69 22.87
N LYS D 415 58.20 55.32 21.82
CA LYS D 415 58.65 55.64 20.47
C LYS D 415 58.38 57.09 20.08
N TRP D 416 57.59 57.81 20.88
CA TRP D 416 57.23 59.18 20.57
C TRP D 416 57.49 60.15 21.72
N ILE D 417 57.89 59.66 22.89
CA ILE D 417 58.09 60.49 24.07
C ILE D 417 58.93 59.71 25.06
N GLY D 418 59.77 60.41 25.82
CA GLY D 418 60.50 59.73 26.86
C GLY D 418 62.00 59.96 26.91
N ASN D 419 62.64 60.19 25.76
CA ASN D 419 64.04 60.56 25.74
C ASN D 419 64.18 62.06 25.53
N LYS D 420 65.40 62.56 25.74
CA LYS D 420 65.63 64.00 25.71
C LYS D 420 65.27 64.58 24.35
N GLU D 421 65.65 63.90 23.26
CA GLU D 421 65.40 64.42 21.92
C GLU D 421 63.91 64.43 21.61
N LYS D 422 63.21 63.33 21.89
CA LYS D 422 61.76 63.30 21.64
C LYS D 422 61.03 64.27 22.56
N ASN D 423 61.46 64.37 23.82
CA ASN D 423 60.84 65.33 24.74
C ASN D 423 61.01 66.75 24.23
N GLU D 424 62.16 67.05 23.59
CA GLU D 424 62.37 68.37 23.02
C GLU D 424 61.27 68.74 22.04
N TYR D 425 60.86 67.79 21.20
CA TYR D 425 59.77 68.05 20.26
C TYR D 425 58.48 68.40 20.97
N TRP D 426 58.16 67.67 22.04
CA TRP D 426 56.97 68.02 22.82
C TRP D 426 57.12 69.38 23.49
N LYS D 427 58.31 69.67 24.03
CA LYS D 427 58.58 70.98 24.58
C LYS D 427 58.28 72.07 23.55
N ILE D 428 58.81 71.89 22.33
CA ILE D 428 58.54 72.84 21.25
C ILE D 428 57.05 72.93 20.98
N LEU D 429 56.36 71.79 20.96
CA LEU D 429 54.93 71.78 20.71
C LEU D 429 54.15 72.47 21.82
N ILE D 430 54.53 72.22 23.07
CA ILE D 430 53.82 72.83 24.21
C ILE D 430 53.98 74.35 24.18
N GLU D 431 55.20 74.83 23.90
CA GLU D 431 55.41 76.27 23.82
C GLU D 431 54.60 76.89 22.69
N ALA D 432 54.57 76.20 21.53
CA ALA D 432 53.85 76.75 20.38
C ALA D 432 52.34 76.75 20.58
N LYS D 433 51.81 75.74 21.29
CA LYS D 433 50.37 75.69 21.52
C LYS D 433 49.88 76.91 22.30
N LYS D 434 50.69 77.41 23.24
CA LYS D 434 50.30 78.58 24.00
C LYS D 434 50.07 79.78 23.09
N LYS D 435 50.75 79.85 21.95
CA LYS D 435 50.67 80.98 21.04
C LYS D 435 50.00 80.63 19.72
N ALA D 436 49.26 79.52 19.67
CA ALA D 436 48.69 79.05 18.42
C ALA D 436 47.57 79.97 17.93
N LYS D 437 47.49 80.12 16.60
CA LYS D 437 46.46 80.95 15.98
C LYS D 437 45.72 80.26 14.85
N ASN D 438 46.16 79.09 14.40
CA ASN D 438 45.51 78.42 13.27
C ASN D 438 45.58 76.91 13.47
N ASP D 439 45.14 76.17 12.45
CA ASP D 439 45.02 74.72 12.53
C ASP D 439 46.30 73.99 12.21
N TYR D 440 47.38 74.70 11.84
CA TYR D 440 48.64 74.03 11.57
C TYR D 440 49.28 73.44 12.83
N ILE D 441 48.78 73.81 14.02
CA ILE D 441 49.25 73.16 15.23
C ILE D 441 48.75 71.72 15.28
N LEU D 442 47.59 71.45 14.67
CA LEU D 442 47.13 70.07 14.54
C LEU D 442 48.05 69.27 13.64
N VAL D 443 48.67 69.92 12.64
CA VAL D 443 49.61 69.22 11.77
C VAL D 443 50.84 68.77 12.56
N ALA D 444 51.35 69.63 13.43
CA ALA D 444 52.54 69.32 14.21
C ALA D 444 52.27 68.36 15.36
N GLU D 445 51.01 68.05 15.63
CA GLU D 445 50.66 67.02 16.60
C GLU D 445 50.62 65.64 15.97
N GLY D 446 50.84 65.55 14.66
CA GLY D 446 50.94 64.26 14.02
C GLY D 446 52.06 63.42 14.62
N SER D 447 51.80 62.12 14.76
CA SER D 447 52.74 61.24 15.44
C SER D 447 54.05 61.11 14.68
N ASP D 448 54.02 61.30 13.36
CA ASP D 448 55.18 61.00 12.52
C ASP D 448 56.41 61.80 12.94
N TRP D 449 56.23 63.07 13.33
CA TRP D 449 57.37 63.92 13.62
C TRP D 449 58.15 63.42 14.83
N PHE D 450 57.44 62.89 15.83
CA PHE D 450 58.08 62.39 17.04
C PHE D 450 58.71 61.03 16.83
N TRP D 451 58.19 60.25 15.88
CA TRP D 451 58.74 58.94 15.59
C TRP D 451 60.17 59.05 15.06
N TRP D 452 60.39 59.97 14.12
CA TRP D 452 61.70 60.14 13.52
C TRP D 452 62.65 60.97 14.36
N GLN D 453 62.13 61.76 15.30
CA GLN D 453 62.98 62.57 16.15
C GLN D 453 63.65 61.72 17.22
N GLY D 454 64.92 62.00 17.47
CA GLY D 454 65.62 61.31 18.54
C GLY D 454 65.97 59.87 18.23
N GLU D 455 66.44 59.64 17.01
CA GLU D 455 66.87 58.36 16.61
C GLU D 455 68.19 58.55 15.91
N GLU D 456 68.86 57.46 15.56
CA GLU D 456 70.08 57.55 14.79
C GLU D 456 69.73 58.26 13.50
N LYS D 457 70.60 59.15 13.05
CA LYS D 457 70.41 59.86 11.81
C LYS D 457 70.43 58.86 10.67
N ALA D 458 69.72 59.18 9.60
CA ALA D 458 69.66 58.37 8.42
C ALA D 458 69.25 59.37 7.42
N PRO D 459 69.43 59.02 6.10
CA PRO D 459 69.07 60.05 5.14
C PRO D 459 67.67 60.58 5.27
N PHE D 460 67.52 61.83 4.94
CA PHE D 460 66.23 62.47 4.95
C PHE D 460 65.46 62.87 6.18
N VAL D 461 65.93 62.51 7.32
CA VAL D 461 65.12 62.77 8.50
C VAL D 461 65.25 64.24 8.90
N GLU D 462 66.27 64.94 8.39
CA GLU D 462 66.28 66.39 8.51
C GLU D 462 65.06 67.01 7.82
N VAL D 463 64.52 66.35 6.80
CA VAL D 463 63.32 66.84 6.15
C VAL D 463 62.12 66.76 7.07
N PHE D 464 62.01 65.67 7.85
CA PHE D 464 60.94 65.58 8.83
C PHE D 464 61.07 66.65 9.91
N ASP D 465 62.31 66.93 10.33
CA ASP D 465 62.54 67.99 11.30
C ASP D 465 62.23 69.35 10.71
N LYS D 466 62.61 69.58 9.45
CA LYS D 466 62.28 70.85 8.81
C LYS D 466 60.77 71.03 8.70
N LEU D 467 60.04 69.98 8.32
CA LEU D 467 58.60 70.07 8.17
C LEU D 467 57.93 70.36 9.51
N PHE D 468 58.27 69.57 10.55
CA PHE D 468 57.67 69.78 11.86
C PHE D 468 57.93 71.19 12.36
N ARG D 469 59.19 71.63 12.34
CA ARG D 469 59.50 72.96 12.82
C ARG D 469 58.86 74.02 11.93
N SER D 470 58.66 73.72 10.65
CA SER D 470 57.96 74.64 9.76
C SER D 470 56.49 74.78 10.15
N PHE D 471 55.80 73.64 10.34
CA PHE D 471 54.40 73.70 10.74
C PHE D 471 54.25 74.39 12.09
N VAL D 472 55.19 74.17 13.01
CA VAL D 472 55.12 74.76 14.34
C VAL D 472 55.25 76.29 14.25
N ARG D 473 56.17 76.78 13.42
CA ARG D 473 56.31 78.22 13.26
C ARG D 473 55.08 78.81 12.59
N ARG D 474 54.57 78.13 11.56
CA ARG D 474 53.39 78.64 10.85
C ARG D 474 52.16 78.67 11.74
N ALA D 475 52.08 77.76 12.72
CA ALA D 475 50.90 77.70 13.58
C ALA D 475 50.79 78.91 14.48
N GLN D 476 51.91 79.53 14.85
CA GLN D 476 51.91 80.72 15.69
C GLN D 476 51.73 82.00 14.87
N GLU D 477 51.08 81.88 13.71
CA GLU D 477 50.86 82.94 12.74
C GLU D 477 51.47 84.32 13.03
C1 GLC E . 54.89 47.54 15.79
C2 GLC E . 53.71 47.07 14.98
C3 GLC E . 53.88 47.25 13.48
C4 GLC E . 54.61 48.50 13.05
C5 GLC E . 55.73 48.93 13.96
C6 GLC E . 55.94 50.40 13.73
O1 GLC E . 55.77 46.45 16.03
O2 GLC E . 53.53 45.68 15.26
O3 GLC E . 52.62 47.35 12.89
O4 GLC E . 55.14 48.26 11.76
O5 GLC E . 55.54 48.73 15.33
O6 GLC E . 54.85 51.17 14.23
C1 GLC E . 54.59 49.14 10.78
C2 GLC E . 54.30 48.33 9.52
C3 GLC E . 55.56 47.74 8.91
C4 GLC E . 56.67 48.78 8.77
C5 GLC E . 56.70 49.76 9.95
C6 GLC E . 57.47 51.01 9.57
O2 GLC E . 53.37 47.31 9.82
O3 GLC E . 55.26 47.20 7.65
O4 GLC E . 57.90 48.10 8.73
O5 GLC E . 55.42 50.20 10.36
O6 GLC E . 57.74 51.70 10.76
C1 GLC E . 58.58 48.30 7.47
C2 GLC E . 58.62 46.96 6.72
C3 GLC E . 59.60 45.99 7.38
C4 GLC E . 60.95 46.68 7.45
C5 GLC E . 60.80 47.94 8.28
C6 GLC E . 62.14 48.64 8.43
O2 GLC E . 57.34 46.39 6.65
O3 GLC E . 59.68 44.79 6.65
O4 GLC E . 61.94 45.82 7.98
O5 GLC E . 59.89 48.82 7.65
O6 GLC E . 62.66 48.86 7.14
C1 GLC F . -18.81 -12.21 13.25
C2 GLC F . -20.16 -11.98 12.58
C3 GLC F . -19.99 -11.67 11.08
C4 GLC F . -18.88 -10.63 10.82
C5 GLC F . -17.66 -10.84 11.71
C6 GLC F . -16.82 -9.57 11.69
O1 GLC F . -18.27 -13.44 12.95
O2 GLC F . -21.12 -12.94 12.77
O3 GLC F . -21.20 -11.26 10.49
O4 GLC F . -18.44 -10.77 9.51
O5 GLC F . -17.92 -11.18 13.03
O6 GLC F . -17.45 -8.49 12.23
C1 GLC F . -19.06 -9.94 8.52
C2 GLC F . -19.12 -10.70 7.20
C3 GLC F . -17.74 -10.94 6.62
C4 GLC F . -16.96 -9.64 6.52
C5 GLC F . -17.01 -8.88 7.84
C6 GLC F . -16.42 -7.47 7.72
O2 GLC F . -19.78 -11.93 7.39
O3 GLC F . -17.86 -11.54 5.35
O4 GLC F . -15.62 -9.99 6.19
O5 GLC F . -18.33 -8.73 8.31
O6 GLC F . -16.52 -6.78 8.96
C1 GLC F . -15.15 -9.30 5.01
C2 GLC F . -14.76 -10.36 3.98
C3 GLC F . -13.64 -11.21 4.57
C4 GLC F . -12.45 -10.31 4.87
C5 GLC F . -12.89 -9.16 5.79
C6 GLC F . -11.77 -8.13 6.05
O2 GLC F . -15.86 -11.17 3.59
O3 GLC F . -13.28 -12.26 3.69
O4 GLC F . -11.46 -11.11 5.47
O5 GLC F . -14.03 -8.47 5.29
O6 GLC F . -11.30 -7.56 4.85
C1 GLC F . -10.20 -10.95 4.76
C2 GLC F . -9.67 -12.32 4.35
C3 GLC F . -9.46 -13.19 5.58
C4 GLC F . -8.52 -12.44 6.51
C5 GLC F . -9.04 -11.03 6.82
C6 GLC F . -8.04 -10.25 7.66
O2 GLC F . -10.55 -12.94 3.43
O3 GLC F . -8.93 -14.43 5.18
O4 GLC F . -8.27 -13.16 7.70
O5 GLC F . -9.25 -10.34 5.61
O6 GLC F . -6.86 -10.05 6.92
C1 GLC F . -6.90 -13.61 7.54
C2 GLC F . -6.88 -15.11 7.90
C3 GLC F . -6.76 -15.33 9.39
C4 GLC F . -5.47 -14.65 9.80
C5 GLC F . -5.75 -13.15 9.69
C6 GLC F . -4.55 -12.32 10.16
O2 GLC F . -8.06 -15.72 7.41
O3 GLC F . -6.73 -16.70 9.70
O4 GLC F . -5.08 -15.04 11.10
O5 GLC F . -6.01 -12.81 8.35
O6 GLC F . -4.79 -10.96 9.87
C1 GLC G . -12.61 -20.74 18.95
C2 GLC G . -13.82 -21.03 19.82
C3 GLC G . -15.12 -20.83 19.07
C4 GLC G . -15.19 -19.38 18.55
C5 GLC G . -13.86 -18.98 17.84
C6 GLC G . -13.56 -17.53 17.96
O1 GLC G . -12.26 -21.73 18.00
O2 GLC G . -13.84 -22.31 20.33
O3 GLC G . -16.19 -21.30 19.95
O4 GLC G . -16.16 -19.35 17.53
O5 GLC G . -12.68 -19.44 18.41
O6 GLC G . -13.30 -17.29 19.31
C1 GLC G . -17.14 -18.34 17.50
C2 GLC G . -18.31 -18.83 16.71
C3 GLC G . -17.96 -18.75 15.24
C4 GLC G . -17.50 -17.37 14.77
C5 GLC G . -16.47 -16.85 15.73
C6 GLC G . -16.13 -15.39 15.52
O2 GLC G . -18.55 -20.15 17.11
O3 GLC G . -19.00 -19.23 14.44
O4 GLC G . -16.84 -17.51 13.53
O5 GLC G . -16.89 -17.04 17.05
O6 GLC G . -17.29 -14.65 15.14
C1 GLC G . -17.07 -16.62 12.46
C2 GLC G . -17.62 -17.46 11.35
C3 GLC G . -16.52 -18.36 10.82
C4 GLC G . -15.21 -17.61 10.48
C5 GLC G . -14.88 -16.77 11.68
C6 GLC G . -13.70 -15.86 11.39
O2 GLC G . -18.72 -18.18 11.85
O3 GLC G . -17.04 -18.97 9.71
O4 GLC G . -14.07 -18.44 10.22
O5 GLC G . -15.98 -15.98 11.94
O6 GLC G . -13.33 -15.06 12.49
C1 GLC G . -13.51 -18.38 8.93
C2 GLC G . -13.46 -19.79 8.38
C3 GLC G . -12.36 -20.61 9.05
C4 GLC G . -11.05 -19.81 9.00
C5 GLC G . -11.27 -18.43 9.57
C6 GLC G . -9.94 -17.71 9.68
O2 GLC G . -14.68 -20.42 8.58
O3 GLC G . -12.13 -21.82 8.37
O4 GLC G . -10.02 -20.47 9.68
O5 GLC G . -12.25 -17.74 8.85
O6 GLC G . -10.00 -16.46 9.14
C1 GLC H . -33.30 -70.19 -5.33
C2 GLC H . -34.07 -68.87 -5.18
C3 GLC H . -34.97 -68.78 -3.94
C4 GLC H . -35.77 -70.11 -3.79
C5 GLC H . -35.01 -71.37 -4.19
C6 GLC H . -35.96 -72.54 -4.42
O1 GLC H . -32.22 -70.34 -4.49
O2 GLC H . -33.30 -67.76 -5.37
O3 GLC H . -35.85 -67.70 -4.02
O4 GLC H . -36.19 -70.25 -2.48
O5 GLC H . -34.15 -71.27 -5.26
O6 GLC H . -36.69 -72.35 -5.58
C1 GLC H . -37.45 -69.75 -2.18
C2 GLC H . -37.49 -69.19 -0.77
C3 GLC H . -37.24 -70.35 0.20
C4 GLC H . -38.22 -71.53 -0.08
C5 GLC H . -38.22 -71.90 -1.56
C6 GLC H . -39.29 -72.99 -1.87
O2 GLC H . -36.51 -68.23 -0.65
O3 GLC H . -37.28 -69.94 1.51
O4 GLC H . -37.99 -72.68 0.71
O5 GLC H . -38.39 -70.79 -2.36
O6 GLC H . -39.63 -73.12 -3.19
C1 GLC H . -38.99 -73.07 1.58
C2 GLC H . -38.56 -72.89 3.08
C3 GLC H . -37.34 -73.76 3.27
C4 GLC H . -37.70 -75.22 2.96
C5 GLC H . -38.36 -75.31 1.58
C6 GLC H . -38.76 -76.75 1.36
O2 GLC H . -38.33 -71.58 3.39
O3 GLC H . -36.90 -73.65 4.59
O4 GLC H . -36.58 -76.06 3.10
O5 GLC H . -39.41 -74.40 1.45
O6 GLC H . -39.91 -77.10 2.07
C1 GLC H . -36.74 -77.11 3.98
C2 GLC H . -35.67 -77.14 5.06
C3 GLC H . -34.33 -77.50 4.43
C4 GLC H . -34.42 -78.75 3.58
C5 GLC H . -35.58 -78.66 2.64
C6 GLC H . -35.88 -79.92 1.86
O2 GLC H . -35.72 -75.94 5.78
O3 GLC H . -33.32 -77.61 5.38
O4 GLC H . -33.31 -78.94 2.80
O5 GLC H . -36.70 -78.36 3.42
O6 GLC H . -36.14 -80.98 2.74
C1 GLC H . -32.81 -80.33 2.90
C2 GLC H . -31.59 -80.31 3.74
C3 GLC H . -30.61 -79.47 2.94
C4 GLC H . -30.16 -80.32 1.82
C5 GLC H . -31.35 -80.56 0.93
C6 GLC H . -30.98 -81.54 -0.16
O2 GLC H . -31.88 -79.69 4.90
O3 GLC H . -29.51 -79.07 3.74
O4 GLC H . -29.27 -79.45 1.23
O5 GLC H . -32.42 -81.05 1.73
O6 GLC H . -32.05 -81.81 -1.04
C1 GLC I . -25.69 -70.84 -5.96
C2 GLC I . -25.80 -69.51 -5.29
C3 GLC I . -26.57 -69.52 -3.99
C4 GLC I . -27.85 -70.31 -4.07
C5 GLC I . -27.72 -71.58 -4.85
C6 GLC I . -29.09 -72.12 -5.26
O1 GLC I . -24.71 -71.72 -5.47
O2 GLC I . -24.47 -69.07 -5.25
O3 GLC I . -26.96 -68.26 -3.60
O4 GLC I . -28.24 -70.75 -2.80
O5 GLC I . -26.91 -71.48 -6.01
O6 GLC I . -29.99 -71.04 -5.54
C1 GLC I . -29.43 -70.24 -2.32
C2 GLC I . -29.23 -69.30 -1.14
C3 GLC I . -28.64 -70.05 0.04
C4 GLC I . -29.33 -71.39 0.30
C5 GLC I . -29.60 -72.15 -1.00
C6 GLC I . -30.44 -73.41 -0.76
O2 GLC I . -28.39 -68.23 -1.52
O3 GLC I . -28.75 -69.24 1.19
O4 GLC I . -28.53 -72.19 1.13
O5 GLC I . -30.26 -71.31 -1.92
O6 GLC I . -30.49 -74.17 -1.93
C1 GLC I . -29.20 -72.41 2.39
C2 GLC I . -28.18 -72.15 3.50
C3 GLC I . -27.09 -73.20 3.47
C4 GLC I . -27.70 -74.60 3.47
C5 GLC I . -28.67 -74.70 2.30
C6 GLC I . -29.30 -76.10 2.22
O2 GLC I . -27.61 -70.89 3.29
O3 GLC I . -26.23 -73.04 4.57
O4 GLC I . -26.68 -75.58 3.38
O5 GLC I . -29.68 -73.74 2.47
O6 GLC I . -29.78 -76.44 3.49
C1 GLC J . 10.10 20.19 -16.72
C2 GLC J . 9.18 21.39 -16.59
C3 GLC J . 8.58 21.52 -15.22
C4 GLC J . 7.94 20.16 -14.76
C5 GLC J . 8.80 18.94 -15.13
C6 GLC J . 7.93 17.67 -15.15
O1 GLC J . 11.21 20.47 -15.98
O2 GLC J . 9.86 22.55 -16.94
O3 GLC J . 7.67 22.57 -15.13
O4 GLC J . 7.82 20.18 -13.39
O5 GLC J . 9.52 19.02 -16.31
O6 GLC J . 7.09 17.69 -16.22
C1 GLC J . 6.54 20.55 -12.90
C2 GLC J . 6.73 21.20 -11.53
C3 GLC J . 7.28 20.19 -10.52
C4 GLC J . 6.38 18.96 -10.48
C5 GLC J . 6.12 18.43 -11.89
C6 GLC J . 5.08 17.31 -11.90
O2 GLC J . 7.62 22.30 -11.65
O3 GLC J . 7.36 20.81 -9.24
O4 GLC J . 6.99 17.96 -9.70
O5 GLC J . 5.66 19.44 -12.76
O6 GLC J . 4.97 16.81 -13.21
C1 GLC J . 6.17 17.61 -8.55
C2 GLC J . 6.92 17.95 -7.27
C3 GLC J . 8.23 17.18 -7.22
C4 GLC J . 7.91 15.69 -7.30
C5 GLC J . 7.06 15.42 -8.54
C6 GLC J . 6.64 13.96 -8.67
O2 GLC J . 7.12 19.34 -7.14
O3 GLC J . 8.93 17.44 -6.02
O4 GLC J . 9.13 14.98 -7.32
O5 GLC J . 5.89 16.24 -8.54
O6 GLC J . 5.95 13.55 -7.50
C1 GLC J . 9.15 13.97 -6.30
C2 GLC J . 10.32 14.23 -5.37
C3 GLC J . 11.62 14.16 -6.17
C4 GLC J . 11.67 12.85 -6.96
C5 GLC J . 10.38 12.68 -7.78
C6 GLC J . 10.30 11.41 -8.60
O2 GLC J . 10.18 15.48 -4.74
O3 GLC J . 12.71 14.28 -5.29
O4 GLC J . 12.84 12.80 -7.77
O5 GLC J . 9.30 12.70 -6.88
O6 GLC J . 9.92 10.33 -7.79
C1 GLC J . 13.35 11.47 -7.68
C2 GLC J . 14.21 11.60 -6.48
C3 GLC J . 14.92 12.91 -6.64
C4 GLC J . 15.63 13.09 -8.00
C5 GLC J . 15.00 12.28 -9.10
C6 GLC J . 16.07 11.74 -10.00
O2 GLC J . 13.47 11.74 -5.28
O3 GLC J . 15.80 12.85 -5.49
O4 GLC J . 15.38 14.39 -8.46
O5 GLC J . 14.35 11.14 -8.59
O6 GLC J . 15.58 10.82 -10.94
C1 GLC K . 53.24 53.74 11.88
C2 GLC K . 52.02 54.16 11.08
C3 GLC K . 52.38 54.51 9.65
C4 GLC K . 53.56 55.51 9.66
C5 GLC K . 54.64 55.23 10.74
C6 GLC K . 55.57 56.43 11.00
O1 GLC K . 53.78 52.51 11.45
O2 GLC K . 51.01 53.23 11.17
O3 GLC K . 51.25 55.06 9.01
O4 GLC K . 54.13 55.50 8.37
O5 GLC K . 54.17 54.75 11.95
O6 GLC K . 54.87 57.45 11.63
C1 GLC K . 53.72 56.48 7.45
C2 GLC K . 53.77 55.91 6.04
C3 GLC K . 55.19 55.54 5.64
C4 GLC K . 56.12 56.73 5.85
C5 GLC K . 55.93 57.34 7.24
C6 GLC K . 56.74 58.62 7.43
O2 GLC K . 52.91 54.79 5.91
O3 GLC K . 55.22 55.12 4.28
O4 GLC K . 57.47 56.31 5.65
O5 GLC K . 54.56 57.62 7.49
O6 GLC K . 56.42 59.22 8.66
C1 GLC K . 58.07 57.07 4.58
C2 GLC K . 58.51 56.12 3.47
C3 GLC K . 59.60 55.18 3.98
C4 GLC K . 60.76 55.99 4.58
C5 GLC K . 60.23 56.98 5.60
C6 GLC K . 61.32 57.91 6.14
O2 GLC K . 57.41 55.39 2.98
O3 GLC K . 60.06 54.37 2.93
O4 GLC K . 61.65 55.09 5.19
O5 GLC K . 59.20 57.79 5.03
O6 GLC K . 62.02 58.50 5.06
C1 GLC K . 62.94 55.32 4.74
C2 GLC K . 63.36 54.13 3.87
C3 GLC K . 63.45 52.96 4.78
C4 GLC K . 64.45 53.22 5.79
C5 GLC K . 63.88 54.27 6.65
C6 GLC K . 64.76 54.34 7.86
O2 GLC K . 62.42 53.72 2.96
O3 GLC K . 63.89 51.82 4.14
O4 GLC K . 64.53 52.06 6.44
O5 GLC K . 63.87 55.41 5.80
O6 GLC K . 65.29 55.62 7.72
C1 GLC K . 65.95 51.90 6.36
C2 GLC K . 66.41 50.97 5.19
C3 GLC K . 65.69 49.64 5.22
C4 GLC K . 65.71 49.09 6.67
C5 GLC K . 65.30 50.20 7.68
C6 GLC K . 65.30 49.96 9.18
O2 GLC K . 66.35 51.50 3.83
O3 GLC K . 66.26 48.74 4.26
O4 GLC K . 64.98 47.85 6.79
O5 GLC K . 66.21 51.27 7.60
O6 GLC K . 65.92 51.14 9.70
C1 GOL L . -33.42 -61.75 11.40
O1 GOL L . -33.28 -60.48 11.86
C2 GOL L . -32.39 -62.02 10.27
O2 GOL L . -32.91 -61.85 8.98
C3 GOL L . -31.27 -61.04 10.56
O3 GOL L . -30.09 -61.72 10.32
#